data_5BCA
#
_entry.id   5BCA
#
_cell.length_a   177.900
_cell.length_b   112.900
_cell.length_c   146.200
_cell.angle_alpha   90.00
_cell.angle_beta   105.80
_cell.angle_gamma   90.00
#
_symmetry.space_group_name_H-M   'C 1 2 1'
#
loop_
_entity.id
_entity.type
_entity.pdbx_description
1 polymer 'PROTEIN (1,4-ALPHA-D-GLUCAN MALTOHYDROLASE.)'
2 non-polymer 'CALCIUM ION'
3 water water
#
_entity_poly.entity_id   1
_entity_poly.type   'polypeptide(L)'
_entity_poly.pdbx_seq_one_letter_code
;AVNGKGMNPDYKAYLMAPLKKIPEVTNWETFENDLRWAKQNGFYAITVDFWWGDMEKNGDQQFDFSYAQRFAQSVKNAGM
KMIPIISTHQCGGNVGDDCNVPIPSWVWNQKSDDSLYFKSETGTVNKETLNPLASDVIRKEYGELYTAFAAAMKPYKDVI
AKIYLSGGPAGELRYPSYTTSDGTGYPSRGKFQAYTEFAKSKFRLWVLNKYGSLNEVNKAWGTKLISELAILPPSDGEQF
LMNGYLSMYGKDYLEWYQGILENHTKLIGELAHNAFDTTFQVPIGAKIAGVHWQYNNPTIPHGAEKPAGYNDYSHLLDAF
KSAKLDVTFTCLEMTDKGSYPEYSMPKTLVQNIATLANEKGIVLNGENALSIGNEEEYKRVAEMAFNYNFAGFTLLRYQD
VMYNNSLMGKFKDLLGVTPVMQTIVVKNVPTTIGDTVYITGNRAELGSWDTKQYPIQLYYDSHSNDWRGNVVLPAERNIE
FKAFIKSKDGTVKSWQTIQQSWNPVPLKTTSHTSSW
;
_entity_poly.pdbx_strand_id   A,B,C,D
#
# COMPACT_ATOMS: atom_id res chain seq x y z
N ALA A 1 10.72 -3.04 29.80
CA ALA A 1 11.06 -4.37 30.34
C ALA A 1 10.10 -4.79 31.45
N VAL A 2 10.09 -6.11 31.62
CA VAL A 2 9.24 -6.75 32.62
C VAL A 2 9.54 -6.25 34.00
N ASN A 3 8.54 -6.15 34.87
CA ASN A 3 8.72 -5.59 36.20
C ASN A 3 9.06 -4.11 36.32
N GLY A 4 8.66 -3.25 35.38
CA GLY A 4 8.88 -1.83 35.46
C GLY A 4 10.27 -1.26 35.29
N LYS A 5 11.23 -2.07 34.82
CA LYS A 5 12.53 -1.43 34.58
C LYS A 5 12.80 -1.41 33.07
N GLY A 6 13.97 -0.81 32.86
CA GLY A 6 14.60 -0.66 31.55
C GLY A 6 15.59 -1.79 31.21
N MET A 7 16.23 -1.77 30.08
CA MET A 7 17.23 -2.66 29.56
C MET A 7 18.43 -2.80 30.51
N ASN A 8 19.11 -3.91 30.47
CA ASN A 8 20.30 -4.19 31.26
C ASN A 8 21.42 -3.23 30.87
N PRO A 9 21.87 -2.43 31.80
CA PRO A 9 22.87 -1.46 31.53
C PRO A 9 24.20 -2.09 31.17
N ASP A 10 24.37 -3.40 31.27
CA ASP A 10 25.63 -4.01 30.93
C ASP A 10 25.52 -4.62 29.55
N TYR A 11 24.39 -4.47 28.89
CA TYR A 11 24.19 -5.12 27.61
C TYR A 11 25.34 -4.85 26.64
N LYS A 12 25.71 -5.88 25.91
CA LYS A 12 26.84 -5.78 24.98
C LYS A 12 26.48 -6.77 23.91
N ALA A 13 26.94 -6.62 22.72
CA ALA A 13 26.63 -7.49 21.59
C ALA A 13 27.85 -8.24 21.07
N TYR A 14 27.65 -9.44 20.55
CA TYR A 14 28.83 -10.21 20.15
C TYR A 14 28.56 -10.89 18.86
N LEU A 15 29.60 -11.19 18.13
CA LEU A 15 29.50 -11.84 16.82
C LEU A 15 30.22 -13.19 16.90
N MET A 16 29.59 -14.20 16.33
CA MET A 16 30.12 -15.54 16.34
C MET A 16 31.03 -15.68 15.14
N ALA A 17 32.20 -16.32 15.32
CA ALA A 17 33.09 -16.47 14.18
C ALA A 17 32.62 -17.58 13.27
N PRO A 18 33.18 -17.70 12.09
CA PRO A 18 32.89 -18.80 11.21
C PRO A 18 33.32 -20.13 11.86
N LEU A 19 32.91 -21.25 11.23
CA LEU A 19 33.24 -22.57 11.75
C LEU A 19 34.61 -22.98 11.20
N LYS A 20 34.87 -22.60 9.97
CA LYS A 20 36.23 -22.90 9.45
C LYS A 20 37.21 -21.94 10.10
N LYS A 21 38.48 -22.27 10.02
CA LYS A 21 39.53 -21.37 10.51
C LYS A 21 39.64 -20.13 9.61
N ILE A 22 40.07 -19.00 10.12
CA ILE A 22 40.16 -17.79 9.33
C ILE A 22 40.96 -17.93 8.04
N PRO A 23 42.14 -18.50 8.12
CA PRO A 23 42.95 -18.71 6.93
C PRO A 23 42.23 -19.59 5.95
N GLU A 24 41.20 -20.32 6.35
CA GLU A 24 40.48 -21.13 5.35
C GLU A 24 39.49 -20.20 4.65
N VAL A 25 39.07 -19.18 5.39
CA VAL A 25 38.01 -18.28 4.94
C VAL A 25 38.44 -16.97 4.32
N THR A 26 39.45 -16.30 4.83
CA THR A 26 39.98 -15.05 4.29
C THR A 26 41.49 -15.07 4.61
N ASN A 27 42.04 -14.00 5.11
CA ASN A 27 43.44 -13.94 5.50
C ASN A 27 43.49 -13.08 6.73
N TRP A 28 44.51 -13.21 7.55
CA TRP A 28 44.51 -12.40 8.78
C TRP A 28 44.26 -10.93 8.53
N GLU A 29 44.78 -10.38 7.43
CA GLU A 29 44.73 -8.93 7.28
C GLU A 29 43.29 -8.51 6.96
N THR A 30 42.58 -9.26 6.19
CA THR A 30 41.19 -8.89 5.90
C THR A 30 40.37 -9.08 7.16
N PHE A 31 40.73 -10.02 8.03
CA PHE A 31 39.98 -10.27 9.25
C PHE A 31 40.01 -9.07 10.19
N GLU A 32 41.25 -8.55 10.25
CA GLU A 32 41.45 -7.38 11.08
C GLU A 32 40.57 -6.23 10.57
N ASN A 33 40.38 -6.14 9.27
CA ASN A 33 39.53 -5.01 8.83
C ASN A 33 38.05 -5.35 9.18
N ASP A 34 37.64 -6.59 8.88
CA ASP A 34 36.30 -7.05 9.24
C ASP A 34 36.03 -6.84 10.72
N LEU A 35 37.00 -7.08 11.61
CA LEU A 35 36.72 -6.84 13.02
C LEU A 35 36.50 -5.38 13.32
N ARG A 36 37.35 -4.55 12.72
CA ARG A 36 37.25 -3.09 12.85
C ARG A 36 35.84 -2.62 12.38
N TRP A 37 35.34 -3.15 11.24
CA TRP A 37 34.01 -2.78 10.77
C TRP A 37 32.94 -3.21 11.80
N ALA A 38 32.97 -4.50 12.14
CA ALA A 38 32.08 -5.06 13.17
C ALA A 38 32.03 -4.19 14.43
N LYS A 39 33.14 -3.67 14.86
CA LYS A 39 33.23 -2.78 16.03
C LYS A 39 32.54 -1.43 15.80
N GLN A 40 32.58 -0.98 14.56
CA GLN A 40 31.89 0.24 14.10
C GLN A 40 30.36 0.11 14.29
N ASN A 41 29.94 -1.12 14.19
CA ASN A 41 28.56 -1.53 14.23
C ASN A 41 28.12 -1.98 15.60
N GLY A 42 28.78 -1.57 16.68
CA GLY A 42 28.35 -1.89 18.00
C GLY A 42 28.79 -3.28 18.45
N PHE A 43 29.50 -4.09 17.64
CA PHE A 43 29.91 -5.39 18.23
C PHE A 43 31.13 -5.17 19.12
N TYR A 44 31.12 -5.78 20.28
CA TYR A 44 32.15 -5.68 21.29
C TYR A 44 33.15 -6.83 21.23
N ALA A 45 32.73 -8.01 20.81
CA ALA A 45 33.69 -9.14 20.84
C ALA A 45 33.33 -10.16 19.79
N ILE A 46 34.28 -10.95 19.38
CA ILE A 46 34.10 -12.05 18.45
C ILE A 46 34.16 -13.33 19.29
N THR A 47 33.15 -14.17 19.30
CA THR A 47 33.11 -15.40 20.08
C THR A 47 33.62 -16.47 19.14
N VAL A 48 34.50 -17.36 19.56
CA VAL A 48 35.04 -18.31 18.60
C VAL A 48 35.28 -19.65 19.28
N ASP A 49 34.99 -20.75 18.67
CA ASP A 49 35.29 -22.10 19.09
C ASP A 49 36.78 -22.43 18.88
N PHE A 50 37.44 -22.92 19.94
CA PHE A 50 38.77 -23.53 19.64
C PHE A 50 38.63 -25.02 19.80
N TRP A 51 38.65 -25.85 18.75
CA TRP A 51 38.39 -27.29 18.92
C TRP A 51 39.45 -28.12 19.66
N TRP A 52 38.97 -28.89 20.63
CA TRP A 52 39.71 -29.87 21.38
C TRP A 52 40.43 -30.77 20.37
N GLY A 53 39.76 -31.19 19.31
CA GLY A 53 40.38 -32.00 18.28
C GLY A 53 41.56 -31.32 17.57
N ASP A 54 41.73 -30.01 17.64
CA ASP A 54 42.81 -29.34 16.99
C ASP A 54 43.91 -29.14 18.06
N MET A 55 43.48 -28.81 19.29
CA MET A 55 44.44 -28.45 20.32
C MET A 55 45.22 -29.59 21.00
N GLU A 56 44.70 -30.82 20.88
CA GLU A 56 45.31 -31.93 21.56
C GLU A 56 45.18 -33.15 20.67
N LYS A 57 45.32 -32.93 19.39
CA LYS A 57 45.16 -33.94 18.39
C LYS A 57 46.05 -35.17 18.52
N ASN A 58 47.38 -35.07 18.50
CA ASN A 58 48.13 -36.32 18.42
C ASN A 58 48.23 -37.13 19.69
N GLY A 59 47.98 -36.64 20.89
CA GLY A 59 47.96 -37.52 22.03
C GLY A 59 47.94 -36.71 23.30
N ASP A 60 47.90 -37.44 24.41
CA ASP A 60 47.78 -36.81 25.70
C ASP A 60 48.88 -35.80 25.97
N GLN A 61 48.51 -34.55 26.26
CA GLN A 61 49.38 -33.46 26.61
C GLN A 61 50.21 -32.99 25.44
N GLN A 62 49.92 -33.34 24.20
CA GLN A 62 50.63 -32.88 23.04
C GLN A 62 49.77 -31.75 22.39
N PHE A 63 49.86 -30.62 23.06
CA PHE A 63 49.11 -29.42 22.81
C PHE A 63 49.63 -28.59 21.67
N ASP A 64 48.75 -27.79 21.10
CA ASP A 64 49.05 -26.96 19.94
C ASP A 64 48.06 -25.80 20.00
N PHE A 65 48.46 -24.76 20.70
CA PHE A 65 47.69 -23.58 20.90
C PHE A 65 48.09 -22.53 19.85
N SER A 66 48.71 -23.00 18.78
CA SER A 66 49.29 -21.96 17.91
C SER A 66 48.21 -21.23 17.14
N TYR A 67 47.14 -21.89 16.76
CA TYR A 67 46.07 -21.23 15.99
C TYR A 67 45.36 -20.24 16.90
N ALA A 68 45.18 -20.64 18.15
CA ALA A 68 44.49 -19.79 19.12
C ALA A 68 45.24 -18.53 19.44
N GLN A 69 46.55 -18.59 19.68
CA GLN A 69 47.43 -17.47 19.96
C GLN A 69 47.48 -16.52 18.79
N ARG A 70 47.54 -17.04 17.55
CA ARG A 70 47.57 -16.21 16.36
C ARG A 70 46.26 -15.40 16.24
N PHE A 71 45.12 -16.10 16.27
CA PHE A 71 43.78 -15.54 16.27
C PHE A 71 43.73 -14.43 17.34
N ALA A 72 44.15 -14.61 18.58
CA ALA A 72 44.11 -13.48 19.51
C ALA A 72 44.96 -12.30 19.07
N GLN A 73 46.19 -12.51 18.58
CA GLN A 73 47.05 -11.35 18.25
C GLN A 73 46.31 -10.51 17.20
N SER A 74 45.58 -11.11 16.25
CA SER A 74 44.84 -10.30 15.27
C SER A 74 43.68 -9.56 15.94
N VAL A 75 42.97 -10.27 16.83
CA VAL A 75 41.92 -9.62 17.61
C VAL A 75 42.58 -8.40 18.22
N LYS A 76 43.77 -8.57 18.79
CA LYS A 76 44.47 -7.48 19.44
C LYS A 76 44.95 -6.44 18.39
N ASN A 77 45.32 -6.84 17.21
CA ASN A 77 45.65 -5.89 16.15
C ASN A 77 44.44 -5.00 15.82
N ALA A 78 43.23 -5.53 15.86
CA ALA A 78 42.04 -4.79 15.43
C ALA A 78 41.42 -3.98 16.55
N GLY A 79 41.92 -4.01 17.79
CA GLY A 79 41.34 -3.22 18.85
C GLY A 79 40.03 -3.80 19.41
N MET A 80 39.76 -5.06 19.14
CA MET A 80 38.62 -5.82 19.64
C MET A 80 38.92 -6.70 20.86
N LYS A 81 37.93 -7.45 21.33
CA LYS A 81 38.04 -8.42 22.43
C LYS A 81 37.53 -9.73 21.88
N MET A 82 37.74 -10.85 22.55
CA MET A 82 37.23 -12.12 21.99
C MET A 82 36.66 -12.97 23.11
N ILE A 83 35.78 -13.89 22.82
CA ILE A 83 35.26 -14.82 23.85
C ILE A 83 35.55 -16.20 23.28
N PRO A 84 36.52 -16.91 23.82
CA PRO A 84 36.82 -18.24 23.34
C PRO A 84 35.82 -19.24 23.94
N ILE A 85 35.52 -20.26 23.17
CA ILE A 85 34.73 -21.40 23.64
C ILE A 85 35.69 -22.59 23.62
N ILE A 86 35.95 -23.25 24.71
CA ILE A 86 36.70 -24.51 24.69
C ILE A 86 35.74 -25.63 24.29
N SER A 87 35.77 -25.87 22.99
CA SER A 87 34.97 -26.85 22.35
C SER A 87 35.56 -28.26 22.36
N THR A 88 35.19 -28.82 23.52
CA THR A 88 35.38 -30.23 23.82
C THR A 88 34.35 -31.09 23.15
N HIS A 89 33.71 -30.62 22.08
CA HIS A 89 32.76 -31.50 21.37
C HIS A 89 33.13 -31.57 19.89
N GLN A 90 32.50 -32.41 19.12
CA GLN A 90 32.80 -32.54 17.69
C GLN A 90 32.17 -31.45 16.82
N CYS A 91 32.90 -30.96 15.86
CA CYS A 91 32.41 -29.98 14.90
C CYS A 91 32.01 -30.73 13.63
N GLY A 92 30.78 -30.54 13.20
CA GLY A 92 30.23 -31.12 12.01
C GLY A 92 30.38 -32.63 11.96
N GLY A 93 30.64 -33.17 10.79
CA GLY A 93 30.82 -34.59 10.59
C GLY A 93 29.82 -35.25 9.64
N ASN A 94 28.89 -34.49 9.07
CA ASN A 94 27.91 -35.02 8.13
C ASN A 94 27.98 -34.05 6.93
N VAL A 95 28.21 -34.53 5.70
CA VAL A 95 28.47 -33.53 4.69
C VAL A 95 27.30 -32.57 4.53
N GLY A 96 27.76 -31.39 4.12
CA GLY A 96 26.87 -30.21 4.09
C GLY A 96 27.40 -29.38 5.28
N ASP A 97 28.07 -30.11 6.19
CA ASP A 97 28.66 -29.47 7.36
C ASP A 97 29.89 -28.69 6.92
N ASP A 98 30.21 -27.60 7.57
CA ASP A 98 31.35 -26.77 7.24
C ASP A 98 32.66 -27.24 7.87
N CYS A 99 32.51 -28.09 8.88
CA CYS A 99 33.69 -28.62 9.57
C CYS A 99 33.50 -30.12 9.75
N ASN A 100 34.59 -30.68 10.25
CA ASN A 100 34.73 -32.08 10.61
C ASN A 100 35.97 -32.09 11.53
N VAL A 101 35.77 -31.90 12.81
CA VAL A 101 36.80 -31.92 13.81
C VAL A 101 36.26 -32.73 15.00
N PRO A 102 36.33 -34.05 14.84
CA PRO A 102 35.94 -34.99 15.88
C PRO A 102 36.75 -34.81 17.14
N ILE A 103 36.43 -35.35 18.31
CA ILE A 103 37.37 -35.10 19.43
C ILE A 103 38.61 -35.96 19.23
N PRO A 104 39.69 -35.75 19.96
CA PRO A 104 40.93 -36.51 19.76
C PRO A 104 40.69 -38.00 19.80
N SER A 105 40.99 -38.70 18.73
CA SER A 105 40.76 -40.11 18.59
C SER A 105 41.37 -40.98 19.66
N TRP A 106 42.43 -40.63 20.36
CA TRP A 106 43.06 -41.44 21.38
C TRP A 106 42.31 -41.46 22.71
N VAL A 107 41.43 -40.47 22.91
CA VAL A 107 40.70 -40.38 24.20
C VAL A 107 39.85 -41.63 24.42
N TRP A 108 39.36 -42.22 23.34
CA TRP A 108 38.52 -43.40 23.47
C TRP A 108 39.28 -44.58 24.09
N ASN A 109 40.56 -44.77 23.72
CA ASN A 109 41.31 -45.88 24.25
C ASN A 109 41.56 -45.71 25.73
N GLN A 110 41.20 -44.61 26.33
CA GLN A 110 41.37 -44.48 27.78
C GLN A 110 40.52 -45.48 28.55
N LYS A 111 39.54 -46.12 27.94
CA LYS A 111 38.66 -47.04 28.66
C LYS A 111 38.35 -48.23 27.77
N SER A 112 38.09 -49.38 28.40
CA SER A 112 37.75 -50.52 27.54
C SER A 112 36.30 -50.93 27.75
N ASP A 113 35.58 -50.14 28.52
CA ASP A 113 34.14 -50.36 28.68
C ASP A 113 33.37 -49.36 27.80
N ASP A 114 32.05 -49.19 27.95
CA ASP A 114 31.35 -48.32 26.99
C ASP A 114 30.85 -47.06 27.71
N SER A 115 31.64 -46.70 28.71
CA SER A 115 31.33 -45.59 29.55
C SER A 115 31.64 -44.22 28.95
N LEU A 116 32.33 -44.18 27.81
CA LEU A 116 32.71 -42.79 27.37
C LEU A 116 31.72 -42.30 26.32
N TYR A 117 30.89 -43.21 25.76
CA TYR A 117 29.92 -42.71 24.75
C TYR A 117 28.50 -42.94 25.24
N PHE A 118 27.58 -42.57 24.37
CA PHE A 118 26.13 -42.61 24.55
C PHE A 118 25.55 -43.70 23.63
N LYS A 119 24.47 -44.30 24.11
CA LYS A 119 23.68 -45.24 23.28
C LYS A 119 22.21 -44.96 23.52
N SER A 120 21.37 -44.89 22.52
CA SER A 120 19.96 -44.59 22.67
C SER A 120 19.10 -45.82 22.96
N GLU A 121 17.80 -45.54 23.09
CA GLU A 121 16.84 -46.61 23.35
C GLU A 121 16.96 -47.65 22.26
N THR A 122 17.27 -47.25 21.02
CA THR A 122 17.32 -48.25 19.97
C THR A 122 18.75 -48.62 19.65
N GLY A 123 19.68 -48.32 20.55
CA GLY A 123 21.07 -48.67 20.35
C GLY A 123 21.96 -47.80 19.50
N THR A 124 21.52 -46.63 19.07
CA THR A 124 22.39 -45.76 18.30
C THR A 124 23.55 -45.26 19.16
N VAL A 125 24.75 -45.33 18.61
CA VAL A 125 25.91 -44.88 19.43
C VAL A 125 26.21 -43.42 19.08
N ASN A 126 26.52 -42.60 20.05
CA ASN A 126 26.91 -41.22 19.78
C ASN A 126 28.32 -40.97 20.36
N LYS A 127 29.22 -40.35 19.61
CA LYS A 127 30.53 -40.05 20.18
C LYS A 127 30.87 -38.60 19.81
N GLU A 128 29.92 -37.67 19.98
CA GLU A 128 30.31 -36.32 19.61
C GLU A 128 30.91 -35.58 20.77
N THR A 129 30.86 -36.19 21.94
CA THR A 129 31.33 -35.51 23.14
C THR A 129 31.47 -36.61 24.17
N LEU A 130 32.13 -36.37 25.27
CA LEU A 130 32.31 -37.42 26.25
C LEU A 130 31.06 -37.48 27.13
N ASN A 131 30.67 -38.69 27.48
CA ASN A 131 29.52 -38.92 28.37
C ASN A 131 29.84 -38.33 29.72
N PRO A 132 29.02 -37.43 30.21
CA PRO A 132 29.27 -36.78 31.51
C PRO A 132 29.28 -37.83 32.56
N LEU A 133 28.88 -39.07 32.26
CA LEU A 133 29.02 -40.15 33.26
C LEU A 133 30.47 -40.48 33.67
N ALA A 134 31.37 -40.38 32.73
CA ALA A 134 32.79 -40.72 33.00
C ALA A 134 33.53 -39.50 33.54
N SER A 135 33.27 -39.16 34.78
CA SER A 135 33.78 -37.93 35.36
C SER A 135 35.23 -37.99 35.78
N ASP A 136 35.83 -39.15 35.94
CA ASP A 136 37.25 -39.28 36.21
C ASP A 136 37.99 -38.85 34.94
N VAL A 137 37.59 -39.36 33.79
CA VAL A 137 38.20 -39.01 32.51
C VAL A 137 37.92 -37.56 32.18
N ILE A 138 36.77 -37.04 32.60
CA ILE A 138 36.49 -35.63 32.42
C ILE A 138 37.37 -34.74 33.27
N ARG A 139 37.40 -35.04 34.53
CA ARG A 139 38.17 -34.17 35.44
C ARG A 139 39.65 -34.14 35.03
N LYS A 140 40.24 -35.24 34.60
CA LYS A 140 41.62 -35.22 34.13
C LYS A 140 41.79 -34.41 32.83
N GLU A 141 41.17 -34.88 31.74
CA GLU A 141 41.29 -34.27 30.44
C GLU A 141 40.84 -32.85 30.27
N TYR A 142 39.78 -32.45 30.97
CA TYR A 142 39.34 -31.06 30.83
C TYR A 142 40.15 -30.27 31.83
N GLY A 143 40.46 -30.84 33.00
CA GLY A 143 41.28 -29.97 33.91
C GLY A 143 42.62 -29.67 33.16
N GLU A 144 43.24 -30.66 32.52
CA GLU A 144 44.51 -30.45 31.83
C GLU A 144 44.39 -29.46 30.67
N LEU A 145 43.31 -29.61 29.92
CA LEU A 145 43.09 -28.79 28.72
C LEU A 145 42.79 -27.36 29.13
N TYR A 146 41.97 -27.19 30.16
CA TYR A 146 41.68 -25.88 30.69
C TYR A 146 42.97 -25.19 31.13
N THR A 147 43.71 -25.84 31.99
CA THR A 147 44.91 -25.28 32.59
C THR A 147 45.98 -24.98 31.53
N ALA A 148 46.13 -25.79 30.50
CA ALA A 148 47.14 -25.46 29.49
C ALA A 148 46.71 -24.24 28.70
N PHE A 149 45.39 -24.17 28.42
CA PHE A 149 44.82 -23.08 27.64
C PHE A 149 45.10 -21.79 28.37
N ALA A 150 44.82 -21.81 29.66
CA ALA A 150 45.05 -20.62 30.48
C ALA A 150 46.55 -20.20 30.37
N ALA A 151 47.47 -21.12 30.08
CA ALA A 151 48.88 -20.83 30.08
C ALA A 151 49.16 -20.26 28.71
N ALA A 152 48.66 -20.93 27.64
CA ALA A 152 48.91 -20.34 26.34
C ALA A 152 48.25 -18.98 26.12
N MET A 153 47.09 -18.68 26.68
CA MET A 153 46.43 -17.40 26.58
C MET A 153 46.85 -16.32 27.55
N LYS A 154 47.62 -16.57 28.56
CA LYS A 154 48.04 -15.52 29.48
C LYS A 154 48.59 -14.24 28.88
N PRO A 155 49.43 -14.31 27.89
CA PRO A 155 49.99 -13.10 27.28
C PRO A 155 48.90 -12.23 26.65
N TYR A 156 47.73 -12.80 26.38
CA TYR A 156 46.63 -12.06 25.79
C TYR A 156 45.52 -11.77 26.81
N LYS A 157 45.76 -11.89 28.11
CA LYS A 157 44.57 -11.74 28.96
C LYS A 157 43.80 -10.44 28.62
N ASP A 158 44.52 -9.45 28.11
CA ASP A 158 43.90 -8.15 27.98
C ASP A 158 42.86 -8.11 26.87
N VAL A 159 42.71 -9.07 25.96
CA VAL A 159 41.67 -9.01 24.98
C VAL A 159 40.54 -10.05 25.21
N ILE A 160 40.65 -10.73 26.34
CA ILE A 160 39.72 -11.78 26.70
C ILE A 160 38.64 -11.25 27.60
N ALA A 161 37.44 -11.33 26.99
CA ALA A 161 36.32 -10.72 27.73
C ALA A 161 35.56 -11.75 28.53
N LYS A 162 35.55 -13.01 28.20
CA LYS A 162 34.83 -14.03 28.99
C LYS A 162 35.29 -15.37 28.43
N ILE A 163 35.05 -16.46 29.15
CA ILE A 163 35.39 -17.75 28.53
C ILE A 163 34.18 -18.65 28.40
N TYR A 164 33.92 -19.37 27.33
CA TYR A 164 32.77 -20.27 27.37
C TYR A 164 33.28 -21.70 27.53
N LEU A 165 32.48 -22.52 28.18
CA LEU A 165 32.79 -23.94 28.25
C LEU A 165 31.79 -24.72 27.42
N SER A 166 32.18 -25.90 26.94
CA SER A 166 31.24 -26.73 26.18
C SER A 166 30.66 -27.78 27.12
N GLY A 167 29.36 -27.76 27.41
CA GLY A 167 28.79 -28.77 28.33
C GLY A 167 28.28 -30.05 27.71
N GLY A 168 28.46 -30.20 26.39
CA GLY A 168 27.88 -31.35 25.74
C GLY A 168 27.92 -31.07 24.26
N PRO A 169 27.15 -31.81 23.48
CA PRO A 169 27.15 -31.66 22.05
C PRO A 169 26.73 -30.30 21.51
N ALA A 170 27.37 -29.91 20.39
CA ALA A 170 27.17 -28.63 19.73
C ALA A 170 27.51 -27.54 20.75
N GLY A 171 28.27 -27.81 21.79
CA GLY A 171 28.56 -26.87 22.84
C GLY A 171 27.42 -26.59 23.82
N GLU A 172 26.39 -27.45 23.83
CA GLU A 172 25.29 -27.24 24.79
C GLU A 172 25.27 -28.24 25.93
N LEU A 173 24.82 -27.90 27.14
CA LEU A 173 24.70 -28.84 28.22
C LEU A 173 23.41 -29.70 28.05
N ARG A 174 23.55 -30.90 27.48
CA ARG A 174 22.50 -31.82 27.19
C ARG A 174 23.02 -33.23 26.82
N TYR A 175 22.12 -34.11 26.51
CA TYR A 175 22.31 -35.41 25.84
C TYR A 175 22.09 -35.30 24.33
N PRO A 176 22.76 -36.13 23.55
CA PRO A 176 22.62 -36.13 22.10
C PRO A 176 21.33 -36.85 21.73
N SER A 177 20.21 -36.31 22.30
CA SER A 177 18.91 -36.93 21.99
C SER A 177 18.22 -36.56 20.70
N TYR A 178 18.76 -35.66 19.86
CA TYR A 178 18.04 -35.38 18.63
C TYR A 178 19.01 -35.45 17.47
N THR A 179 19.12 -36.55 16.81
CA THR A 179 20.06 -36.76 15.74
C THR A 179 19.31 -37.47 14.60
N THR A 180 19.86 -37.27 13.42
CA THR A 180 19.33 -37.85 12.19
C THR A 180 19.55 -39.36 12.15
N SER A 181 20.63 -39.82 12.75
CA SER A 181 20.92 -41.24 12.82
C SER A 181 19.94 -41.93 13.74
N ASP A 182 19.63 -41.29 14.84
CA ASP A 182 18.78 -41.81 15.88
C ASP A 182 17.31 -41.60 15.61
N GLY A 183 17.04 -41.11 14.40
CA GLY A 183 15.67 -40.92 13.89
C GLY A 183 14.93 -39.95 14.80
N THR A 184 15.65 -38.99 15.37
CA THR A 184 15.07 -38.08 16.34
C THR A 184 15.33 -36.59 16.15
N GLY A 185 15.57 -36.23 14.90
CA GLY A 185 15.77 -34.82 14.55
C GLY A 185 14.46 -34.04 14.65
N TYR A 186 14.55 -32.71 14.73
CA TYR A 186 13.35 -31.90 14.77
C TYR A 186 12.41 -32.36 13.67
N PRO A 187 11.12 -32.39 13.92
CA PRO A 187 10.52 -32.02 15.18
C PRO A 187 10.02 -33.18 16.03
N SER A 188 10.59 -34.38 15.90
CA SER A 188 10.16 -35.58 16.56
C SER A 188 10.50 -35.65 18.05
N ARG A 189 9.94 -36.60 18.81
CA ARG A 189 10.30 -36.74 20.19
C ARG A 189 11.80 -37.11 20.28
N GLY A 190 12.37 -36.83 21.44
CA GLY A 190 13.79 -37.18 21.68
C GLY A 190 13.94 -38.55 22.33
N LYS A 191 15.02 -39.26 22.00
CA LYS A 191 15.17 -40.63 22.58
C LYS A 191 16.04 -40.56 23.81
N PHE A 192 15.79 -41.34 24.86
CA PHE A 192 16.73 -41.26 25.99
C PHE A 192 18.05 -41.91 25.53
N GLN A 193 19.15 -41.46 26.05
CA GLN A 193 20.51 -41.88 25.78
C GLN A 193 21.24 -42.38 27.03
N ALA A 194 20.63 -43.38 27.67
CA ALA A 194 21.23 -43.96 28.86
C ALA A 194 21.25 -45.48 28.74
N TYR A 195 21.59 -45.90 27.51
CA TYR A 195 21.48 -47.36 27.22
C TYR A 195 22.79 -48.08 27.17
N THR A 196 23.91 -47.44 27.36
CA THR A 196 25.17 -48.17 27.58
C THR A 196 25.01 -49.08 28.80
N GLU A 197 25.89 -50.06 28.92
CA GLU A 197 25.94 -50.89 30.12
C GLU A 197 26.29 -50.04 31.33
N PHE A 198 27.26 -49.13 31.19
CA PHE A 198 27.70 -48.21 32.24
C PHE A 198 26.60 -47.28 32.72
N ALA A 199 25.89 -46.62 31.80
CA ALA A 199 24.70 -45.85 32.24
C ALA A 199 23.67 -46.70 32.99
N LYS A 200 23.37 -47.90 32.53
CA LYS A 200 22.50 -48.77 33.38
C LYS A 200 23.01 -49.10 34.77
N SER A 201 24.34 -49.38 34.90
CA SER A 201 24.77 -49.72 36.27
C SER A 201 24.72 -48.48 37.12
N LYS A 202 25.07 -47.34 36.52
CA LYS A 202 25.05 -46.10 37.30
C LYS A 202 23.64 -45.81 37.78
N PHE A 203 22.67 -45.98 36.89
CA PHE A 203 21.28 -45.73 37.36
C PHE A 203 20.88 -46.68 38.50
N ARG A 204 21.19 -47.97 38.34
CA ARG A 204 20.97 -48.93 39.41
C ARG A 204 21.61 -48.56 40.75
N LEU A 205 22.93 -48.21 40.68
CA LEU A 205 23.64 -47.99 41.92
C LEU A 205 23.14 -46.73 42.58
N TRP A 206 22.70 -45.73 41.78
CA TRP A 206 22.10 -44.54 42.42
C TRP A 206 20.74 -44.90 43.02
N VAL A 207 19.92 -45.74 42.38
CA VAL A 207 18.66 -46.14 43.09
C VAL A 207 18.98 -46.91 44.37
N LEU A 208 19.99 -47.81 44.36
CA LEU A 208 20.15 -48.67 45.58
C LEU A 208 20.63 -47.83 46.71
N ASN A 209 21.36 -46.78 46.29
CA ASN A 209 21.93 -45.86 47.24
C ASN A 209 20.84 -45.02 47.89
N LYS A 210 19.97 -44.45 47.05
CA LYS A 210 18.83 -43.68 47.58
C LYS A 210 18.00 -44.57 48.52
N TYR A 211 17.65 -45.80 48.12
CA TYR A 211 16.74 -46.54 49.06
C TYR A 211 17.30 -47.75 49.77
N GLY A 212 18.53 -48.19 49.54
CA GLY A 212 19.20 -49.18 50.40
C GLY A 212 19.31 -50.53 49.71
N SER A 213 18.14 -51.05 49.37
CA SER A 213 17.93 -52.37 48.80
C SER A 213 16.66 -52.49 47.96
N LEU A 214 16.63 -53.53 47.14
CA LEU A 214 15.56 -53.82 46.26
C LEU A 214 14.22 -53.86 47.00
N ASN A 215 14.23 -54.20 48.28
CA ASN A 215 13.01 -54.32 49.02
C ASN A 215 12.44 -52.93 49.25
N GLU A 216 13.24 -51.92 49.45
CA GLU A 216 12.69 -50.58 49.68
C GLU A 216 12.44 -49.90 48.34
N VAL A 217 13.19 -50.28 47.29
CA VAL A 217 12.87 -49.83 45.94
C VAL A 217 11.41 -50.15 45.60
N ASN A 218 11.10 -51.44 45.68
CA ASN A 218 9.80 -52.00 45.41
C ASN A 218 8.69 -51.40 46.27
N LYS A 219 8.93 -51.11 47.52
CA LYS A 219 7.95 -50.35 48.29
C LYS A 219 7.77 -48.95 47.74
N ALA A 220 8.88 -48.27 47.44
CA ALA A 220 8.82 -46.89 46.99
C ALA A 220 8.05 -46.80 45.68
N TRP A 221 8.42 -47.67 44.77
CA TRP A 221 7.91 -47.63 43.40
C TRP A 221 6.58 -48.38 43.22
N GLY A 222 6.14 -49.24 44.11
CA GLY A 222 4.90 -50.01 43.93
C GLY A 222 5.12 -51.05 42.82
N THR A 223 6.39 -51.52 42.70
CA THR A 223 6.67 -52.47 41.65
C THR A 223 6.97 -53.83 42.22
N LYS A 224 7.18 -54.80 41.37
CA LYS A 224 7.50 -56.15 41.88
C LYS A 224 8.77 -56.62 41.20
N LEU A 225 9.80 -55.78 41.28
CA LEU A 225 11.09 -56.15 40.69
C LEU A 225 11.64 -57.38 41.42
N ILE A 226 11.92 -58.43 40.67
CA ILE A 226 12.38 -59.67 41.26
C ILE A 226 13.85 -59.60 41.67
N SER A 227 14.74 -58.95 40.91
CA SER A 227 16.13 -58.78 41.30
C SER A 227 16.74 -57.43 40.82
N GLU A 228 17.78 -56.99 41.49
CA GLU A 228 18.50 -55.76 41.23
C GLU A 228 18.78 -55.56 39.76
N LEU A 229 18.92 -56.59 38.98
CA LEU A 229 19.25 -56.35 37.56
C LEU A 229 18.02 -55.79 36.84
N ALA A 230 16.80 -56.10 37.29
CA ALA A 230 15.62 -55.58 36.62
C ALA A 230 15.54 -54.07 36.86
N ILE A 231 16.40 -53.44 37.65
CA ILE A 231 16.30 -51.99 37.76
C ILE A 231 16.90 -51.45 36.47
N LEU A 232 16.13 -50.81 35.61
CA LEU A 232 16.60 -50.34 34.32
C LEU A 232 16.02 -49.01 33.86
N PRO A 233 16.65 -48.36 32.88
CA PRO A 233 16.07 -47.22 32.19
C PRO A 233 14.77 -47.67 31.54
N PRO A 234 13.92 -46.73 31.12
CA PRO A 234 12.65 -47.08 30.50
C PRO A 234 12.75 -47.95 29.27
N SER A 235 11.96 -49.00 29.18
CA SER A 235 11.97 -49.91 28.04
C SER A 235 11.24 -49.37 26.82
N ASP A 236 10.39 -48.36 26.97
CA ASP A 236 9.69 -47.76 25.82
C ASP A 236 9.59 -46.27 26.07
N GLY A 237 10.39 -45.47 25.37
CA GLY A 237 10.49 -44.05 25.62
C GLY A 237 9.15 -43.36 25.37
N GLU A 238 8.38 -43.86 24.42
CA GLU A 238 7.10 -43.27 24.05
C GLU A 238 6.06 -43.43 25.15
N GLN A 239 5.92 -44.62 25.73
CA GLN A 239 5.02 -44.79 26.86
C GLN A 239 5.50 -44.06 28.10
N PHE A 240 6.85 -44.06 28.26
CA PHE A 240 7.39 -43.38 29.43
C PHE A 240 7.02 -41.89 29.42
N LEU A 241 7.13 -41.29 28.24
CA LEU A 241 6.80 -39.90 28.00
C LEU A 241 5.27 -39.70 27.96
N MET A 242 4.49 -40.67 27.52
CA MET A 242 3.02 -40.53 27.65
C MET A 242 2.60 -40.66 29.10
N ASN A 243 3.12 -41.62 29.88
CA ASN A 243 2.62 -41.61 31.28
C ASN A 243 3.57 -42.24 32.27
N GLY A 244 4.52 -42.98 31.70
CA GLY A 244 5.57 -43.49 32.58
C GLY A 244 6.15 -42.42 33.49
N TYR A 245 6.37 -41.20 33.03
CA TYR A 245 6.99 -40.14 33.85
C TYR A 245 6.31 -39.74 35.14
N LEU A 246 5.00 -39.93 35.30
CA LEU A 246 4.25 -39.58 36.47
C LEU A 246 4.46 -40.49 37.66
N SER A 247 4.80 -41.74 37.37
CA SER A 247 5.03 -42.73 38.44
C SER A 247 6.26 -42.37 39.27
N MET A 248 6.40 -43.03 40.43
CA MET A 248 7.51 -42.71 41.34
C MET A 248 8.84 -43.08 40.69
N TYR A 249 8.85 -44.18 39.98
CA TYR A 249 9.91 -44.68 39.18
C TYR A 249 10.29 -43.57 38.18
N GLY A 250 9.32 -43.05 37.47
CA GLY A 250 9.57 -42.03 36.45
C GLY A 250 10.14 -40.77 37.02
N LYS A 251 9.75 -40.29 38.19
CA LYS A 251 10.37 -39.17 38.82
C LYS A 251 11.82 -39.43 39.22
N ASP A 252 12.07 -40.67 39.70
CA ASP A 252 13.38 -41.03 40.17
C ASP A 252 14.32 -41.08 38.97
N TYR A 253 13.87 -41.67 37.85
CA TYR A 253 14.70 -41.81 36.70
C TYR A 253 15.05 -40.44 36.07
N LEU A 254 14.07 -39.58 35.84
CA LEU A 254 14.33 -38.22 35.42
C LEU A 254 15.23 -37.47 36.40
N GLU A 255 15.05 -37.63 37.69
CA GLU A 255 15.90 -36.92 38.62
C GLU A 255 17.35 -37.40 38.47
N TRP A 256 17.60 -38.69 38.14
CA TRP A 256 18.99 -39.07 37.99
C TRP A 256 19.52 -38.57 36.66
N TYR A 257 18.68 -38.68 35.61
CA TYR A 257 19.13 -38.38 34.27
C TYR A 257 19.52 -36.92 34.08
N GLN A 258 18.74 -36.02 34.66
CA GLN A 258 19.05 -34.61 34.58
C GLN A 258 20.14 -34.34 35.62
N GLY A 259 20.12 -35.04 36.72
CA GLY A 259 21.09 -34.86 37.80
C GLY A 259 22.55 -35.02 37.31
N ILE A 260 22.80 -35.88 36.39
CA ILE A 260 24.05 -36.14 35.73
C ILE A 260 24.46 -34.86 35.01
N LEU A 261 23.55 -34.01 34.51
CA LEU A 261 24.06 -32.77 33.90
C LEU A 261 24.24 -31.70 34.95
N GLU A 262 23.49 -31.75 36.04
CA GLU A 262 23.73 -30.78 37.10
C GLU A 262 25.15 -31.05 37.61
N ASN A 263 25.49 -32.38 37.72
CA ASN A 263 26.81 -32.72 38.23
C ASN A 263 27.93 -32.31 37.31
N HIS A 264 27.85 -32.48 36.03
CA HIS A 264 28.76 -32.12 35.00
C HIS A 264 29.05 -30.62 35.02
N THR A 265 27.98 -29.86 35.17
CA THR A 265 27.95 -28.42 35.22
C THR A 265 28.82 -28.02 36.40
N LYS A 266 28.61 -28.75 37.51
CA LYS A 266 29.43 -28.31 38.67
C LYS A 266 30.92 -28.67 38.54
N LEU A 267 31.19 -29.80 37.87
CA LEU A 267 32.55 -30.28 37.70
C LEU A 267 33.30 -29.29 36.79
N ILE A 268 32.84 -29.07 35.55
CA ILE A 268 33.59 -28.12 34.69
C ILE A 268 33.67 -26.71 35.25
N GLY A 269 32.62 -26.29 35.93
CA GLY A 269 32.57 -24.99 36.58
C GLY A 269 33.80 -24.91 37.52
N GLU A 270 34.00 -25.99 38.29
CA GLU A 270 35.09 -25.95 39.27
C GLU A 270 36.44 -26.06 38.53
N LEU A 271 36.57 -26.90 37.51
CA LEU A 271 37.81 -26.99 36.76
C LEU A 271 38.12 -25.69 36.04
N ALA A 272 37.16 -24.91 35.57
CA ALA A 272 37.39 -23.69 34.79
C ALA A 272 37.66 -22.55 35.74
N HIS A 273 36.97 -22.46 36.84
CA HIS A 273 37.29 -21.44 37.82
C HIS A 273 38.73 -21.67 38.32
N ASN A 274 39.20 -22.89 38.49
CA ASN A 274 40.56 -23.11 38.96
C ASN A 274 41.63 -22.79 37.93
N ALA A 275 41.33 -23.02 36.66
CA ALA A 275 42.33 -22.76 35.64
C ALA A 275 42.41 -21.28 35.26
N PHE A 276 41.24 -20.68 35.14
CA PHE A 276 41.13 -19.31 34.72
C PHE A 276 41.08 -18.17 35.69
N ASP A 277 40.57 -18.38 36.88
CA ASP A 277 40.24 -17.25 37.70
C ASP A 277 41.37 -16.28 37.96
N THR A 278 42.42 -16.73 38.66
CA THR A 278 43.51 -15.91 39.12
C THR A 278 44.16 -15.14 38.00
N THR A 279 44.31 -15.74 36.82
CA THR A 279 44.92 -15.07 35.71
C THR A 279 43.97 -14.17 34.96
N PHE A 280 42.79 -14.65 34.54
CA PHE A 280 41.92 -13.77 33.74
C PHE A 280 40.86 -13.05 34.55
N GLN A 281 40.23 -13.63 35.56
CA GLN A 281 39.25 -12.87 36.31
C GLN A 281 38.10 -12.50 35.36
N VAL A 282 37.67 -13.37 34.47
CA VAL A 282 36.58 -12.99 33.57
C VAL A 282 35.41 -13.93 33.96
N PRO A 283 34.21 -13.60 33.59
CA PRO A 283 33.03 -14.43 33.83
C PRO A 283 33.18 -15.62 32.90
N ILE A 284 32.71 -16.79 33.27
CA ILE A 284 32.76 -18.07 32.60
C ILE A 284 31.29 -18.48 32.37
N GLY A 285 30.91 -19.04 31.23
CA GLY A 285 29.50 -19.31 30.98
C GLY A 285 29.41 -20.64 30.21
N ALA A 286 28.22 -21.14 30.07
CA ALA A 286 27.89 -22.39 29.45
C ALA A 286 26.47 -22.16 28.92
N LYS A 287 26.08 -23.00 28.00
CA LYS A 287 24.85 -22.93 27.30
C LYS A 287 23.88 -24.14 27.47
N ILE A 288 22.60 -23.71 27.35
CA ILE A 288 21.47 -24.63 27.40
C ILE A 288 20.81 -24.58 26.00
N ALA A 289 20.54 -25.71 25.36
CA ALA A 289 19.93 -25.71 24.06
C ALA A 289 18.46 -25.25 24.12
N GLY A 290 17.97 -24.77 22.97
CA GLY A 290 16.56 -24.25 23.00
C GLY A 290 15.74 -25.36 22.36
N VAL A 291 15.25 -26.33 23.13
CA VAL A 291 14.56 -27.49 22.59
C VAL A 291 13.05 -27.23 22.55
N HIS A 292 12.61 -26.62 21.44
CA HIS A 292 11.30 -25.99 21.49
C HIS A 292 10.16 -26.81 20.89
N TRP A 293 10.49 -27.85 20.18
CA TRP A 293 9.54 -28.69 19.53
C TRP A 293 8.98 -29.71 20.55
N GLN A 294 7.82 -30.26 20.22
CA GLN A 294 7.09 -31.15 21.07
C GLN A 294 6.90 -30.56 22.43
N TYR A 295 7.00 -29.26 22.61
CA TYR A 295 6.71 -28.64 23.89
C TYR A 295 5.32 -28.81 24.47
N ASN A 296 4.29 -28.40 23.73
CA ASN A 296 2.89 -28.42 24.18
C ASN A 296 2.07 -29.54 23.52
N ASN A 297 2.74 -30.62 23.14
CA ASN A 297 2.08 -31.82 22.61
C ASN A 297 1.22 -32.39 23.75
N PRO A 298 -0.03 -32.69 23.41
CA PRO A 298 -1.03 -33.09 24.40
C PRO A 298 -0.79 -34.48 24.92
N THR A 299 -0.31 -35.43 24.11
CA THR A 299 -0.05 -36.76 24.66
C THR A 299 1.40 -37.12 24.97
N ILE A 300 2.47 -36.50 24.49
CA ILE A 300 3.85 -36.74 24.94
C ILE A 300 4.39 -35.34 25.21
N PRO A 301 4.01 -34.74 26.32
CA PRO A 301 4.43 -33.40 26.63
C PRO A 301 5.95 -33.30 26.84
N HIS A 302 6.50 -32.21 26.31
CA HIS A 302 7.93 -31.92 26.43
C HIS A 302 8.66 -33.14 25.90
N GLY A 303 8.16 -33.77 24.84
CA GLY A 303 8.76 -34.97 24.27
C GLY A 303 10.18 -34.82 23.74
N ALA A 304 10.63 -33.61 23.47
CA ALA A 304 11.99 -33.43 22.96
C ALA A 304 12.91 -33.00 24.12
N GLU A 305 12.38 -32.19 25.02
CA GLU A 305 13.23 -31.72 26.10
C GLU A 305 13.68 -32.85 27.03
N LYS A 306 12.75 -33.61 27.61
CA LYS A 306 13.02 -34.54 28.67
C LYS A 306 14.21 -35.45 28.32
N PRO A 307 14.17 -36.05 27.15
CA PRO A 307 15.18 -36.93 26.66
C PRO A 307 16.51 -36.15 26.49
N ALA A 308 16.35 -34.85 26.18
CA ALA A 308 17.54 -34.02 26.07
C ALA A 308 18.11 -33.89 27.49
N GLY A 309 17.30 -34.14 28.51
CA GLY A 309 17.86 -33.94 29.86
C GLY A 309 17.24 -32.79 30.59
N TYR A 310 16.29 -32.08 30.00
CA TYR A 310 15.64 -31.00 30.69
C TYR A 310 14.24 -31.37 31.17
N ASN A 311 14.17 -31.57 32.47
CA ASN A 311 12.90 -31.95 33.12
C ASN A 311 12.46 -30.83 34.04
N ASP A 312 13.40 -30.29 34.76
CA ASP A 312 13.14 -29.18 35.67
C ASP A 312 14.09 -28.01 35.47
N TYR A 313 13.67 -26.97 34.76
CA TYR A 313 14.64 -25.89 34.48
C TYR A 313 15.06 -25.18 35.77
N SER A 314 14.21 -25.06 36.77
CA SER A 314 14.63 -24.39 38.00
C SER A 314 15.79 -25.14 38.64
N HIS A 315 15.80 -26.48 38.50
CA HIS A 315 16.83 -27.29 39.11
C HIS A 315 18.13 -27.19 38.29
N LEU A 316 18.01 -27.22 36.99
CA LEU A 316 19.14 -27.09 36.11
C LEU A 316 19.75 -25.72 36.39
N LEU A 317 18.95 -24.65 36.48
CA LEU A 317 19.60 -23.36 36.73
C LEU A 317 20.24 -23.27 38.09
N ASP A 318 19.73 -24.01 39.07
CA ASP A 318 20.39 -23.87 40.37
C ASP A 318 21.83 -24.43 40.23
N ALA A 319 21.99 -25.43 39.36
CA ALA A 319 23.36 -25.95 39.30
C ALA A 319 24.29 -24.88 38.73
N PHE A 320 23.85 -23.98 37.87
CA PHE A 320 24.65 -22.95 37.20
C PHE A 320 24.99 -21.89 38.24
N LYS A 321 23.98 -21.54 39.03
CA LYS A 321 24.26 -20.58 40.10
C LYS A 321 25.32 -21.16 41.01
N SER A 322 25.20 -22.45 41.33
CA SER A 322 26.17 -23.03 42.27
C SER A 322 27.57 -23.18 41.70
N ALA A 323 27.77 -23.41 40.45
CA ALA A 323 29.05 -23.51 39.77
C ALA A 323 29.57 -22.13 39.41
N LYS A 324 28.82 -21.08 39.69
CA LYS A 324 29.14 -19.73 39.27
C LYS A 324 29.37 -19.61 37.76
N LEU A 325 28.48 -20.18 36.96
CA LEU A 325 28.50 -20.09 35.52
C LEU A 325 27.31 -19.25 35.02
N ASP A 326 27.58 -18.36 34.13
CA ASP A 326 26.58 -17.52 33.47
C ASP A 326 25.96 -18.41 32.43
N VAL A 327 24.69 -18.20 32.09
CA VAL A 327 23.98 -19.01 31.13
C VAL A 327 23.77 -18.37 29.80
N THR A 328 23.71 -19.16 28.75
CA THR A 328 23.42 -18.64 27.42
C THR A 328 22.24 -19.47 26.88
N PHE A 329 21.24 -18.76 26.43
CA PHE A 329 20.06 -19.43 25.91
C PHE A 329 19.91 -19.06 24.45
N THR A 330 19.29 -19.86 23.64
CA THR A 330 19.15 -19.58 22.23
C THR A 330 17.69 -19.36 21.84
N CYS A 331 17.37 -19.28 20.57
CA CYS A 331 16.05 -19.12 20.02
C CYS A 331 15.42 -17.73 20.24
N LEU A 332 16.15 -16.68 20.57
CA LEU A 332 15.53 -15.40 20.85
C LEU A 332 14.86 -14.76 19.61
N GLU A 333 15.10 -15.26 18.39
CA GLU A 333 14.49 -14.68 17.22
C GLU A 333 13.12 -15.29 16.89
N MET A 334 12.71 -16.37 17.55
CA MET A 334 11.54 -17.13 17.17
C MET A 334 10.24 -16.78 17.82
N THR A 335 9.15 -17.21 17.18
CA THR A 335 7.82 -16.97 17.78
C THR A 335 7.17 -18.31 18.10
N ASP A 336 6.27 -18.29 19.05
CA ASP A 336 5.52 -19.52 19.38
C ASP A 336 4.61 -19.91 18.26
N LYS A 337 4.33 -21.14 17.98
CA LYS A 337 3.40 -21.62 16.99
C LYS A 337 2.43 -22.54 17.75
N GLY A 338 3.02 -23.64 18.25
CA GLY A 338 2.37 -24.46 19.25
C GLY A 338 1.24 -25.28 18.67
N SER A 339 1.38 -25.64 17.42
CA SER A 339 0.37 -26.40 16.70
C SER A 339 0.95 -27.69 16.14
N TYR A 340 0.02 -28.62 15.88
CA TYR A 340 0.42 -29.92 15.36
C TYR A 340 1.01 -29.67 13.98
N PRO A 341 2.00 -30.41 13.58
CA PRO A 341 2.56 -31.47 14.40
C PRO A 341 3.81 -31.18 15.18
N GLU A 342 4.56 -30.10 14.97
CA GLU A 342 5.77 -29.80 15.68
C GLU A 342 5.49 -29.31 17.10
N TYR A 343 4.28 -28.84 17.38
CA TYR A 343 4.03 -28.27 18.70
C TYR A 343 5.22 -27.43 19.16
N SER A 344 5.69 -26.46 18.41
CA SER A 344 6.85 -25.66 18.81
C SER A 344 6.53 -24.42 19.58
N MET A 345 7.09 -24.18 20.75
CA MET A 345 6.80 -22.96 21.54
C MET A 345 8.07 -22.28 22.06
N PRO A 346 8.91 -21.75 21.16
CA PRO A 346 10.21 -21.20 21.48
C PRO A 346 10.17 -19.94 22.31
N LYS A 347 9.24 -19.04 22.00
CA LYS A 347 9.15 -17.79 22.74
C LYS A 347 8.74 -18.05 24.16
N THR A 348 7.76 -18.94 24.30
CA THR A 348 7.31 -19.28 25.66
C THR A 348 8.50 -19.86 26.42
N LEU A 349 9.26 -20.76 25.80
CA LEU A 349 10.47 -21.28 26.55
C LEU A 349 11.46 -20.19 26.96
N VAL A 350 11.80 -19.33 25.95
CA VAL A 350 12.76 -18.28 26.32
C VAL A 350 12.22 -17.49 27.50
N GLN A 351 10.95 -17.07 27.48
CA GLN A 351 10.42 -16.32 28.64
C GLN A 351 10.50 -17.04 29.97
N ASN A 352 10.23 -18.34 29.93
CA ASN A 352 10.33 -19.14 31.19
C ASN A 352 11.79 -19.14 31.68
N ILE A 353 12.73 -19.50 30.79
CA ILE A 353 14.15 -19.44 31.24
C ILE A 353 14.59 -18.08 31.77
N ALA A 354 14.24 -16.99 31.10
CA ALA A 354 14.69 -15.65 31.49
C ALA A 354 14.25 -15.34 32.90
N THR A 355 12.97 -15.62 33.15
CA THR A 355 12.32 -15.36 34.40
C THR A 355 12.98 -16.12 35.56
N LEU A 356 13.18 -17.39 35.46
CA LEU A 356 13.94 -18.22 36.39
C LEU A 356 15.36 -17.67 36.46
N ALA A 357 16.02 -17.42 35.28
CA ALA A 357 17.37 -16.85 35.44
C ALA A 357 17.41 -15.60 36.30
N ASN A 358 16.61 -14.60 36.05
CA ASN A 358 16.60 -13.34 36.75
C ASN A 358 16.19 -13.52 38.19
N GLU A 359 15.25 -14.41 38.44
CA GLU A 359 14.80 -14.60 39.85
C GLU A 359 15.97 -15.20 40.65
N LYS A 360 16.72 -16.07 39.94
CA LYS A 360 17.87 -16.72 40.61
C LYS A 360 19.09 -15.80 40.63
N GLY A 361 19.07 -14.70 39.88
CA GLY A 361 20.23 -13.78 39.99
C GLY A 361 21.39 -14.32 39.17
N ILE A 362 21.07 -15.07 38.12
CA ILE A 362 22.07 -15.59 37.24
C ILE A 362 22.17 -14.61 36.06
N VAL A 363 23.32 -14.18 35.64
CA VAL A 363 23.49 -13.30 34.48
C VAL A 363 23.05 -14.05 33.24
N LEU A 364 22.33 -13.40 32.33
CA LEU A 364 21.81 -14.08 31.16
C LEU A 364 22.25 -13.57 29.81
N ASN A 365 22.38 -14.46 28.81
CA ASN A 365 22.81 -14.05 27.50
C ASN A 365 22.06 -14.81 26.44
N GLY A 366 21.91 -14.24 25.24
CA GLY A 366 21.18 -14.95 24.23
C GLY A 366 21.81 -15.12 22.88
N GLU A 367 21.25 -15.95 22.04
CA GLU A 367 21.68 -16.14 20.66
C GLU A 367 20.52 -16.43 19.71
N ASN A 368 20.66 -16.23 18.42
CA ASN A 368 19.56 -16.61 17.52
C ASN A 368 19.82 -18.11 17.26
N ALA A 369 18.81 -18.88 16.89
CA ALA A 369 19.03 -20.29 16.64
C ALA A 369 19.37 -20.44 15.16
N LEU A 370 18.72 -19.78 14.24
CA LEU A 370 19.04 -19.90 12.82
C LEU A 370 19.56 -18.56 12.30
N SER A 371 20.07 -18.58 11.06
CA SER A 371 20.63 -17.35 10.47
C SER A 371 19.44 -16.39 10.23
N ILE A 372 19.65 -15.11 10.47
CA ILE A 372 18.73 -14.05 10.30
C ILE A 372 19.08 -13.40 8.96
N GLY A 373 18.05 -13.41 8.10
CA GLY A 373 18.20 -12.76 6.81
C GLY A 373 17.25 -11.56 6.73
N ASN A 374 16.49 -11.26 7.77
CA ASN A 374 15.58 -10.12 7.57
C ASN A 374 15.42 -9.38 8.88
N GLU A 375 15.10 -8.11 8.81
CA GLU A 375 14.97 -7.30 10.00
C GLU A 375 13.81 -7.65 10.90
N GLU A 376 12.74 -8.33 10.45
CA GLU A 376 11.65 -8.58 11.40
C GLU A 376 12.17 -9.55 12.45
N GLU A 377 13.10 -10.42 12.04
CA GLU A 377 13.64 -11.32 13.09
C GLU A 377 14.49 -10.57 14.07
N TYR A 378 15.16 -9.51 13.64
CA TYR A 378 16.03 -8.75 14.54
C TYR A 378 15.17 -8.07 15.56
N LYS A 379 13.99 -7.64 15.12
CA LYS A 379 13.00 -6.97 15.99
C LYS A 379 12.53 -7.84 17.16
N ARG A 380 12.24 -9.09 16.88
CA ARG A 380 11.90 -10.16 17.82
C ARG A 380 13.07 -10.42 18.77
N VAL A 381 14.29 -10.50 18.19
CA VAL A 381 15.43 -10.61 19.12
C VAL A 381 15.41 -9.41 20.07
N ALA A 382 15.35 -8.17 19.60
CA ALA A 382 15.32 -7.01 20.48
C ALA A 382 14.21 -7.00 21.50
N GLU A 383 13.00 -7.42 21.09
CA GLU A 383 11.93 -7.48 22.12
C GLU A 383 12.40 -8.34 23.30
N MET A 384 12.85 -9.59 22.98
CA MET A 384 13.32 -10.41 24.11
C MET A 384 14.53 -9.91 24.83
N ALA A 385 15.55 -9.48 24.09
CA ALA A 385 16.81 -9.06 24.73
C ALA A 385 16.59 -7.89 25.65
N PHE A 386 15.85 -6.85 25.21
CA PHE A 386 15.72 -5.66 26.04
C PHE A 386 14.59 -5.65 27.02
N ASN A 387 13.65 -6.58 26.94
CA ASN A 387 12.56 -6.57 27.94
C ASN A 387 12.76 -7.72 28.95
N TYR A 388 13.64 -8.71 28.64
CA TYR A 388 13.90 -9.70 29.71
C TYR A 388 15.26 -9.68 30.39
N ASN A 389 15.91 -8.55 30.41
CA ASN A 389 17.16 -8.27 31.05
C ASN A 389 18.38 -9.04 30.52
N PHE A 390 18.52 -9.31 29.25
CA PHE A 390 19.69 -10.03 28.75
C PHE A 390 20.93 -9.16 28.88
N ALA A 391 22.02 -9.64 29.47
CA ALA A 391 23.26 -8.93 29.63
C ALA A 391 24.05 -8.89 28.34
N GLY A 392 23.77 -9.73 27.42
CA GLY A 392 24.47 -9.83 26.16
C GLY A 392 23.70 -10.60 25.12
N PHE A 393 24.03 -10.36 23.85
CA PHE A 393 23.33 -11.06 22.74
C PHE A 393 24.41 -11.39 21.74
N THR A 394 24.50 -12.62 21.27
CA THR A 394 25.54 -12.95 20.28
C THR A 394 24.84 -13.32 19.01
N LEU A 395 25.31 -12.85 17.87
CA LEU A 395 24.76 -13.19 16.57
C LEU A 395 25.47 -14.30 15.84
N LEU A 396 24.72 -15.36 15.50
CA LEU A 396 25.23 -16.39 14.61
C LEU A 396 24.72 -15.98 13.23
N ARG A 397 25.62 -15.70 12.30
CA ARG A 397 27.04 -15.91 12.40
C ARG A 397 27.75 -14.94 11.45
N TYR A 398 29.00 -14.65 11.66
CA TYR A 398 29.90 -13.89 10.85
C TYR A 398 29.52 -13.57 9.42
N GLN A 399 29.59 -14.52 8.52
CA GLN A 399 29.32 -14.27 7.13
C GLN A 399 27.93 -13.72 6.82
N ASP A 400 26.93 -13.78 7.69
CA ASP A 400 25.57 -13.31 7.37
C ASP A 400 25.48 -11.78 7.30
N VAL A 401 26.15 -11.11 8.22
CA VAL A 401 26.24 -9.68 8.31
C VAL A 401 27.47 -9.15 7.58
N MET A 402 28.63 -9.84 7.64
CA MET A 402 29.86 -9.26 7.09
C MET A 402 29.78 -9.03 5.59
N TYR A 403 29.07 -9.79 4.81
CA TYR A 403 28.98 -9.60 3.37
C TYR A 403 27.60 -9.12 2.92
N ASN A 404 26.89 -8.46 3.81
CA ASN A 404 25.56 -7.93 3.55
C ASN A 404 25.42 -6.62 4.29
N ASN A 405 25.84 -5.48 3.75
CA ASN A 405 25.83 -4.23 4.48
C ASN A 405 24.44 -3.78 4.90
N SER A 406 23.39 -4.18 4.18
CA SER A 406 22.01 -3.87 4.54
C SER A 406 21.68 -4.50 5.90
N LEU A 407 21.87 -5.82 6.00
CA LEU A 407 21.61 -6.39 7.32
C LEU A 407 22.54 -5.83 8.38
N MET A 408 23.83 -5.62 8.07
CA MET A 408 24.71 -5.10 9.11
C MET A 408 24.14 -3.81 9.72
N GLY A 409 23.65 -2.96 8.84
CA GLY A 409 23.06 -1.66 9.18
C GLY A 409 21.77 -1.79 10.02
N LYS A 410 20.92 -2.75 9.73
CA LYS A 410 19.72 -3.05 10.51
C LYS A 410 20.12 -3.61 11.88
N PHE A 411 21.17 -4.43 11.87
CA PHE A 411 21.63 -4.98 13.16
C PHE A 411 22.10 -3.83 14.02
N LYS A 412 22.96 -2.96 13.42
CA LYS A 412 23.48 -1.88 14.26
C LYS A 412 22.41 -1.01 14.87
N ASP A 413 21.40 -0.65 14.08
CA ASP A 413 20.36 0.23 14.68
C ASP A 413 19.62 -0.36 15.86
N LEU A 414 19.09 -1.56 15.70
CA LEU A 414 18.25 -2.23 16.67
C LEU A 414 18.95 -3.00 17.76
N LEU A 415 20.13 -3.59 17.47
CA LEU A 415 20.81 -4.42 18.50
C LEU A 415 22.24 -4.03 18.82
N GLY A 416 22.90 -3.27 17.94
CA GLY A 416 24.25 -2.78 18.17
C GLY A 416 24.29 -1.56 19.07
N VAL A 417 23.57 -1.57 20.19
CA VAL A 417 23.53 -0.30 20.88
C VAL A 417 24.37 -0.17 22.13
N THR A 418 24.59 1.09 22.52
CA THR A 418 25.27 1.38 23.77
C THR A 418 24.27 1.95 24.78
N PRO A 419 24.13 1.27 25.92
CA PRO A 419 23.12 1.70 26.87
C PRO A 419 23.62 2.91 27.60
N VAL A 420 22.91 3.95 27.93
CA VAL A 420 23.42 5.07 28.72
C VAL A 420 22.34 5.45 29.73
N MET A 421 22.62 5.65 30.98
CA MET A 421 21.67 6.08 31.99
C MET A 421 21.17 7.48 31.64
N GLN A 422 19.85 7.70 31.61
CA GLN A 422 19.27 9.04 31.38
C GLN A 422 18.22 9.37 32.45
N THR A 423 17.91 10.61 32.73
CA THR A 423 16.88 11.05 33.64
C THR A 423 15.69 11.63 32.83
N ILE A 424 14.57 10.95 33.01
CA ILE A 424 13.29 11.34 32.42
C ILE A 424 12.45 12.01 33.51
N VAL A 425 11.95 13.19 33.23
CA VAL A 425 11.15 13.94 34.20
C VAL A 425 9.88 14.39 33.47
N VAL A 426 8.79 14.22 34.20
CA VAL A 426 7.46 14.64 33.76
C VAL A 426 6.88 15.50 34.90
N LYS A 427 6.56 16.75 34.62
CA LYS A 427 6.02 17.66 35.61
C LYS A 427 4.50 17.69 35.48
N ASN A 428 3.84 18.01 36.58
CA ASN A 428 2.40 18.21 36.61
C ASN A 428 1.56 17.01 36.22
N VAL A 429 1.83 15.88 36.80
CA VAL A 429 1.06 14.66 36.53
C VAL A 429 -0.10 14.61 37.54
N PRO A 430 -1.33 14.57 37.07
CA PRO A 430 -2.52 14.61 37.90
C PRO A 430 -2.87 13.24 38.46
N THR A 431 -2.10 12.87 39.51
CA THR A 431 -2.33 11.56 40.10
C THR A 431 -3.12 11.69 41.40
N THR A 432 -3.71 10.59 41.83
CA THR A 432 -4.45 10.52 43.08
C THR A 432 -3.80 9.35 43.82
N ILE A 433 -4.06 9.12 45.10
CA ILE A 433 -3.31 8.05 45.75
C ILE A 433 -3.55 6.66 45.15
N GLY A 434 -2.43 5.94 44.98
CA GLY A 434 -2.47 4.57 44.47
C GLY A 434 -2.24 4.48 42.98
N ASP A 435 -2.27 5.61 42.28
CA ASP A 435 -1.89 5.65 40.87
C ASP A 435 -0.39 5.46 40.69
N THR A 436 0.02 4.86 39.58
CA THR A 436 1.45 4.77 39.29
C THR A 436 1.68 5.45 37.95
N VAL A 437 2.88 6.01 37.77
CA VAL A 437 3.26 6.64 36.51
C VAL A 437 4.32 5.86 35.76
N TYR A 438 4.10 5.58 34.47
CA TYR A 438 5.03 4.84 33.67
C TYR A 438 5.39 5.52 32.35
N ILE A 439 6.48 5.07 31.68
CA ILE A 439 6.66 5.54 30.33
C ILE A 439 6.62 4.32 29.42
N THR A 440 6.33 4.54 28.16
CA THR A 440 6.41 3.44 27.19
C THR A 440 6.75 4.08 25.84
N GLY A 441 7.38 3.46 24.86
CA GLY A 441 7.73 4.19 23.65
C GLY A 441 7.91 3.23 22.48
N ASN A 442 8.36 3.86 21.41
CA ASN A 442 8.49 3.10 20.16
C ASN A 442 9.58 2.05 20.10
N ARG A 443 10.76 2.18 20.63
CA ARG A 443 11.71 1.03 20.51
C ARG A 443 11.45 -0.13 21.47
N ALA A 444 12.05 -1.29 21.23
CA ALA A 444 12.00 -2.44 22.12
C ALA A 444 12.55 -2.09 23.47
N GLU A 445 13.57 -1.21 23.43
CA GLU A 445 14.12 -0.75 24.71
C GLU A 445 13.09 -0.01 25.55
N LEU A 446 12.06 0.53 24.86
CA LEU A 446 11.06 1.25 25.65
C LEU A 446 9.80 0.42 25.86
N GLY A 447 9.76 -0.82 25.46
CA GLY A 447 8.63 -1.70 25.59
C GLY A 447 7.64 -1.67 24.44
N SER A 448 8.08 -1.09 23.32
CA SER A 448 7.27 -0.99 22.12
C SER A 448 5.80 -0.60 22.31
N TRP A 449 5.51 0.45 23.08
CA TRP A 449 4.12 0.90 23.21
C TRP A 449 3.28 -0.04 24.08
N ASP A 450 3.89 -1.05 24.68
CA ASP A 450 3.17 -1.95 25.57
C ASP A 450 2.84 -1.27 26.90
N THR A 451 1.62 -1.32 27.38
CA THR A 451 1.30 -0.71 28.68
C THR A 451 1.06 -1.82 29.69
N LYS A 452 0.93 -3.04 29.14
CA LYS A 452 0.65 -4.16 30.05
C LYS A 452 1.84 -4.78 30.78
N GLN A 453 2.89 -5.24 30.15
CA GLN A 453 3.95 -5.86 30.92
C GLN A 453 5.33 -5.26 30.77
N TYR A 454 5.57 -4.41 29.80
CA TYR A 454 6.92 -3.87 29.63
C TYR A 454 7.20 -2.42 29.96
N PRO A 455 6.18 -1.68 30.37
CA PRO A 455 6.37 -0.24 30.54
C PRO A 455 7.41 0.03 31.59
N ILE A 456 8.05 1.19 31.51
CA ILE A 456 9.06 1.53 32.51
C ILE A 456 8.36 2.38 33.54
N GLN A 457 8.70 2.14 34.80
CA GLN A 457 8.01 2.84 35.88
C GLN A 457 8.73 4.09 36.32
N LEU A 458 8.01 5.15 36.68
CA LEU A 458 8.70 6.32 37.21
C LEU A 458 8.39 6.41 38.71
N TYR A 459 8.95 7.37 39.42
CA TYR A 459 8.82 7.52 40.85
C TYR A 459 8.79 8.99 41.26
N TYR A 460 8.08 9.21 42.37
CA TYR A 460 7.80 10.58 42.79
C TYR A 460 8.92 11.17 43.62
N ASP A 461 9.42 12.29 43.12
CA ASP A 461 10.50 13.04 43.73
C ASP A 461 9.74 14.11 44.52
N SER A 462 9.58 13.78 45.81
CA SER A 462 8.80 14.72 46.62
C SER A 462 9.46 16.08 46.43
N HIS A 463 10.68 16.16 46.95
CA HIS A 463 11.42 17.42 46.85
C HIS A 463 11.09 18.14 45.55
N SER A 464 11.34 17.61 44.36
CA SER A 464 11.00 18.38 43.16
C SER A 464 9.51 18.28 42.88
N ASN A 465 8.87 17.31 43.54
CA ASN A 465 7.44 17.12 43.35
C ASN A 465 7.18 16.97 41.85
N ASP A 466 7.57 15.78 41.41
CA ASP A 466 7.41 15.44 39.99
C ASP A 466 7.69 13.95 39.92
N TRP A 467 7.40 13.39 38.76
CA TRP A 467 7.67 11.94 38.59
C TRP A 467 8.97 11.89 37.77
N ARG A 468 9.89 11.02 38.20
CA ARG A 468 11.13 10.96 37.41
C ARG A 468 11.71 9.57 37.52
N GLY A 469 12.61 9.23 36.60
CA GLY A 469 13.26 7.93 36.63
C GLY A 469 14.64 8.00 35.97
N ASN A 470 15.60 7.29 36.52
CA ASN A 470 16.85 7.00 35.86
C ASN A 470 16.60 5.82 34.94
N VAL A 471 16.51 6.03 33.67
CA VAL A 471 16.19 5.02 32.70
C VAL A 471 17.41 4.79 31.83
N VAL A 472 17.70 3.57 31.47
CA VAL A 472 18.80 3.26 30.55
C VAL A 472 18.16 3.19 29.15
N LEU A 473 18.70 3.95 28.20
CA LEU A 473 18.23 4.01 26.84
C LEU A 473 19.38 3.69 25.91
N PRO A 474 19.09 3.38 24.66
CA PRO A 474 20.10 3.19 23.65
C PRO A 474 20.70 4.54 23.17
N ALA A 475 21.97 4.80 23.40
CA ALA A 475 22.62 6.03 22.97
C ALA A 475 22.53 6.23 21.45
N GLU A 476 22.38 7.49 21.07
CA GLU A 476 22.35 7.85 19.67
C GLU A 476 21.27 7.17 18.87
N ARG A 477 20.07 6.96 19.38
CA ARG A 477 18.97 6.43 18.55
C ARG A 477 17.79 7.38 18.79
N ASN A 478 16.96 7.59 17.80
CA ASN A 478 15.86 8.51 18.00
C ASN A 478 14.75 7.77 18.76
N ILE A 479 14.23 8.41 19.82
CA ILE A 479 13.10 7.71 20.46
C ILE A 479 11.85 8.59 20.54
N GLU A 480 10.71 7.94 20.50
CA GLU A 480 9.41 8.54 20.82
C GLU A 480 8.81 7.86 22.07
N PHE A 481 8.28 8.63 23.00
CA PHE A 481 7.76 8.06 24.22
C PHE A 481 6.62 8.93 24.78
N LYS A 482 5.87 8.29 25.69
CA LYS A 482 4.77 8.99 26.35
C LYS A 482 4.61 8.49 27.76
N ALA A 483 4.35 9.34 28.73
CA ALA A 483 4.06 8.88 30.08
C ALA A 483 2.58 8.47 30.15
N PHE A 484 2.17 7.76 31.19
CA PHE A 484 0.74 7.43 31.38
C PHE A 484 0.54 7.00 32.81
N ILE A 485 -0.71 7.15 33.29
CA ILE A 485 -1.00 6.76 34.67
C ILE A 485 -1.73 5.44 34.72
N LYS A 486 -1.42 4.62 35.68
CA LYS A 486 -2.03 3.31 35.87
C LYS A 486 -2.68 3.39 37.25
N SER A 487 -3.99 3.19 37.32
CA SER A 487 -4.71 3.28 38.57
C SER A 487 -4.29 2.15 39.50
N LYS A 488 -4.44 2.33 40.81
CA LYS A 488 -4.11 1.27 41.76
C LYS A 488 -4.50 -0.13 41.28
N ASP A 489 -5.57 -0.21 40.50
CA ASP A 489 -6.07 -1.45 39.95
C ASP A 489 -5.41 -2.01 38.70
N GLY A 490 -4.37 -1.42 38.12
CA GLY A 490 -3.72 -2.02 36.96
C GLY A 490 -4.09 -1.56 35.57
N THR A 491 -5.11 -0.71 35.49
CA THR A 491 -5.72 -0.18 34.28
C THR A 491 -5.16 1.20 33.94
N VAL A 492 -4.96 1.44 32.62
CA VAL A 492 -4.48 2.73 32.16
C VAL A 492 -5.57 3.76 32.36
N LYS A 493 -5.34 4.80 33.10
CA LYS A 493 -6.23 5.88 33.48
C LYS A 493 -6.16 7.06 32.56
N SER A 494 -5.02 7.39 31.95
CA SER A 494 -4.86 8.48 31.02
C SER A 494 -3.39 8.55 30.56
N TRP A 495 -3.22 9.27 29.47
CA TRP A 495 -1.98 9.48 28.77
C TRP A 495 -1.47 10.91 28.81
N GLN A 496 -0.17 11.06 28.54
CA GLN A 496 0.46 12.38 28.48
C GLN A 496 -0.15 13.04 27.25
N THR A 497 -0.34 14.35 27.31
CA THR A 497 -0.93 15.07 26.21
C THR A 497 -0.16 14.97 24.91
N ILE A 498 1.12 15.39 24.95
CA ILE A 498 1.84 15.32 23.66
C ILE A 498 2.86 14.21 23.57
N GLN A 499 3.03 13.57 22.40
CA GLN A 499 4.07 12.56 22.29
C GLN A 499 5.45 13.16 22.49
N GLN A 500 6.32 12.65 23.35
CA GLN A 500 7.67 13.21 23.46
C GLN A 500 8.69 12.53 22.55
N SER A 501 9.83 13.23 22.32
CA SER A 501 10.87 12.57 21.51
C SER A 501 12.28 12.98 21.93
N TRP A 502 13.26 12.16 21.54
CA TRP A 502 14.65 12.44 21.94
C TRP A 502 15.49 12.04 20.73
N ASN A 503 15.95 13.05 19.97
CA ASN A 503 16.54 12.73 18.70
C ASN A 503 17.93 13.32 18.45
N PRO A 504 18.93 12.52 18.73
CA PRO A 504 18.74 11.18 19.28
C PRO A 504 18.93 11.16 20.76
N VAL A 505 18.86 10.01 21.44
CA VAL A 505 19.24 10.04 22.89
C VAL A 505 20.75 10.36 22.86
N PRO A 506 21.18 11.22 23.77
CA PRO A 506 22.56 11.60 23.84
C PRO A 506 23.45 10.56 24.55
N LEU A 507 24.67 10.59 24.00
CA LEU A 507 25.80 9.80 24.46
C LEU A 507 26.17 10.08 25.89
N LYS A 508 26.00 11.25 26.45
CA LYS A 508 26.34 11.57 27.85
C LYS A 508 25.10 11.66 28.73
N THR A 509 25.10 11.20 29.95
CA THR A 509 23.97 11.32 30.85
C THR A 509 23.45 12.72 31.07
N THR A 510 22.13 12.88 31.01
CA THR A 510 21.49 14.18 31.14
C THR A 510 20.01 14.06 31.40
N SER A 511 19.16 15.07 31.33
CA SER A 511 17.74 14.87 31.66
C SER A 511 16.85 15.29 30.51
N HIS A 512 15.70 14.65 30.42
CA HIS A 512 14.73 15.00 29.38
C HIS A 512 13.51 15.43 30.23
N THR A 513 13.12 16.70 30.17
CA THR A 513 12.00 17.16 30.95
C THR A 513 10.79 17.45 30.09
N SER A 514 9.60 17.11 30.59
CA SER A 514 8.40 17.42 29.82
C SER A 514 7.21 17.51 30.75
N SER A 515 6.13 18.08 30.24
CA SER A 515 4.95 18.29 31.07
C SER A 515 3.83 17.31 30.71
N TRP A 516 3.12 16.89 31.75
CA TRP A 516 1.91 16.10 31.44
C TRP A 516 1.15 16.75 30.31
N ALA B 1 15.72 22.14 -34.63
CA ALA B 1 16.02 22.13 -33.19
C ALA B 1 15.49 23.39 -32.54
N VAL B 2 15.49 23.42 -31.21
CA VAL B 2 15.05 24.65 -30.54
C VAL B 2 15.89 25.85 -30.96
N ASN B 3 15.19 26.96 -31.09
CA ASN B 3 15.76 28.25 -31.45
C ASN B 3 16.40 28.25 -32.82
N GLY B 4 15.81 27.50 -33.73
CA GLY B 4 16.17 27.49 -35.12
C GLY B 4 17.45 26.80 -35.51
N LYS B 5 18.17 26.26 -34.54
CA LYS B 5 19.40 25.51 -34.89
C LYS B 5 19.08 24.05 -35.22
N GLY B 6 20.12 23.27 -35.52
CA GLY B 6 20.02 21.83 -35.76
C GLY B 6 20.69 21.10 -34.56
N MET B 7 20.91 19.81 -34.77
CA MET B 7 21.52 18.87 -33.87
C MET B 7 23.02 19.17 -33.67
N ASN B 8 23.53 18.97 -32.46
CA ASN B 8 24.90 19.21 -32.05
C ASN B 8 25.88 18.44 -32.91
N PRO B 9 26.76 19.11 -33.65
CA PRO B 9 27.68 18.52 -34.57
C PRO B 9 28.70 17.59 -33.96
N ASP B 10 28.93 17.65 -32.68
CA ASP B 10 29.82 16.76 -31.95
C ASP B 10 29.13 15.55 -31.32
N TYR B 11 27.84 15.39 -31.56
CA TYR B 11 27.02 14.32 -31.05
C TYR B 11 27.65 12.94 -31.19
N LYS B 12 27.70 12.23 -30.06
CA LYS B 12 28.11 10.83 -30.09
C LYS B 12 27.19 10.01 -29.17
N ALA B 13 27.01 8.77 -29.56
CA ALA B 13 26.32 7.74 -28.82
C ALA B 13 27.29 6.86 -28.02
N TYR B 14 27.00 6.56 -26.79
CA TYR B 14 27.77 5.62 -25.99
C TYR B 14 26.94 4.41 -25.57
N LEU B 15 27.57 3.35 -25.04
CA LEU B 15 26.84 2.17 -24.57
C LEU B 15 27.28 1.88 -23.15
N MET B 16 26.39 1.66 -22.18
CA MET B 16 26.73 1.49 -20.77
C MET B 16 27.17 0.03 -20.63
N ALA B 17 28.26 -0.19 -19.86
CA ALA B 17 28.65 -1.66 -19.81
C ALA B 17 27.74 -2.34 -18.80
N PRO B 18 27.73 -3.63 -18.67
CA PRO B 18 26.91 -4.34 -17.69
C PRO B 18 27.22 -3.95 -16.28
N LEU B 19 26.51 -4.27 -15.23
CA LEU B 19 26.98 -3.93 -13.85
C LEU B 19 27.95 -4.97 -13.34
N LYS B 20 27.88 -6.18 -13.87
CA LYS B 20 28.75 -7.29 -13.51
C LYS B 20 30.10 -7.22 -14.22
N LYS B 21 31.18 -7.77 -13.76
CA LYS B 21 32.45 -7.73 -14.48
C LYS B 21 32.33 -8.57 -15.74
N ILE B 22 33.11 -8.24 -16.79
CA ILE B 22 33.00 -8.89 -18.09
C ILE B 22 33.20 -10.39 -18.01
N PRO B 23 34.20 -10.86 -17.28
CA PRO B 23 34.48 -12.26 -17.15
C PRO B 23 33.42 -12.95 -16.35
N GLU B 24 32.50 -12.25 -15.72
CA GLU B 24 31.34 -12.92 -15.12
C GLU B 24 30.25 -13.07 -16.19
N VAL B 25 30.36 -12.26 -17.23
CA VAL B 25 29.39 -12.26 -18.31
C VAL B 25 29.85 -13.11 -19.49
N THR B 26 31.08 -13.03 -19.98
CA THR B 26 31.61 -13.75 -21.10
C THR B 26 33.13 -13.86 -20.92
N ASN B 27 33.84 -14.04 -22.01
CA ASN B 27 35.29 -14.07 -22.12
C ASN B 27 35.77 -12.82 -22.88
N TRP B 28 37.01 -12.42 -22.69
CA TRP B 28 37.53 -11.19 -23.28
C TRP B 28 37.39 -11.17 -24.80
N GLU B 29 37.59 -12.26 -25.50
CA GLU B 29 37.59 -12.31 -26.95
C GLU B 29 36.19 -12.11 -27.56
N THR B 30 35.16 -12.50 -26.81
CA THR B 30 33.77 -12.34 -27.28
C THR B 30 33.41 -10.88 -27.07
N PHE B 31 33.81 -10.39 -25.91
CA PHE B 31 33.58 -9.02 -25.49
C PHE B 31 34.19 -8.05 -26.51
N GLU B 32 35.36 -8.43 -27.01
CA GLU B 32 36.02 -7.56 -27.99
C GLU B 32 35.16 -7.46 -29.24
N ASN B 33 34.65 -8.58 -29.69
CA ASN B 33 33.76 -8.75 -30.82
C ASN B 33 32.34 -8.15 -30.67
N ASP B 34 31.80 -8.10 -29.45
CA ASP B 34 30.54 -7.40 -29.19
C ASP B 34 30.79 -5.91 -29.38
N LEU B 35 32.04 -5.52 -29.07
CA LEU B 35 32.41 -4.09 -29.17
C LEU B 35 32.50 -3.69 -30.65
N ARG B 36 33.03 -4.61 -31.43
CA ARG B 36 33.03 -4.42 -32.88
C ARG B 36 31.62 -4.34 -33.46
N TRP B 37 30.69 -5.15 -32.96
CA TRP B 37 29.32 -5.07 -33.42
C TRP B 37 28.74 -3.75 -32.93
N ALA B 38 28.99 -3.35 -31.67
CA ALA B 38 28.46 -2.09 -31.16
C ALA B 38 28.94 -0.94 -32.03
N LYS B 39 30.26 -0.87 -32.26
CA LYS B 39 30.83 0.23 -33.04
C LYS B 39 30.18 0.44 -34.40
N GLN B 40 29.88 -0.66 -35.07
CA GLN B 40 29.24 -0.72 -36.34
C GLN B 40 27.78 -0.21 -36.27
N ASN B 41 27.19 -0.29 -35.08
CA ASN B 41 25.85 0.20 -34.92
C ASN B 41 25.87 1.66 -34.49
N GLY B 42 27.01 2.32 -34.66
CA GLY B 42 27.09 3.73 -34.34
C GLY B 42 27.61 4.06 -32.99
N PHE B 43 27.90 3.15 -32.07
CA PHE B 43 28.40 3.59 -30.74
C PHE B 43 29.86 4.04 -30.84
N TYR B 44 30.29 5.07 -30.13
CA TYR B 44 31.62 5.61 -30.14
C TYR B 44 32.45 5.12 -28.93
N ALA B 45 31.76 4.93 -27.79
CA ALA B 45 32.54 4.47 -26.64
C ALA B 45 31.70 3.57 -25.74
N ILE B 46 32.38 2.83 -24.85
CA ILE B 46 31.60 2.02 -23.91
C ILE B 46 31.86 2.74 -22.62
N THR B 47 30.87 3.06 -21.84
CA THR B 47 31.07 3.72 -20.55
C THR B 47 31.07 2.67 -19.45
N VAL B 48 31.94 2.73 -18.44
CA VAL B 48 31.98 1.61 -17.48
C VAL B 48 32.26 2.04 -16.07
N ASP B 49 31.71 1.43 -15.04
CA ASP B 49 32.08 1.81 -13.69
C ASP B 49 33.31 0.96 -13.22
N PHE B 50 34.16 1.63 -12.50
CA PHE B 50 35.28 0.95 -11.84
C PHE B 50 35.07 1.38 -10.39
N TRP B 51 34.68 0.46 -9.57
CA TRP B 51 34.25 0.68 -8.20
C TRP B 51 35.40 0.94 -7.26
N TRP B 52 35.28 1.91 -6.36
CA TRP B 52 36.27 2.16 -5.35
C TRP B 52 36.52 0.88 -4.54
N GLY B 53 35.42 0.16 -4.20
CA GLY B 53 35.55 -1.02 -3.34
C GLY B 53 36.30 -2.14 -4.04
N ASP B 54 36.51 -2.13 -5.33
CA ASP B 54 37.37 -3.09 -5.98
C ASP B 54 38.82 -2.58 -6.07
N MET B 55 38.97 -1.28 -6.23
CA MET B 55 40.24 -0.63 -6.55
C MET B 55 41.04 -0.35 -5.29
N GLU B 56 40.48 -0.05 -4.14
CA GLU B 56 41.35 0.23 -2.96
C GLU B 56 40.79 -0.49 -1.73
N LYS B 57 40.48 -1.75 -1.91
CA LYS B 57 39.88 -2.64 -0.95
C LYS B 57 40.61 -2.93 0.35
N ASN B 58 41.87 -3.40 0.25
CA ASN B 58 42.47 -3.94 1.46
C ASN B 58 42.91 -2.89 2.41
N GLY B 59 43.08 -1.62 2.06
CA GLY B 59 43.54 -0.65 3.05
C GLY B 59 43.99 0.61 2.30
N ASP B 60 44.28 1.67 2.97
CA ASP B 60 44.71 2.94 2.42
C ASP B 60 45.93 2.73 1.52
N GLN B 61 45.82 3.09 0.28
CA GLN B 61 46.84 3.09 -0.73
C GLN B 61 47.22 1.67 -1.16
N GLN B 62 46.36 0.70 -0.92
CA GLN B 62 46.63 -0.65 -1.42
C GLN B 62 45.67 -0.81 -2.61
N PHE B 63 46.18 -0.40 -3.76
CA PHE B 63 45.50 -0.28 -5.01
C PHE B 63 45.55 -1.54 -5.84
N ASP B 64 44.46 -1.77 -6.57
CA ASP B 64 44.47 -2.86 -7.56
C ASP B 64 43.75 -2.30 -8.80
N PHE B 65 44.48 -2.06 -9.88
CA PHE B 65 43.91 -1.50 -11.09
C PHE B 65 43.97 -2.55 -12.18
N SER B 66 44.31 -3.77 -11.78
CA SER B 66 44.44 -4.80 -12.80
C SER B 66 43.22 -5.02 -13.65
N TYR B 67 41.99 -4.95 -13.17
CA TYR B 67 40.78 -5.16 -13.96
C TYR B 67 40.56 -3.98 -14.89
N ALA B 68 40.74 -2.74 -14.49
CA ALA B 68 40.60 -1.57 -15.37
C ALA B 68 41.64 -1.57 -16.48
N GLN B 69 42.85 -2.03 -16.14
CA GLN B 69 43.89 -2.12 -17.17
C GLN B 69 43.54 -3.22 -18.16
N ARG B 70 43.05 -4.35 -17.67
CA ARG B 70 42.66 -5.45 -18.57
C ARG B 70 41.49 -5.07 -19.48
N PHE B 71 40.56 -4.31 -18.88
CA PHE B 71 39.39 -3.81 -19.60
C PHE B 71 39.86 -2.83 -20.68
N ALA B 72 40.74 -1.90 -20.33
CA ALA B 72 41.21 -0.97 -21.37
C ALA B 72 41.90 -1.71 -22.50
N GLN B 73 42.70 -2.72 -22.17
CA GLN B 73 43.42 -3.44 -23.21
C GLN B 73 42.44 -3.99 -24.22
N SER B 74 41.33 -4.59 -23.78
CA SER B 74 40.36 -5.20 -24.72
C SER B 74 39.59 -4.19 -25.57
N VAL B 75 39.27 -3.05 -24.91
CA VAL B 75 38.63 -1.97 -25.65
C VAL B 75 39.61 -1.55 -26.73
N LYS B 76 40.88 -1.49 -26.36
CA LYS B 76 41.88 -1.15 -27.43
C LYS B 76 41.90 -2.21 -28.51
N ASN B 77 41.94 -3.50 -28.23
CA ASN B 77 41.94 -4.47 -29.31
C ASN B 77 40.69 -4.31 -30.17
N ALA B 78 39.59 -3.76 -29.62
CA ALA B 78 38.37 -3.78 -30.45
C ALA B 78 38.29 -2.55 -31.34
N GLY B 79 39.23 -1.61 -31.16
CA GLY B 79 39.22 -0.39 -31.97
C GLY B 79 38.16 0.57 -31.42
N MET B 80 37.86 0.51 -30.13
CA MET B 80 36.84 1.35 -29.54
C MET B 80 37.43 2.36 -28.59
N LYS B 81 36.63 3.18 -27.96
CA LYS B 81 37.04 4.07 -26.88
C LYS B 81 36.25 3.70 -25.63
N MET B 82 36.67 4.20 -24.47
CA MET B 82 35.96 3.91 -23.25
C MET B 82 35.88 5.22 -22.48
N ILE B 83 34.96 5.27 -21.52
CA ILE B 83 34.79 6.37 -20.66
C ILE B 83 34.63 5.72 -19.26
N PRO B 84 35.70 5.73 -18.52
CA PRO B 84 35.64 5.10 -17.20
C PRO B 84 34.79 5.96 -16.31
N ILE B 85 34.11 5.43 -15.31
CA ILE B 85 33.55 6.21 -14.23
C ILE B 85 34.29 5.92 -12.95
N ILE B 86 34.69 6.91 -12.17
CA ILE B 86 35.43 6.65 -10.95
C ILE B 86 34.44 6.61 -9.79
N SER B 87 33.86 5.43 -9.58
CA SER B 87 32.77 5.22 -8.66
C SER B 87 33.06 5.06 -7.20
N THR B 88 33.01 6.18 -6.51
CA THR B 88 33.29 6.23 -5.10
C THR B 88 32.00 5.97 -4.33
N HIS B 89 31.07 5.29 -5.01
CA HIS B 89 29.86 4.89 -4.29
C HIS B 89 29.67 3.38 -4.38
N GLN B 90 28.67 3.00 -3.57
CA GLN B 90 28.28 1.58 -3.52
C GLN B 90 27.59 1.06 -4.76
N CYS B 91 27.96 -0.09 -5.24
CA CYS B 91 27.26 -0.80 -6.29
C CYS B 91 26.33 -1.79 -5.51
N GLY B 92 25.06 -1.67 -5.83
CA GLY B 92 23.96 -2.42 -5.34
C GLY B 92 23.94 -2.72 -3.87
N GLY B 93 24.07 -3.99 -3.53
CA GLY B 93 23.94 -4.44 -2.15
C GLY B 93 22.54 -5.04 -1.96
N ASN B 94 21.47 -4.41 -2.42
CA ASN B 94 20.13 -4.97 -2.13
C ASN B 94 19.88 -6.33 -2.75
N VAL B 95 18.82 -6.99 -2.25
CA VAL B 95 18.51 -8.36 -2.70
C VAL B 95 17.99 -8.32 -4.14
N GLY B 96 18.60 -9.17 -4.96
CA GLY B 96 18.31 -9.17 -6.39
C GLY B 96 19.38 -8.43 -7.20
N ASP B 97 19.97 -7.38 -6.61
CA ASP B 97 20.97 -6.53 -7.26
C ASP B 97 22.06 -7.30 -7.95
N ASP B 98 22.57 -6.83 -9.08
CA ASP B 98 23.53 -7.61 -9.86
C ASP B 98 24.96 -7.51 -9.40
N CYS B 99 25.17 -6.67 -8.40
CA CYS B 99 26.48 -6.44 -7.85
C CYS B 99 26.22 -6.16 -6.38
N ASN B 100 27.28 -6.25 -5.62
CA ASN B 100 27.33 -5.85 -4.23
C ASN B 100 28.79 -5.36 -4.05
N VAL B 101 29.03 -4.07 -4.14
CA VAL B 101 30.36 -3.55 -3.91
C VAL B 101 30.27 -2.26 -3.12
N PRO B 102 30.31 -2.30 -1.80
CA PRO B 102 30.37 -1.13 -0.97
C PRO B 102 31.73 -0.45 -1.04
N ILE B 103 31.83 0.72 -0.46
CA ILE B 103 33.00 1.57 -0.25
C ILE B 103 33.93 0.81 0.69
N PRO B 104 35.25 0.88 0.54
CA PRO B 104 36.18 0.15 1.40
C PRO B 104 35.86 0.37 2.86
N SER B 105 35.69 -0.71 3.59
CA SER B 105 35.23 -0.61 4.98
C SER B 105 36.25 0.08 5.83
N TRP B 106 37.52 0.11 5.42
CA TRP B 106 38.54 0.77 6.27
C TRP B 106 38.36 2.27 6.25
N VAL B 107 37.74 2.88 5.24
CA VAL B 107 37.50 4.34 5.32
C VAL B 107 36.75 4.84 6.54
N TRP B 108 35.76 4.13 7.11
CA TRP B 108 35.02 4.66 8.23
C TRP B 108 35.83 4.77 9.53
N ASN B 109 36.91 4.01 9.67
CA ASN B 109 37.69 4.09 10.90
C ASN B 109 38.45 5.41 10.93
N GLN B 110 38.39 6.20 9.85
CA GLN B 110 39.17 7.43 9.88
C GLN B 110 38.57 8.50 10.77
N LYS B 111 37.29 8.37 11.16
CA LYS B 111 36.71 9.43 11.95
C LYS B 111 35.99 8.81 13.15
N SER B 112 36.00 9.54 14.26
CA SER B 112 35.31 8.98 15.41
C SER B 112 34.02 9.75 15.65
N ASP B 113 33.72 10.77 14.86
CA ASP B 113 32.42 11.45 14.99
C ASP B 113 31.48 10.88 13.96
N ASP B 114 30.34 11.50 13.64
CA ASP B 114 29.40 10.96 12.67
C ASP B 114 29.53 11.71 11.33
N SER B 115 30.71 12.32 11.07
CA SER B 115 30.93 13.13 9.92
C SER B 115 30.90 12.49 8.58
N LEU B 116 31.19 11.23 8.47
CA LEU B 116 31.33 10.66 7.12
C LEU B 116 30.03 10.13 6.56
N TYR B 117 28.98 9.98 7.42
CA TYR B 117 27.81 9.37 6.76
C TYR B 117 26.57 10.22 6.86
N PHE B 118 25.41 9.68 6.42
CA PHE B 118 24.17 10.43 6.52
C PHE B 118 23.19 9.82 7.52
N LYS B 119 22.43 10.70 8.11
CA LYS B 119 21.28 10.46 8.97
C LYS B 119 20.03 11.23 8.50
N SER B 120 18.93 10.51 8.33
CA SER B 120 17.68 11.09 7.83
C SER B 120 16.89 11.69 8.98
N GLU B 121 15.81 12.38 8.64
CA GLU B 121 14.89 13.02 9.57
C GLU B 121 14.40 12.06 10.66
N THR B 122 14.20 10.83 10.26
CA THR B 122 13.72 9.80 11.16
C THR B 122 14.83 8.93 11.74
N GLY B 123 16.12 9.24 11.50
CA GLY B 123 17.19 8.48 12.10
C GLY B 123 17.85 7.44 11.24
N THR B 124 17.33 7.16 10.05
CA THR B 124 18.01 6.17 9.21
C THR B 124 19.40 6.73 8.83
N VAL B 125 20.38 5.84 8.87
CA VAL B 125 21.78 6.12 8.55
C VAL B 125 21.99 5.68 7.12
N ASN B 126 22.65 6.39 6.26
CA ASN B 126 22.94 5.90 4.93
C ASN B 126 24.45 5.90 4.75
N LYS B 127 25.04 4.85 4.23
CA LYS B 127 26.51 4.80 4.10
C LYS B 127 26.89 4.38 2.70
N GLU B 128 26.14 4.77 1.69
CA GLU B 128 26.50 4.30 0.33
C GLU B 128 27.48 5.18 -0.41
N THR B 129 27.91 6.29 0.17
CA THR B 129 28.91 7.20 -0.46
C THR B 129 29.33 8.08 0.66
N LEU B 130 30.42 8.80 0.74
CA LEU B 130 30.77 9.64 1.90
C LEU B 130 29.95 10.92 1.95
N ASN B 131 29.66 11.53 3.06
CA ASN B 131 28.90 12.77 3.16
C ASN B 131 29.82 13.88 2.66
N PRO B 132 29.40 14.66 1.69
CA PRO B 132 30.23 15.70 1.10
C PRO B 132 30.59 16.74 2.13
N LEU B 133 30.09 16.66 3.34
CA LEU B 133 30.54 17.55 4.40
C LEU B 133 31.97 17.20 4.89
N ALA B 134 32.40 15.97 4.78
CA ALA B 134 33.66 15.47 5.29
C ALA B 134 34.78 15.78 4.33
N SER B 135 34.91 17.05 3.95
CA SER B 135 35.76 17.42 2.83
C SER B 135 37.24 17.17 3.09
N ASP B 136 37.79 17.14 4.27
CA ASP B 136 39.17 16.82 4.62
C ASP B 136 39.46 15.37 4.26
N VAL B 137 38.49 14.48 4.52
CA VAL B 137 38.55 13.09 4.16
C VAL B 137 38.34 12.93 2.68
N ILE B 138 37.43 13.52 1.98
CA ILE B 138 37.29 13.39 0.52
C ILE B 138 38.49 13.90 -0.27
N ARG B 139 39.00 15.09 0.06
CA ARG B 139 40.17 15.65 -0.55
C ARG B 139 41.30 14.61 -0.57
N LYS B 140 41.53 14.04 0.63
CA LYS B 140 42.55 13.05 0.82
C LYS B 140 42.33 11.84 -0.03
N GLU B 141 41.23 11.12 0.21
CA GLU B 141 41.02 9.86 -0.51
C GLU B 141 40.71 10.01 -1.98
N TYR B 142 39.97 11.02 -2.41
CA TYR B 142 39.63 11.14 -3.83
C TYR B 142 40.88 11.67 -4.55
N GLY B 143 41.59 12.54 -3.88
CA GLY B 143 42.87 13.02 -4.45
C GLY B 143 43.75 11.79 -4.75
N GLU B 144 43.93 10.96 -3.70
CA GLU B 144 44.81 9.81 -3.87
C GLU B 144 44.43 8.89 -5.01
N LEU B 145 43.12 8.60 -5.05
CA LEU B 145 42.56 7.63 -6.00
C LEU B 145 42.58 8.11 -7.41
N TYR B 146 42.22 9.36 -7.66
CA TYR B 146 42.23 9.90 -9.02
C TYR B 146 43.69 9.89 -9.53
N THR B 147 44.61 10.25 -8.65
CA THR B 147 46.03 10.26 -9.08
C THR B 147 46.57 8.88 -9.38
N ALA B 148 46.20 7.81 -8.66
CA ALA B 148 46.74 6.49 -8.89
C ALA B 148 46.16 5.94 -10.16
N PHE B 149 44.84 6.16 -10.25
CA PHE B 149 44.09 5.79 -11.44
C PHE B 149 44.75 6.49 -12.62
N ALA B 150 44.99 7.81 -12.54
CA ALA B 150 45.64 8.39 -13.75
C ALA B 150 46.94 7.69 -14.14
N ALA B 151 47.78 7.35 -13.14
CA ALA B 151 49.04 6.67 -13.39
C ALA B 151 48.84 5.28 -13.90
N ALA B 152 47.87 4.47 -13.48
CA ALA B 152 47.68 3.14 -14.03
C ALA B 152 47.06 3.21 -15.39
N MET B 153 46.30 4.30 -15.69
CA MET B 153 45.72 4.33 -17.03
C MET B 153 46.58 5.05 -18.08
N LYS B 154 47.55 5.86 -17.61
CA LYS B 154 48.47 6.54 -18.55
C LYS B 154 48.75 5.79 -19.84
N PRO B 155 49.02 4.49 -19.84
CA PRO B 155 49.27 3.72 -21.06
C PRO B 155 48.11 3.50 -22.02
N TYR B 156 46.87 3.71 -21.57
CA TYR B 156 45.73 3.42 -22.46
C TYR B 156 45.08 4.75 -22.77
N LYS B 157 45.88 5.83 -22.58
CA LYS B 157 45.33 7.17 -22.77
C LYS B 157 44.72 7.37 -24.16
N ASP B 158 45.11 6.66 -25.19
CA ASP B 158 44.56 6.80 -26.51
C ASP B 158 43.13 6.26 -26.59
N VAL B 159 42.72 5.35 -25.64
CA VAL B 159 41.35 4.86 -25.71
C VAL B 159 40.37 5.63 -24.84
N ILE B 160 40.80 6.55 -24.00
CA ILE B 160 39.98 7.26 -23.06
C ILE B 160 39.40 8.54 -23.67
N ALA B 161 38.06 8.63 -23.78
CA ALA B 161 37.44 9.72 -24.48
C ALA B 161 36.97 10.70 -23.48
N LYS B 162 36.75 10.27 -22.25
CA LYS B 162 36.16 11.21 -21.23
C LYS B 162 36.27 10.51 -19.89
N ILE B 163 36.25 11.15 -18.79
CA ILE B 163 36.29 10.55 -17.47
C ILE B 163 35.06 11.05 -16.70
N TYR B 164 34.28 10.18 -16.06
CA TYR B 164 33.16 10.66 -15.27
C TYR B 164 33.50 10.56 -13.80
N LEU B 165 33.08 11.44 -12.91
CA LEU B 165 33.28 11.36 -11.48
C LEU B 165 31.92 11.01 -10.79
N SER B 166 32.00 10.43 -9.61
CA SER B 166 30.81 10.04 -8.88
C SER B 166 30.44 11.20 -7.95
N GLY B 167 29.28 11.85 -8.00
CA GLY B 167 29.17 12.91 -6.99
C GLY B 167 28.29 12.49 -5.82
N GLY B 168 27.97 11.20 -5.82
CA GLY B 168 27.19 10.66 -4.69
C GLY B 168 26.67 9.26 -5.02
N PRO B 169 25.56 9.02 -4.27
CA PRO B 169 24.84 7.76 -4.37
C PRO B 169 24.45 7.50 -5.81
N ALA B 170 24.67 6.26 -6.26
CA ALA B 170 24.36 5.83 -7.62
C ALA B 170 25.03 6.61 -8.70
N GLY B 171 26.08 7.31 -8.36
CA GLY B 171 26.93 8.10 -9.22
C GLY B 171 26.39 9.50 -9.47
N GLU B 172 25.39 9.92 -8.74
CA GLU B 172 24.77 11.22 -8.98
C GLU B 172 25.03 12.21 -7.87
N LEU B 173 25.17 13.49 -8.21
CA LEU B 173 25.43 14.49 -7.17
C LEU B 173 24.10 14.88 -6.50
N ARG B 174 23.83 14.38 -5.32
CA ARG B 174 22.58 14.46 -4.62
C ARG B 174 22.76 13.91 -3.21
N TYR B 175 21.73 13.93 -2.43
CA TYR B 175 21.71 13.35 -1.08
C TYR B 175 20.91 12.07 -1.21
N PRO B 176 21.17 11.08 -0.40
CA PRO B 176 20.43 9.82 -0.54
C PRO B 176 19.02 9.95 0.04
N SER B 177 18.16 10.82 -0.42
CA SER B 177 16.85 11.10 0.14
C SER B 177 15.75 10.12 -0.25
N TYR B 178 16.00 9.27 -1.25
CA TYR B 178 15.02 8.29 -1.66
C TYR B 178 15.49 6.84 -1.56
N THR B 179 15.09 6.15 -0.50
CA THR B 179 15.52 4.80 -0.22
C THR B 179 14.37 4.03 0.45
N THR B 180 14.43 2.73 0.27
CA THR B 180 13.44 1.83 0.80
C THR B 180 13.48 1.87 2.31
N SER B 181 14.71 1.86 2.85
CA SER B 181 14.86 1.86 4.29
C SER B 181 14.34 3.11 4.93
N ASP B 182 14.43 4.28 4.29
CA ASP B 182 13.99 5.50 4.98
C ASP B 182 12.50 5.61 4.66
N GLY B 183 12.07 4.69 3.82
CA GLY B 183 10.68 4.65 3.35
C GLY B 183 10.38 5.76 2.32
N THR B 184 11.37 6.10 1.49
CA THR B 184 11.23 7.22 0.57
C THR B 184 11.46 6.86 -0.87
N GLY B 185 11.23 5.58 -1.20
CA GLY B 185 11.40 5.25 -2.62
C GLY B 185 10.28 5.90 -3.43
N TYR B 186 10.49 5.96 -4.75
CA TYR B 186 9.46 6.46 -5.63
C TYR B 186 8.11 5.79 -5.37
N PRO B 187 7.04 6.55 -5.47
CA PRO B 187 7.12 7.98 -5.71
C PRO B 187 6.86 8.89 -4.52
N SER B 188 7.26 8.58 -3.30
CA SER B 188 6.98 9.48 -2.19
C SER B 188 7.86 10.70 -2.11
N ARG B 189 7.60 11.53 -1.10
CA ARG B 189 8.50 12.63 -0.87
C ARG B 189 9.80 12.09 -0.25
N GLY B 190 10.91 12.80 -0.41
CA GLY B 190 12.15 12.29 0.18
C GLY B 190 12.28 12.91 1.58
N LYS B 191 13.22 12.46 2.37
CA LYS B 191 13.50 12.97 3.69
C LYS B 191 14.81 13.75 3.63
N PHE B 192 14.91 14.83 4.40
CA PHE B 192 16.12 15.58 4.45
C PHE B 192 17.18 14.68 5.14
N GLN B 193 18.45 14.93 4.82
CA GLN B 193 19.50 13.96 5.13
C GLN B 193 20.67 14.66 5.80
N ALA B 194 20.36 15.59 6.70
CA ALA B 194 21.33 16.35 7.40
C ALA B 194 21.14 16.24 8.92
N TYR B 195 20.94 15.04 9.45
CA TYR B 195 20.68 14.98 10.89
C TYR B 195 21.76 14.34 11.74
N THR B 196 22.97 14.13 11.20
CA THR B 196 24.09 13.67 12.04
C THR B 196 24.44 14.90 12.88
N GLU B 197 25.10 14.73 14.02
CA GLU B 197 25.50 15.80 14.87
C GLU B 197 26.55 16.64 14.12
N PHE B 198 27.22 16.07 13.11
CA PHE B 198 28.13 16.92 12.34
C PHE B 198 27.37 17.92 11.46
N ALA B 199 26.41 17.41 10.68
CA ALA B 199 25.57 18.23 9.82
C ALA B 199 24.87 19.34 10.62
N LYS B 200 24.40 19.00 11.81
CA LYS B 200 23.73 19.98 12.67
C LYS B 200 24.70 21.09 13.00
N SER B 201 25.89 20.70 13.47
CA SER B 201 26.92 21.62 13.82
C SER B 201 27.27 22.52 12.63
N LYS B 202 27.37 21.95 11.45
CA LYS B 202 27.75 22.74 10.28
C LYS B 202 26.69 23.76 9.88
N PHE B 203 25.42 23.42 10.07
CA PHE B 203 24.36 24.38 9.70
C PHE B 203 24.40 25.51 10.73
N ARG B 204 24.53 25.13 12.00
CA ARG B 204 24.52 26.19 13.02
C ARG B 204 25.64 27.20 12.81
N LEU B 205 26.81 26.70 12.36
CA LEU B 205 27.99 27.53 12.15
C LEU B 205 27.87 28.44 10.96
N TRP B 206 27.29 27.92 9.88
CA TRP B 206 27.09 28.72 8.67
C TRP B 206 26.08 29.82 9.01
N VAL B 207 25.03 29.37 9.72
CA VAL B 207 24.00 30.36 10.04
C VAL B 207 24.62 31.52 10.80
N LEU B 208 25.42 31.19 11.81
CA LEU B 208 26.02 32.18 12.67
C LEU B 208 27.08 33.05 12.04
N ASN B 209 27.74 32.56 11.00
CA ASN B 209 28.71 33.47 10.37
C ASN B 209 27.94 34.23 9.30
N LYS B 210 26.68 33.94 9.02
CA LYS B 210 26.00 34.81 8.02
C LYS B 210 25.36 35.99 8.75
N TYR B 211 24.94 35.73 9.98
CA TYR B 211 24.24 36.77 10.73
C TYR B 211 25.06 37.37 11.84
N GLY B 212 26.06 36.68 12.36
CA GLY B 212 26.95 37.23 13.36
C GLY B 212 26.56 36.87 14.77
N SER B 213 25.28 36.96 15.10
CA SER B 213 24.86 36.54 16.43
C SER B 213 23.44 35.99 16.42
N LEU B 214 23.10 35.33 17.51
CA LEU B 214 21.75 34.84 17.77
C LEU B 214 20.83 36.05 17.62
N ASN B 215 21.09 37.17 18.32
CA ASN B 215 20.22 38.35 18.18
C ASN B 215 19.84 38.61 16.73
N GLU B 216 20.78 38.57 15.81
CA GLU B 216 20.54 38.76 14.38
C GLU B 216 19.95 37.56 13.67
N VAL B 217 20.04 36.36 14.24
CA VAL B 217 19.42 35.22 13.54
C VAL B 217 17.92 35.37 13.86
N ASN B 218 17.68 35.60 15.14
CA ASN B 218 16.34 35.73 15.69
C ASN B 218 15.56 36.84 14.97
N LYS B 219 16.30 37.81 14.48
CA LYS B 219 15.70 38.96 13.81
C LYS B 219 15.49 38.71 12.34
N ALA B 220 16.49 38.18 11.62
CA ALA B 220 16.23 37.86 10.21
C ALA B 220 15.16 36.76 10.16
N TRP B 221 15.09 35.93 11.18
CA TRP B 221 14.15 34.80 11.14
C TRP B 221 12.83 35.08 11.86
N GLY B 222 12.84 36.19 12.61
CA GLY B 222 11.71 36.58 13.45
C GLY B 222 11.38 35.41 14.37
N THR B 223 12.36 34.92 15.11
CA THR B 223 12.16 33.77 16.00
C THR B 223 12.60 34.24 17.39
N LYS B 224 12.48 33.43 18.43
CA LYS B 224 12.99 33.93 19.70
C LYS B 224 13.70 32.76 20.37
N LEU B 225 14.76 32.29 19.69
CA LEU B 225 15.36 31.07 20.21
C LEU B 225 16.33 31.49 21.31
N ILE B 226 16.25 30.78 22.41
CA ILE B 226 17.10 30.92 23.57
C ILE B 226 18.61 30.80 23.32
N SER B 227 19.03 29.77 22.60
CA SER B 227 20.40 29.41 22.36
C SER B 227 20.72 28.95 20.94
N GLU B 228 21.99 29.09 20.54
CA GLU B 228 22.33 28.69 19.17
C GLU B 228 22.18 27.18 19.06
N LEU B 229 21.97 26.56 20.22
CA LEU B 229 21.81 25.11 20.23
C LEU B 229 20.46 24.78 19.64
N ALA B 230 19.55 25.77 19.70
CA ALA B 230 18.23 25.60 19.10
C ALA B 230 18.18 25.90 17.61
N ILE B 231 19.32 26.28 17.01
CA ILE B 231 19.39 26.41 15.56
C ILE B 231 19.56 25.00 14.98
N LEU B 232 18.59 24.42 14.34
CA LEU B 232 18.57 23.09 13.78
C LEU B 232 17.93 22.97 12.40
N PRO B 233 18.14 21.86 11.71
CA PRO B 233 17.44 21.56 10.45
C PRO B 233 15.95 21.33 10.81
N PRO B 234 15.09 21.16 9.84
CA PRO B 234 13.65 20.99 10.10
C PRO B 234 13.18 19.83 10.97
N SER B 235 12.37 20.17 11.99
CA SER B 235 11.84 19.11 12.84
C SER B 235 10.78 18.32 12.09
N ASP B 236 10.13 18.91 11.09
CA ASP B 236 9.10 18.16 10.36
C ASP B 236 9.23 18.39 8.88
N GLY B 237 9.76 17.44 8.14
CA GLY B 237 9.99 17.53 6.73
C GLY B 237 8.78 17.90 5.89
N GLU B 238 7.64 17.32 6.26
CA GLU B 238 6.38 17.52 5.60
C GLU B 238 5.88 18.96 5.71
N GLN B 239 5.84 19.45 6.95
CA GLN B 239 5.43 20.82 7.13
C GLN B 239 6.41 21.68 6.33
N PHE B 240 7.71 21.43 6.56
CA PHE B 240 8.76 22.20 5.92
C PHE B 240 8.55 22.29 4.41
N LEU B 241 8.21 21.20 3.73
CA LEU B 241 8.01 21.25 2.30
C LEU B 241 6.65 21.87 1.95
N MET B 242 5.75 21.85 2.94
CA MET B 242 4.38 22.37 2.65
C MET B 242 4.43 23.90 2.78
N ASN B 243 5.14 24.43 3.76
CA ASN B 243 5.13 25.89 3.84
C ASN B 243 6.35 26.46 4.55
N GLY B 244 7.13 25.66 5.31
CA GLY B 244 8.32 26.19 5.95
C GLY B 244 9.34 26.63 4.90
N TYR B 245 9.38 26.05 3.70
CA TYR B 245 10.37 26.48 2.72
C TYR B 245 10.21 27.95 2.36
N LEU B 246 8.98 28.44 2.47
CA LEU B 246 8.66 29.82 2.18
C LEU B 246 9.27 30.81 3.18
N SER B 247 9.54 30.49 4.40
CA SER B 247 10.11 31.38 5.40
C SER B 247 11.59 31.69 5.21
N MET B 248 12.12 32.75 5.79
CA MET B 248 13.52 33.10 5.69
C MET B 248 14.39 31.95 6.24
N TYR B 249 13.97 31.26 7.28
CA TYR B 249 14.56 30.03 7.77
C TYR B 249 14.69 28.96 6.68
N GLY B 250 13.64 28.73 5.92
CA GLY B 250 13.57 27.72 4.91
C GLY B 250 14.53 27.95 3.75
N LYS B 251 14.65 29.25 3.42
CA LYS B 251 15.55 29.68 2.36
C LYS B 251 17.01 29.61 2.82
N ASP B 252 17.33 29.92 4.05
CA ASP B 252 18.64 29.79 4.62
C ASP B 252 19.01 28.30 4.73
N TYR B 253 18.05 27.54 5.27
CA TYR B 253 18.34 26.10 5.34
C TYR B 253 18.50 25.48 3.96
N LEU B 254 17.67 25.78 2.97
CA LEU B 254 17.88 25.17 1.68
C LEU B 254 19.17 25.65 0.97
N GLU B 255 19.56 26.88 1.22
CA GLU B 255 20.74 27.45 0.60
C GLU B 255 21.98 26.69 1.12
N TRP B 256 22.07 26.57 2.44
CA TRP B 256 23.09 25.78 3.08
C TRP B 256 23.10 24.37 2.52
N TYR B 257 21.95 23.68 2.52
CA TYR B 257 21.85 22.31 2.06
C TYR B 257 22.20 22.07 0.62
N GLN B 258 21.71 22.88 -0.34
CA GLN B 258 22.08 22.67 -1.72
C GLN B 258 23.58 23.06 -1.87
N GLY B 259 23.97 24.09 -1.13
CA GLY B 259 25.33 24.60 -1.30
C GLY B 259 26.42 23.52 -1.10
N ILE B 260 26.23 22.63 -0.11
CA ILE B 260 27.14 21.53 0.16
C ILE B 260 27.39 20.74 -1.12
N LEU B 261 26.36 20.55 -1.93
CA LEU B 261 26.63 19.79 -3.14
C LEU B 261 27.48 20.66 -4.11
N GLU B 262 27.24 21.94 -4.03
CA GLU B 262 27.86 22.91 -4.90
C GLU B 262 29.34 22.90 -4.57
N ASN B 263 29.70 22.98 -3.28
CA ASN B 263 31.04 22.96 -2.78
C ASN B 263 31.74 21.63 -3.06
N HIS B 264 31.01 20.51 -2.99
CA HIS B 264 31.51 19.21 -3.36
C HIS B 264 31.87 19.16 -4.85
N THR B 265 30.96 19.70 -5.66
CA THR B 265 31.18 19.68 -7.09
C THR B 265 32.53 20.37 -7.44
N LYS B 266 32.84 21.50 -6.81
CA LYS B 266 34.07 22.19 -7.13
C LYS B 266 35.27 21.45 -6.60
N LEU B 267 35.14 20.86 -5.39
CA LEU B 267 36.26 20.15 -4.77
C LEU B 267 36.66 19.00 -5.70
N ILE B 268 35.76 18.19 -6.20
CA ILE B 268 36.13 17.07 -7.06
C ILE B 268 36.52 17.45 -8.49
N GLY B 269 35.83 18.50 -8.96
CA GLY B 269 36.29 19.14 -10.16
C GLY B 269 37.77 19.48 -9.99
N GLU B 270 38.20 20.29 -9.02
CA GLU B 270 39.61 20.54 -8.78
C GLU B 270 40.46 19.27 -8.84
N LEU B 271 40.11 18.23 -8.08
CA LEU B 271 40.97 17.06 -7.94
C LEU B 271 41.05 16.27 -9.24
N ALA B 272 39.94 16.25 -9.98
CA ALA B 272 40.04 15.47 -11.25
C ALA B 272 40.95 16.21 -12.23
N HIS B 273 40.74 17.53 -12.34
CA HIS B 273 41.50 18.36 -13.28
C HIS B 273 42.97 18.27 -12.91
N ASN B 274 43.29 18.43 -11.62
CA ASN B 274 44.66 18.32 -11.18
C ASN B 274 45.18 16.91 -11.47
N ALA B 275 44.34 15.86 -11.44
CA ALA B 275 44.88 14.54 -11.64
C ALA B 275 44.91 14.17 -13.11
N PHE B 276 43.93 14.66 -13.93
CA PHE B 276 43.96 14.13 -15.29
C PHE B 276 44.43 15.02 -16.39
N ASP B 277 44.31 16.32 -16.25
CA ASP B 277 44.46 17.23 -17.40
C ASP B 277 45.74 17.06 -18.17
N THR B 278 46.88 17.10 -17.47
CA THR B 278 48.11 16.99 -18.28
C THR B 278 48.26 15.65 -18.95
N THR B 279 47.78 14.56 -18.39
CA THR B 279 47.95 13.24 -18.95
C THR B 279 47.00 12.89 -20.07
N PHE B 280 45.70 13.01 -19.82
CA PHE B 280 44.67 12.64 -20.77
C PHE B 280 44.10 13.77 -21.64
N GLN B 281 43.99 14.95 -21.05
CA GLN B 281 43.41 16.10 -21.72
C GLN B 281 42.02 15.75 -22.26
N VAL B 282 41.09 15.34 -21.39
CA VAL B 282 39.79 14.94 -21.94
C VAL B 282 38.73 15.63 -21.11
N PRO B 283 37.53 15.77 -21.62
CA PRO B 283 36.45 16.30 -20.80
C PRO B 283 36.20 15.41 -19.58
N ILE B 284 35.94 16.05 -18.45
CA ILE B 284 35.49 15.52 -17.22
C ILE B 284 34.04 15.93 -16.94
N GLY B 285 33.22 14.94 -16.55
CA GLY B 285 31.85 15.25 -16.15
C GLY B 285 31.40 14.59 -14.87
N ALA B 286 30.23 15.02 -14.39
CA ALA B 286 29.46 14.39 -13.34
C ALA B 286 27.95 14.29 -13.74
N LYS B 287 27.13 13.79 -12.84
CA LYS B 287 25.73 13.48 -13.07
C LYS B 287 24.78 14.05 -12.06
N ILE B 288 23.68 14.60 -12.54
CA ILE B 288 22.60 15.09 -11.65
C ILE B 288 21.42 14.12 -11.84
N ALA B 289 20.83 13.48 -10.86
CA ALA B 289 19.71 12.59 -11.02
C ALA B 289 18.45 13.22 -11.60
N GLY B 290 17.59 12.42 -12.19
CA GLY B 290 16.27 12.98 -12.63
C GLY B 290 15.27 12.73 -11.49
N VAL B 291 15.05 13.69 -10.59
CA VAL B 291 14.06 13.39 -9.52
C VAL B 291 12.75 13.97 -10.02
N HIS B 292 12.04 13.17 -10.82
CA HIS B 292 10.88 13.67 -11.51
C HIS B 292 9.55 13.46 -10.82
N TRP B 293 9.56 12.74 -9.71
CA TRP B 293 8.27 12.51 -9.01
C TRP B 293 8.05 13.61 -8.00
N GLN B 294 6.78 13.88 -7.70
CA GLN B 294 6.37 14.90 -6.76
C GLN B 294 6.69 16.31 -7.20
N TYR B 295 6.97 16.53 -8.45
CA TYR B 295 7.34 17.79 -9.05
C TYR B 295 6.21 18.84 -8.98
N ASN B 296 5.04 18.45 -9.48
CA ASN B 296 3.90 19.36 -9.49
C ASN B 296 2.85 18.91 -8.47
N ASN B 297 3.28 18.30 -7.38
CA ASN B 297 2.31 18.09 -6.30
C ASN B 297 1.89 19.47 -5.85
N PRO B 298 0.57 19.66 -5.68
CA PRO B 298 0.02 20.97 -5.33
C PRO B 298 0.34 21.37 -3.90
N THR B 299 0.31 20.46 -2.93
CA THR B 299 0.62 20.81 -1.57
C THR B 299 2.10 20.64 -1.16
N ILE B 300 2.86 19.75 -1.79
CA ILE B 300 4.31 19.67 -1.44
C ILE B 300 5.14 19.69 -2.72
N PRO B 301 5.24 20.86 -3.34
CA PRO B 301 5.81 20.99 -4.67
C PRO B 301 7.29 20.59 -4.63
N HIS B 302 7.71 19.92 -5.68
CA HIS B 302 9.07 19.44 -5.80
C HIS B 302 9.42 18.74 -4.51
N GLY B 303 8.48 17.94 -3.97
CA GLY B 303 8.72 17.32 -2.68
C GLY B 303 9.69 16.15 -2.63
N ALA B 304 10.20 15.75 -3.77
CA ALA B 304 11.26 14.76 -3.86
C ALA B 304 12.57 15.49 -4.26
N GLU B 305 12.53 16.68 -4.85
CA GLU B 305 13.81 17.27 -5.27
C GLU B 305 14.48 18.01 -4.11
N LYS B 306 13.69 18.73 -3.33
CA LYS B 306 14.29 19.53 -2.29
C LYS B 306 15.15 18.67 -1.37
N PRO B 307 14.64 17.59 -0.84
CA PRO B 307 15.38 16.73 0.07
C PRO B 307 16.63 16.14 -0.57
N ALA B 308 16.57 15.83 -1.87
CA ALA B 308 17.71 15.32 -2.58
C ALA B 308 18.76 16.45 -2.74
N GLY B 309 18.43 17.70 -2.46
CA GLY B 309 19.36 18.80 -2.63
C GLY B 309 19.08 19.65 -3.87
N TYR B 310 18.05 19.39 -4.66
CA TYR B 310 17.84 20.20 -5.88
C TYR B 310 16.72 21.24 -5.70
N ASN B 311 17.07 22.36 -5.10
CA ASN B 311 16.22 23.49 -4.86
C ASN B 311 16.36 24.54 -5.95
N ASP B 312 17.49 24.84 -6.56
CA ASP B 312 17.58 25.86 -7.60
C ASP B 312 18.63 25.36 -8.57
N TYR B 313 18.14 24.83 -9.65
CA TYR B 313 18.96 24.20 -10.65
C TYR B 313 19.91 25.21 -11.27
N SER B 314 19.56 26.51 -11.25
CA SER B 314 20.42 27.48 -11.92
C SER B 314 21.77 27.59 -11.22
N HIS B 315 21.74 27.82 -9.92
CA HIS B 315 22.89 27.87 -9.09
C HIS B 315 23.64 26.53 -9.09
N LEU B 316 22.88 25.42 -9.05
CA LEU B 316 23.54 24.11 -9.04
C LEU B 316 24.44 24.09 -10.27
N LEU B 317 23.92 24.42 -11.45
CA LEU B 317 24.65 24.39 -12.68
C LEU B 317 25.80 25.42 -12.74
N ASP B 318 25.70 26.51 -12.00
CA ASP B 318 26.80 27.46 -11.93
C ASP B 318 28.02 26.76 -11.30
N ALA B 319 27.78 25.73 -10.49
CA ALA B 319 28.91 25.01 -9.92
C ALA B 319 29.47 24.12 -11.00
N PHE B 320 28.74 23.38 -11.79
CA PHE B 320 29.35 22.60 -12.89
C PHE B 320 30.18 23.50 -13.80
N LYS B 321 29.73 24.75 -14.00
CA LYS B 321 30.42 25.69 -14.86
C LYS B 321 31.80 26.11 -14.35
N SER B 322 31.90 26.59 -13.09
CA SER B 322 33.20 26.90 -12.55
C SER B 322 34.12 25.67 -12.40
N ALA B 323 33.62 24.54 -11.95
CA ALA B 323 34.43 23.34 -11.79
C ALA B 323 34.88 22.76 -13.13
N LYS B 324 34.41 23.34 -14.23
CA LYS B 324 34.65 22.79 -15.55
C LYS B 324 34.26 21.33 -15.67
N LEU B 325 33.01 20.98 -15.36
CA LEU B 325 32.55 19.61 -15.59
C LEU B 325 31.41 19.55 -16.60
N ASP B 326 31.40 18.65 -17.60
CA ASP B 326 30.22 18.52 -18.43
C ASP B 326 29.13 17.94 -17.50
N VAL B 327 27.88 18.14 -17.86
CA VAL B 327 26.73 17.71 -17.08
C VAL B 327 26.10 16.49 -17.74
N THR B 328 25.70 15.50 -16.97
CA THR B 328 24.96 14.41 -17.68
C THR B 328 23.58 14.38 -17.00
N PHE B 329 22.53 14.28 -17.77
CA PHE B 329 21.17 14.22 -17.24
C PHE B 329 20.49 12.94 -17.66
N THR B 330 19.41 12.55 -17.00
CA THR B 330 18.70 11.32 -17.29
C THR B 330 17.19 11.53 -17.50
N CYS B 331 16.46 10.48 -17.86
CA CYS B 331 15.03 10.42 -18.06
C CYS B 331 14.60 10.91 -19.43
N LEU B 332 15.44 10.69 -20.41
CA LEU B 332 15.15 11.30 -21.72
C LEU B 332 14.11 10.51 -22.48
N GLU B 333 13.87 9.25 -22.13
CA GLU B 333 12.89 8.50 -22.89
C GLU B 333 11.49 8.69 -22.28
N MET B 334 11.34 9.48 -21.21
CA MET B 334 10.04 9.53 -20.55
C MET B 334 9.09 10.65 -20.89
N THR B 335 7.79 10.50 -20.48
CA THR B 335 6.87 11.60 -20.73
C THR B 335 6.29 12.23 -19.48
N ASP B 336 5.82 13.46 -19.63
CA ASP B 336 5.13 14.12 -18.53
C ASP B 336 3.82 13.38 -18.20
N LYS B 337 3.52 13.31 -16.91
CA LYS B 337 2.28 12.68 -16.47
C LYS B 337 1.48 13.82 -15.81
N GLY B 338 1.96 14.21 -14.66
CA GLY B 338 1.36 15.34 -13.99
C GLY B 338 0.19 15.00 -13.06
N SER B 339 -0.14 13.76 -12.85
CA SER B 339 -1.25 13.42 -11.98
C SER B 339 -0.96 12.70 -10.68
N TYR B 340 -1.99 12.56 -9.84
CA TYR B 340 -1.88 11.93 -8.51
C TYR B 340 -1.86 10.44 -8.78
N PRO B 341 -1.15 9.70 -7.95
CA PRO B 341 -0.42 10.23 -6.83
C PRO B 341 1.07 10.60 -7.00
N GLU B 342 1.66 10.34 -8.15
CA GLU B 342 3.06 10.50 -8.43
C GLU B 342 3.48 11.88 -8.91
N TYR B 343 2.61 12.63 -9.53
CA TYR B 343 2.94 14.00 -9.93
C TYR B 343 4.25 13.98 -10.68
N SER B 344 4.37 13.11 -11.69
CA SER B 344 5.63 12.92 -12.36
C SER B 344 5.80 13.68 -13.67
N MET B 345 6.76 14.61 -13.74
CA MET B 345 7.00 15.44 -14.89
C MET B 345 8.46 15.42 -15.42
N PRO B 346 8.93 14.26 -15.83
CA PRO B 346 10.26 14.09 -16.39
C PRO B 346 10.64 14.91 -17.59
N LYS B 347 9.75 14.90 -18.61
CA LYS B 347 10.02 15.57 -19.88
C LYS B 347 10.18 17.08 -19.65
N THR B 348 9.30 17.63 -18.81
CA THR B 348 9.45 19.01 -18.38
C THR B 348 10.78 19.22 -17.68
N LEU B 349 11.14 18.29 -16.78
CA LEU B 349 12.41 18.39 -16.10
C LEU B 349 13.59 18.46 -17.07
N VAL B 350 13.67 17.50 -17.98
CA VAL B 350 14.79 17.45 -18.94
C VAL B 350 14.82 18.74 -19.73
N GLN B 351 13.67 19.19 -20.20
CA GLN B 351 13.54 20.38 -21.02
C GLN B 351 14.13 21.60 -20.32
N ASN B 352 13.78 21.79 -19.08
CA ASN B 352 14.34 22.85 -18.27
C ASN B 352 15.83 22.84 -17.94
N ILE B 353 16.39 21.66 -17.67
CA ILE B 353 17.83 21.49 -17.37
C ILE B 353 18.59 21.76 -18.66
N ALA B 354 18.10 21.13 -19.74
CA ALA B 354 18.74 21.32 -21.03
C ALA B 354 18.84 22.82 -21.33
N THR B 355 17.74 23.55 -21.16
CA THR B 355 17.74 24.99 -21.35
C THR B 355 18.72 25.72 -20.46
N LEU B 356 18.75 25.43 -19.16
CA LEU B 356 19.65 26.20 -18.29
C LEU B 356 21.10 25.98 -18.73
N ALA B 357 21.37 24.74 -19.15
CA ALA B 357 22.68 24.30 -19.55
C ALA B 357 23.12 24.94 -20.86
N ASN B 358 22.26 24.85 -21.88
CA ASN B 358 22.61 25.45 -23.18
C ASN B 358 22.87 26.93 -22.98
N GLU B 359 22.10 27.58 -22.15
CA GLU B 359 22.23 28.97 -21.76
C GLU B 359 23.58 29.26 -21.11
N LYS B 360 24.03 28.46 -20.14
CA LYS B 360 25.27 28.74 -19.47
C LYS B 360 26.49 28.27 -20.24
N GLY B 361 26.26 27.67 -21.42
CA GLY B 361 27.42 27.19 -22.19
C GLY B 361 28.04 25.95 -21.53
N ILE B 362 27.25 25.12 -20.85
CA ILE B 362 27.68 23.88 -20.25
C ILE B 362 27.47 22.73 -21.20
N VAL B 363 28.43 21.90 -21.55
CA VAL B 363 28.21 20.72 -22.37
C VAL B 363 27.30 19.69 -21.67
N LEU B 364 26.34 19.24 -22.49
CA LEU B 364 25.31 18.38 -21.94
C LEU B 364 25.18 17.01 -22.51
N ASN B 365 25.10 16.05 -21.59
CA ASN B 365 24.95 14.65 -22.00
C ASN B 365 23.68 14.03 -21.43
N GLY B 366 23.15 12.98 -22.05
CA GLY B 366 21.91 12.38 -21.52
C GLY B 366 21.96 10.88 -21.41
N GLU B 367 21.07 10.29 -20.62
CA GLU B 367 20.88 8.85 -20.56
C GLU B 367 19.38 8.48 -20.42
N ASN B 368 18.90 7.31 -20.86
CA ASN B 368 17.56 6.83 -20.56
C ASN B 368 17.55 6.45 -19.07
N ALA B 369 16.43 6.51 -18.37
CA ALA B 369 16.48 6.17 -16.95
C ALA B 369 16.22 4.68 -16.74
N LEU B 370 15.41 4.10 -17.61
CA LEU B 370 15.07 2.69 -17.50
C LEU B 370 15.25 2.04 -18.85
N SER B 371 15.36 0.73 -18.92
CA SER B 371 15.63 0.08 -20.20
C SER B 371 14.51 0.30 -21.22
N ILE B 372 14.92 0.24 -22.47
CA ILE B 372 14.03 0.48 -23.59
C ILE B 372 13.83 -0.81 -24.33
N GLY B 373 12.54 -1.20 -24.39
CA GLY B 373 12.15 -2.41 -25.08
C GLY B 373 11.45 -2.07 -26.38
N ASN B 374 11.26 -0.80 -26.75
CA ASN B 374 10.61 -0.67 -28.08
C ASN B 374 10.95 0.65 -28.74
N GLU B 375 10.95 0.66 -30.07
CA GLU B 375 11.41 1.80 -30.83
C GLU B 375 10.73 3.10 -30.48
N GLU B 376 9.55 3.03 -29.90
CA GLU B 376 8.84 4.28 -29.59
C GLU B 376 9.59 5.07 -28.52
N GLU B 377 10.29 4.37 -27.63
CA GLU B 377 11.10 5.07 -26.62
C GLU B 377 12.37 5.67 -27.24
N TYR B 378 12.97 5.01 -28.23
CA TYR B 378 14.07 5.61 -28.97
C TYR B 378 13.62 6.93 -29.59
N LYS B 379 12.39 6.97 -30.13
CA LYS B 379 11.94 8.22 -30.73
C LYS B 379 11.83 9.37 -29.77
N ARG B 380 11.46 9.17 -28.51
CA ARG B 380 11.47 10.27 -27.55
C ARG B 380 12.89 10.73 -27.29
N VAL B 381 13.72 9.70 -27.01
CA VAL B 381 15.16 10.03 -26.77
C VAL B 381 15.62 10.87 -27.96
N ALA B 382 15.35 10.35 -29.18
CA ALA B 382 15.79 11.13 -30.34
C ALA B 382 15.34 12.58 -30.29
N GLU B 383 14.13 12.78 -29.76
CA GLU B 383 13.51 14.07 -29.73
C GLU B 383 14.20 15.04 -28.80
N MET B 384 14.50 14.61 -27.59
CA MET B 384 15.18 15.49 -26.62
C MET B 384 16.64 15.65 -27.04
N ALA B 385 17.19 14.53 -27.55
CA ALA B 385 18.60 14.58 -27.89
C ALA B 385 18.92 15.57 -29.02
N PHE B 386 18.35 15.30 -30.16
CA PHE B 386 18.59 16.15 -31.32
C PHE B 386 17.82 17.43 -31.27
N ASN B 387 16.99 17.78 -30.27
CA ASN B 387 16.42 19.11 -30.32
C ASN B 387 16.91 20.01 -29.22
N TYR B 388 17.42 19.45 -28.13
CA TYR B 388 17.92 20.30 -27.05
C TYR B 388 19.43 20.38 -26.98
N ASN B 389 20.13 20.09 -28.07
CA ASN B 389 21.56 20.24 -28.22
C ASN B 389 22.49 19.36 -27.37
N PHE B 390 22.09 18.11 -27.13
CA PHE B 390 22.92 17.19 -26.36
C PHE B 390 24.16 16.80 -27.17
N ALA B 391 25.33 16.72 -26.55
CA ALA B 391 26.56 16.31 -27.18
C ALA B 391 26.69 14.78 -27.16
N GLY B 392 25.98 14.15 -26.22
CA GLY B 392 26.03 12.68 -26.17
C GLY B 392 24.81 11.99 -25.65
N PHE B 393 24.64 10.75 -26.04
CA PHE B 393 23.52 9.96 -25.50
C PHE B 393 24.10 8.64 -25.00
N THR B 394 23.84 8.28 -23.76
CA THR B 394 24.31 6.97 -23.29
C THR B 394 23.12 6.03 -23.14
N LEU B 395 23.17 4.87 -23.76
CA LEU B 395 22.13 3.89 -23.69
C LEU B 395 22.40 3.00 -22.48
N LEU B 396 21.52 2.99 -21.48
CA LEU B 396 21.62 1.93 -20.48
C LEU B 396 20.72 0.81 -20.98
N ARG B 397 21.23 -0.37 -21.18
CA ARG B 397 22.53 -0.90 -20.90
C ARG B 397 22.84 -1.98 -21.95
N TYR B 398 24.09 -2.36 -22.04
CA TYR B 398 24.66 -3.30 -22.97
C TYR B 398 23.82 -4.45 -23.45
N GLN B 399 23.35 -5.29 -22.55
CA GLN B 399 22.56 -6.48 -22.79
C GLN B 399 21.25 -6.22 -23.52
N ASP B 400 20.61 -5.09 -23.26
CA ASP B 400 19.34 -4.81 -23.93
C ASP B 400 19.48 -4.76 -25.45
N VAL B 401 20.50 -4.11 -26.01
CA VAL B 401 20.63 -4.19 -27.47
C VAL B 401 21.50 -5.34 -27.95
N MET B 402 22.48 -5.75 -27.12
CA MET B 402 23.42 -6.78 -27.61
C MET B 402 22.63 -8.04 -27.92
N TYR B 403 21.83 -8.42 -26.91
CA TYR B 403 21.07 -9.66 -27.10
C TYR B 403 19.75 -9.45 -27.80
N ASN B 404 19.56 -8.40 -28.60
CA ASN B 404 18.29 -8.20 -29.32
C ASN B 404 18.54 -7.50 -30.64
N ASN B 405 18.66 -8.25 -31.73
CA ASN B 405 18.99 -7.62 -33.01
C ASN B 405 17.94 -6.66 -33.53
N SER B 406 16.69 -6.87 -33.11
CA SER B 406 15.61 -6.01 -33.61
C SER B 406 15.82 -4.59 -33.14
N LEU B 407 16.05 -4.42 -31.84
CA LEU B 407 16.25 -3.11 -31.27
C LEU B 407 17.54 -2.45 -31.76
N MET B 408 18.64 -3.18 -31.78
CA MET B 408 19.97 -2.67 -32.11
C MET B 408 19.88 -1.93 -33.44
N GLY B 409 19.23 -2.57 -34.40
CA GLY B 409 19.04 -1.93 -35.72
C GLY B 409 18.15 -0.69 -35.62
N LYS B 410 17.21 -0.67 -34.69
CA LYS B 410 16.35 0.47 -34.50
C LYS B 410 17.26 1.56 -33.96
N PHE B 411 18.02 1.16 -32.94
CA PHE B 411 18.95 2.06 -32.30
C PHE B 411 19.91 2.65 -33.34
N LYS B 412 20.56 1.83 -34.13
CA LYS B 412 21.45 2.41 -35.13
C LYS B 412 20.71 3.43 -35.99
N ASP B 413 19.57 3.04 -36.56
CA ASP B 413 18.83 3.95 -37.45
C ASP B 413 18.52 5.27 -36.80
N LEU B 414 18.06 5.28 -35.57
CA LEU B 414 17.58 6.47 -34.91
C LEU B 414 18.58 7.22 -34.07
N LEU B 415 19.48 6.51 -33.34
CA LEU B 415 20.36 7.27 -32.46
C LEU B 415 21.84 7.05 -32.80
N GLY B 416 22.21 6.01 -33.54
CA GLY B 416 23.63 5.74 -33.71
C GLY B 416 24.16 6.51 -34.90
N VAL B 417 23.98 7.82 -34.91
CA VAL B 417 24.18 8.55 -36.16
C VAL B 417 25.43 9.40 -36.13
N THR B 418 25.99 9.66 -37.32
CA THR B 418 27.12 10.56 -37.47
C THR B 418 26.64 11.84 -38.13
N PRO B 419 26.72 12.93 -37.40
CA PRO B 419 26.36 14.21 -37.91
C PRO B 419 27.41 14.73 -38.89
N VAL B 420 26.86 15.38 -39.91
CA VAL B 420 27.68 15.99 -40.94
C VAL B 420 26.98 17.29 -41.38
N MET B 421 27.81 18.29 -41.67
CA MET B 421 27.29 19.53 -42.18
C MET B 421 26.86 19.37 -43.65
N GLN B 422 25.72 20.02 -43.94
CA GLN B 422 25.22 20.05 -45.33
C GLN B 422 24.61 21.43 -45.58
N THR B 423 24.51 21.80 -46.86
CA THR B 423 24.03 23.13 -47.25
C THR B 423 22.71 22.93 -48.02
N ILE B 424 21.66 23.56 -47.49
CA ILE B 424 20.32 23.42 -48.08
C ILE B 424 20.00 24.74 -48.78
N VAL B 425 19.67 24.61 -50.07
CA VAL B 425 19.33 25.88 -50.75
C VAL B 425 17.93 25.78 -51.35
N VAL B 426 17.15 26.81 -50.98
CA VAL B 426 15.80 26.86 -51.50
C VAL B 426 15.71 28.11 -52.41
N LYS B 427 15.44 27.83 -53.69
CA LYS B 427 15.28 29.00 -54.56
C LYS B 427 13.86 29.16 -55.10
N ASN B 428 13.52 30.44 -55.27
CA ASN B 428 12.28 30.92 -55.85
C ASN B 428 11.20 31.07 -54.78
N VAL B 429 11.61 31.58 -53.62
CA VAL B 429 10.72 31.64 -52.47
C VAL B 429 10.03 32.98 -52.33
N PRO B 430 8.70 32.92 -52.37
CA PRO B 430 7.84 34.08 -52.35
C PRO B 430 7.69 34.77 -51.02
N THR B 431 8.76 35.36 -50.50
CA THR B 431 8.60 36.01 -49.19
C THR B 431 8.21 37.46 -49.36
N THR B 432 7.69 38.02 -48.29
CA THR B 432 7.38 39.44 -48.20
C THR B 432 8.03 39.94 -46.91
N ILE B 433 7.97 41.23 -46.69
CA ILE B 433 8.56 41.82 -45.52
C ILE B 433 8.02 41.31 -44.19
N GLY B 434 8.99 40.86 -43.37
CA GLY B 434 8.69 40.43 -42.00
C GLY B 434 8.93 38.94 -41.92
N ASP B 435 8.65 38.28 -43.03
CA ASP B 435 8.74 36.85 -43.19
C ASP B 435 10.08 36.21 -42.90
N THR B 436 9.99 34.95 -42.40
CA THR B 436 11.14 34.11 -42.16
C THR B 436 11.01 32.80 -42.92
N VAL B 437 12.14 32.14 -43.19
CA VAL B 437 12.03 30.83 -43.87
C VAL B 437 12.61 29.73 -42.99
N TYR B 438 12.07 28.52 -43.01
CA TYR B 438 12.50 27.43 -42.15
C TYR B 438 12.32 26.09 -42.85
N ILE B 439 12.96 25.00 -42.45
CA ILE B 439 12.71 23.68 -42.96
C ILE B 439 12.30 22.81 -41.76
N THR B 440 11.64 21.69 -42.07
CA THR B 440 11.23 20.77 -41.02
C THR B 440 11.08 19.47 -41.81
N GLY B 441 11.10 18.29 -41.17
CA GLY B 441 11.12 17.09 -41.94
C GLY B 441 10.88 15.88 -41.05
N ASN B 442 10.91 14.72 -41.68
CA ASN B 442 10.46 13.53 -41.01
C ASN B 442 11.39 12.99 -39.93
N ARG B 443 12.57 13.56 -39.62
CA ARG B 443 13.29 12.86 -38.54
C ARG B 443 13.29 13.80 -37.38
N ALA B 444 13.78 13.29 -36.25
CA ALA B 444 13.94 14.13 -35.07
C ALA B 444 15.07 15.13 -35.29
N GLU B 445 16.05 14.76 -36.15
CA GLU B 445 17.12 15.69 -36.47
C GLU B 445 16.58 16.94 -37.20
N LEU B 446 15.44 16.77 -37.87
CA LEU B 446 14.81 17.88 -38.60
C LEU B 446 13.60 18.43 -37.89
N GLY B 447 13.25 17.97 -36.70
CA GLY B 447 12.13 18.45 -35.93
C GLY B 447 10.84 17.69 -36.10
N SER B 448 10.79 16.52 -36.73
CA SER B 448 9.57 15.75 -36.81
C SER B 448 8.35 16.57 -37.21
N TRP B 449 8.51 17.25 -38.37
CA TRP B 449 7.53 18.15 -38.89
C TRP B 449 6.97 19.20 -37.93
N ASP B 450 7.55 19.47 -36.77
CA ASP B 450 7.07 20.55 -35.91
C ASP B 450 7.32 21.87 -36.65
N THR B 451 6.36 22.80 -36.58
CA THR B 451 6.56 24.10 -37.18
C THR B 451 6.59 25.11 -36.03
N LYS B 452 6.22 24.67 -34.84
CA LYS B 452 6.24 25.62 -33.72
C LYS B 452 7.58 25.82 -33.03
N GLN B 453 8.22 24.80 -32.51
CA GLN B 453 9.50 25.05 -31.82
C GLN B 453 10.77 24.33 -32.28
N TYR B 454 10.72 23.33 -33.15
CA TYR B 454 11.90 22.66 -33.60
C TYR B 454 12.32 22.89 -35.05
N PRO B 455 11.68 23.70 -35.87
CA PRO B 455 12.02 23.91 -37.27
C PRO B 455 13.41 24.53 -37.43
N ILE B 456 14.06 24.30 -38.58
CA ILE B 456 15.38 24.86 -38.75
C ILE B 456 15.41 26.11 -39.61
N GLN B 457 15.83 27.23 -39.00
CA GLN B 457 15.90 28.49 -39.72
C GLN B 457 16.93 28.58 -40.85
N LEU B 458 16.51 28.93 -42.07
CA LEU B 458 17.38 29.18 -43.19
C LEU B 458 17.58 30.70 -43.31
N TYR B 459 18.60 31.15 -44.05
CA TYR B 459 18.88 32.59 -44.12
C TYR B 459 18.87 33.11 -45.54
N TYR B 460 18.56 34.41 -45.75
CA TYR B 460 18.50 34.95 -47.13
C TYR B 460 19.89 35.40 -47.64
N ASP B 461 20.26 34.85 -48.81
CA ASP B 461 21.57 35.11 -49.38
C ASP B 461 21.34 36.12 -50.50
N SER B 462 21.34 37.38 -50.08
CA SER B 462 21.10 38.49 -50.98
C SER B 462 21.96 38.47 -52.24
N HIS B 463 23.09 37.78 -52.13
CA HIS B 463 23.98 37.77 -53.29
C HIS B 463 23.42 36.69 -54.20
N SER B 464 23.13 35.55 -53.62
CA SER B 464 22.61 34.38 -54.29
C SER B 464 21.13 34.54 -54.56
N ASN B 465 20.52 35.55 -53.93
CA ASN B 465 19.07 35.71 -54.06
C ASN B 465 18.44 34.36 -53.68
N ASP B 466 18.71 33.96 -52.43
CA ASP B 466 18.16 32.68 -51.98
C ASP B 466 18.14 32.58 -50.45
N TRP B 467 17.52 31.50 -50.05
CA TRP B 467 17.33 31.09 -48.66
C TRP B 467 18.20 29.83 -48.56
N ARG B 468 19.14 29.93 -47.63
CA ARG B 468 20.05 28.76 -47.50
C ARG B 468 20.48 28.64 -46.03
N GLY B 469 21.05 27.49 -45.73
CA GLY B 469 21.53 27.25 -44.38
C GLY B 469 22.54 26.13 -44.29
N ASN B 470 23.37 26.20 -43.25
CA ASN B 470 24.31 25.08 -43.03
C ASN B 470 23.61 24.22 -42.01
N VAL B 471 23.14 23.06 -42.45
CA VAL B 471 22.38 22.24 -41.49
C VAL B 471 23.12 20.97 -41.15
N VAL B 472 23.27 20.70 -39.85
CA VAL B 472 23.89 19.47 -39.40
C VAL B 472 22.86 18.36 -39.53
N LEU B 473 23.06 17.39 -40.40
CA LEU B 473 22.16 16.31 -40.66
C LEU B 473 22.73 14.92 -40.37
N PRO B 474 21.88 13.93 -40.16
CA PRO B 474 22.32 12.56 -39.90
C PRO B 474 22.95 11.96 -41.14
N ALA B 475 24.17 11.48 -41.08
CA ALA B 475 24.82 10.92 -42.28
C ALA B 475 24.23 9.56 -42.60
N GLU B 476 24.14 9.28 -43.88
CA GLU B 476 23.66 8.02 -44.38
C GLU B 476 22.25 7.65 -44.01
N ARG B 477 21.38 8.65 -43.76
CA ARG B 477 20.00 8.38 -43.44
C ARG B 477 19.13 8.99 -44.53
N ASN B 478 17.93 8.41 -44.76
CA ASN B 478 17.06 9.00 -45.77
C ASN B 478 16.19 10.07 -45.09
N ILE B 479 16.05 11.23 -45.71
CA ILE B 479 15.23 12.26 -45.09
C ILE B 479 14.21 12.82 -46.07
N GLU B 480 13.09 13.34 -45.56
CA GLU B 480 12.10 14.03 -46.39
C GLU B 480 11.85 15.35 -45.67
N PHE B 481 11.72 16.46 -46.42
CA PHE B 481 11.63 17.76 -45.79
C PHE B 481 10.89 18.73 -46.71
N LYS B 482 10.53 19.89 -46.17
CA LYS B 482 9.94 20.92 -47.00
C LYS B 482 10.29 22.23 -46.28
N ALA B 483 10.45 23.28 -47.08
CA ALA B 483 10.67 24.59 -46.44
C ALA B 483 9.26 25.13 -46.24
N PHE B 484 9.12 26.20 -45.48
CA PHE B 484 7.84 26.85 -45.21
C PHE B 484 8.17 28.28 -44.75
N ILE B 485 7.20 29.16 -44.90
CA ILE B 485 7.40 30.56 -44.51
C ILE B 485 6.66 30.80 -43.21
N LYS B 486 7.14 31.69 -42.38
CA LYS B 486 6.62 32.05 -41.07
C LYS B 486 6.58 33.58 -41.03
N SER B 487 5.37 34.13 -40.92
CA SER B 487 5.26 35.59 -40.93
C SER B 487 5.55 36.10 -39.52
N LYS B 488 5.57 37.43 -39.41
CA LYS B 488 5.90 38.02 -38.11
C LYS B 488 5.09 37.40 -36.99
N ASP B 489 3.76 37.44 -37.10
CA ASP B 489 2.89 36.84 -36.09
C ASP B 489 3.56 35.63 -35.46
N GLY B 490 4.16 34.82 -36.34
CA GLY B 490 4.78 33.57 -35.94
C GLY B 490 3.88 32.43 -36.41
N THR B 491 3.08 32.71 -37.43
CA THR B 491 2.16 31.71 -37.96
C THR B 491 2.67 31.24 -39.32
N VAL B 492 2.48 29.96 -39.58
CA VAL B 492 2.86 29.40 -40.87
C VAL B 492 2.05 30.05 -41.98
N LYS B 493 2.74 30.66 -42.92
CA LYS B 493 2.05 31.33 -44.02
C LYS B 493 1.94 30.36 -45.18
N SER B 494 2.87 29.46 -45.47
CA SER B 494 2.69 28.58 -46.62
C SER B 494 3.79 27.57 -46.78
N TRP B 495 3.56 26.53 -47.58
CA TRP B 495 4.53 25.46 -47.72
C TRP B 495 5.11 25.33 -49.12
N GLN B 496 6.30 24.77 -49.16
CA GLN B 496 6.97 24.49 -50.43
C GLN B 496 6.07 23.46 -51.11
N THR B 497 5.86 23.66 -52.39
CA THR B 497 5.03 22.82 -53.20
C THR B 497 5.41 21.37 -53.23
N ILE B 498 6.72 21.10 -53.36
CA ILE B 498 7.08 19.69 -53.45
C ILE B 498 7.89 19.27 -52.23
N GLN B 499 7.52 18.13 -51.68
CA GLN B 499 8.25 17.60 -50.54
C GLN B 499 9.63 17.10 -50.99
N GLN B 500 10.70 17.69 -50.50
CA GLN B 500 12.05 17.24 -50.83
C GLN B 500 12.49 15.95 -50.19
N SER B 501 13.70 15.48 -50.47
CA SER B 501 14.18 14.21 -49.93
C SER B 501 15.61 13.88 -50.33
N TRP B 502 16.38 13.29 -49.45
CA TRP B 502 17.80 12.98 -49.61
C TRP B 502 17.95 11.51 -49.27
N ASN B 503 18.18 10.65 -50.26
CA ASN B 503 18.14 9.22 -49.98
C ASN B 503 19.39 8.50 -50.44
N PRO B 504 20.39 8.50 -49.56
CA PRO B 504 20.37 9.14 -48.27
C PRO B 504 21.24 10.38 -48.18
N VAL B 505 21.31 11.00 -47.03
CA VAL B 505 22.19 12.15 -46.81
C VAL B 505 23.65 11.69 -46.97
N PRO B 506 24.39 12.44 -47.77
CA PRO B 506 25.77 12.13 -48.09
C PRO B 506 26.74 12.18 -46.92
N LEU B 507 27.69 11.25 -46.96
CA LEU B 507 28.73 11.26 -45.93
C LEU B 507 29.51 12.56 -46.01
N LYS B 508 29.69 13.13 -47.21
CA LYS B 508 30.51 14.35 -47.26
C LYS B 508 29.73 15.61 -47.58
N THR B 509 30.17 16.71 -46.97
CA THR B 509 29.50 17.97 -47.19
C THR B 509 29.25 18.20 -48.65
N THR B 510 27.99 18.43 -49.01
CA THR B 510 27.56 18.83 -50.36
C THR B 510 26.50 19.91 -50.21
N SER B 511 25.59 20.02 -51.17
CA SER B 511 24.51 20.99 -51.02
C SER B 511 23.26 20.39 -51.65
N HIS B 512 22.12 20.63 -50.98
CA HIS B 512 20.81 20.18 -51.45
C HIS B 512 20.08 21.45 -51.92
N THR B 513 19.79 21.45 -53.23
CA THR B 513 19.17 22.66 -53.79
C THR B 513 17.77 22.40 -54.35
N SER B 514 16.87 23.35 -54.01
CA SER B 514 15.51 23.21 -54.49
C SER B 514 14.79 24.56 -54.59
N SER B 515 13.71 24.44 -55.41
CA SER B 515 12.82 25.56 -55.66
C SER B 515 11.49 25.36 -54.94
N TRP B 516 10.95 26.51 -54.51
CA TRP B 516 9.64 26.53 -53.84
C TRP B 516 8.62 25.73 -54.65
N ALA C 1 -15.40 -30.81 26.98
CA ALA C 1 -15.57 -29.33 26.82
C ALA C 1 -15.21 -28.54 28.07
N VAL C 2 -15.19 -27.23 27.96
CA VAL C 2 -14.96 -26.23 28.97
C VAL C 2 -15.76 -26.50 30.22
N ASN C 3 -15.12 -26.29 31.38
CA ASN C 3 -15.75 -26.53 32.67
C ASN C 3 -16.24 -27.96 32.93
N GLY C 4 -15.58 -28.99 32.44
CA GLY C 4 -15.93 -30.37 32.68
C GLY C 4 -17.09 -30.98 31.93
N LYS C 5 -17.79 -30.20 31.10
CA LYS C 5 -18.97 -30.77 30.39
C LYS C 5 -18.67 -31.29 29.02
N GLY C 6 -19.63 -31.74 28.22
CA GLY C 6 -19.40 -32.25 26.86
C GLY C 6 -20.06 -31.40 25.79
N MET C 7 -20.17 -31.83 24.56
CA MET C 7 -20.85 -31.20 23.46
C MET C 7 -22.38 -31.04 23.71
N ASN C 8 -22.93 -29.96 23.17
CA ASN C 8 -24.29 -29.56 23.45
C ASN C 8 -25.20 -30.61 22.85
N PRO C 9 -26.09 -31.16 23.64
CA PRO C 9 -27.03 -32.18 23.18
C PRO C 9 -27.94 -31.64 22.09
N ASP C 10 -28.20 -30.32 22.01
CA ASP C 10 -29.04 -29.86 20.88
C ASP C 10 -28.28 -29.54 19.59
N TYR C 11 -26.96 -29.81 19.53
CA TYR C 11 -26.20 -29.42 18.35
C TYR C 11 -26.76 -29.98 17.06
N LYS C 12 -26.79 -29.07 16.07
CA LYS C 12 -27.19 -29.34 14.70
C LYS C 12 -26.24 -28.51 13.82
N ALA C 13 -26.17 -28.97 12.58
CA ALA C 13 -25.35 -28.28 11.61
C ALA C 13 -26.26 -27.67 10.54
N TYR C 14 -25.95 -26.53 10.00
CA TYR C 14 -26.72 -25.97 8.90
C TYR C 14 -25.87 -25.65 7.68
N LEU C 15 -26.51 -25.59 6.53
CA LEU C 15 -25.80 -25.25 5.30
C LEU C 15 -26.26 -23.89 4.81
N MET C 16 -25.39 -22.94 4.46
CA MET C 16 -25.81 -21.63 3.94
C MET C 16 -26.03 -21.80 2.43
N ALA C 17 -27.16 -21.26 2.00
CA ALA C 17 -27.58 -21.13 0.65
C ALA C 17 -26.69 -20.17 -0.15
N PRO C 18 -26.63 -20.37 -1.44
CA PRO C 18 -25.92 -19.45 -2.32
C PRO C 18 -26.57 -18.06 -2.16
N LEU C 19 -25.85 -17.08 -2.63
CA LEU C 19 -26.25 -15.69 -2.70
C LEU C 19 -27.13 -15.48 -3.91
N LYS C 20 -26.91 -16.14 -5.03
CA LYS C 20 -27.79 -16.04 -6.21
C LYS C 20 -29.00 -16.94 -6.05
N LYS C 21 -30.14 -16.49 -6.51
CA LYS C 21 -31.38 -17.26 -6.42
C LYS C 21 -31.20 -18.66 -7.01
N ILE C 22 -31.88 -19.66 -6.40
CA ILE C 22 -31.63 -21.04 -6.83
C ILE C 22 -31.59 -21.18 -8.32
N PRO C 23 -32.63 -20.81 -9.08
CA PRO C 23 -32.72 -20.97 -10.50
C PRO C 23 -31.67 -20.30 -11.37
N GLU C 24 -30.86 -19.42 -10.79
CA GLU C 24 -29.77 -18.79 -11.54
C GLU C 24 -28.59 -19.77 -11.54
N VAL C 25 -28.55 -20.53 -10.44
CA VAL C 25 -27.44 -21.41 -10.12
C VAL C 25 -27.66 -22.86 -10.36
N THR C 26 -28.86 -23.34 -10.51
CA THR C 26 -29.32 -24.68 -10.76
C THR C 26 -30.82 -24.62 -11.14
N ASN C 27 -31.46 -25.76 -10.95
CA ASN C 27 -32.89 -25.91 -11.20
C ASN C 27 -33.44 -26.58 -9.95
N TRP C 28 -34.73 -26.43 -9.73
CA TRP C 28 -35.35 -26.81 -8.45
C TRP C 28 -35.24 -28.31 -8.19
N GLU C 29 -35.38 -29.04 -9.29
CA GLU C 29 -35.34 -30.51 -9.26
C GLU C 29 -33.98 -30.96 -8.74
N THR C 30 -32.95 -30.37 -9.33
CA THR C 30 -31.56 -30.59 -8.90
C THR C 30 -31.36 -30.07 -7.48
N PHE C 31 -31.82 -28.83 -7.20
CA PHE C 31 -31.78 -28.31 -5.85
C PHE C 31 -32.33 -29.36 -4.87
N GLU C 32 -33.43 -30.02 -5.24
CA GLU C 32 -34.00 -31.02 -4.34
C GLU C 32 -33.07 -32.20 -4.11
N ASN C 33 -32.46 -32.72 -5.15
CA ASN C 33 -31.49 -33.81 -4.93
C ASN C 33 -30.33 -33.27 -4.12
N ASP C 34 -29.80 -32.06 -4.33
CA ASP C 34 -28.73 -31.56 -3.50
C ASP C 34 -29.05 -31.52 -2.01
N LEU C 35 -30.31 -31.20 -1.65
CA LEU C 35 -30.64 -31.04 -0.24
C LEU C 35 -30.74 -32.38 0.49
N ARG C 36 -31.11 -33.39 -0.27
CA ARG C 36 -31.21 -34.73 0.30
C ARG C 36 -29.78 -35.22 0.68
N TRP C 37 -28.93 -35.07 -0.30
CA TRP C 37 -27.51 -35.38 -0.26
C TRP C 37 -26.99 -34.71 1.01
N ALA C 38 -27.36 -33.43 1.13
CA ALA C 38 -26.95 -32.65 2.26
C ALA C 38 -27.40 -33.21 3.59
N LYS C 39 -28.62 -33.69 3.72
CA LYS C 39 -29.08 -34.16 5.04
C LYS C 39 -28.41 -35.50 5.32
N GLN C 40 -28.18 -36.20 4.22
CA GLN C 40 -27.47 -37.45 4.21
C GLN C 40 -26.09 -37.23 4.83
N ASN C 41 -25.54 -36.02 4.63
CA ASN C 41 -24.22 -35.78 5.21
C ASN C 41 -24.33 -35.11 6.56
N GLY C 42 -25.48 -35.11 7.24
CA GLY C 42 -25.56 -34.50 8.54
C GLY C 42 -26.11 -33.10 8.62
N PHE C 43 -26.40 -32.37 7.55
CA PHE C 43 -27.08 -31.08 7.81
C PHE C 43 -28.57 -31.27 8.07
N TYR C 44 -29.17 -30.64 9.04
CA TYR C 44 -30.52 -30.54 9.50
C TYR C 44 -31.33 -29.57 8.62
N ALA C 45 -30.70 -28.48 8.13
CA ALA C 45 -31.40 -27.49 7.32
C ALA C 45 -30.53 -26.56 6.46
N ILE C 46 -31.21 -25.88 5.54
CA ILE C 46 -30.59 -24.84 4.75
C ILE C 46 -30.96 -23.44 5.26
N THR C 47 -30.00 -22.54 5.35
CA THR C 47 -30.11 -21.15 5.79
C THR C 47 -30.04 -20.28 4.52
N VAL C 48 -30.96 -19.33 4.42
CA VAL C 48 -31.18 -18.56 3.23
C VAL C 48 -31.68 -17.15 3.60
N ASP C 49 -31.02 -16.19 2.92
CA ASP C 49 -31.46 -14.81 2.98
C ASP C 49 -32.65 -14.61 2.02
N PHE C 50 -33.63 -13.87 2.50
CA PHE C 50 -34.77 -13.42 1.70
C PHE C 50 -34.66 -11.89 1.69
N TRP C 51 -34.26 -11.29 0.59
CA TRP C 51 -33.90 -9.88 0.56
C TRP C 51 -35.12 -8.95 0.49
N TRP C 52 -35.07 -7.98 1.40
CA TRP C 52 -36.11 -6.98 1.44
C TRP C 52 -36.29 -6.38 0.04
N GLY C 53 -35.14 -6.18 -0.63
CA GLY C 53 -35.03 -5.68 -1.96
C GLY C 53 -35.85 -6.45 -2.97
N ASP C 54 -36.04 -7.74 -2.79
CA ASP C 54 -36.83 -8.57 -3.65
C ASP C 54 -38.31 -8.63 -3.24
N MET C 55 -38.62 -8.53 -1.97
CA MET C 55 -39.91 -8.76 -1.37
C MET C 55 -40.85 -7.57 -1.34
N GLU C 56 -40.32 -6.38 -1.09
CA GLU C 56 -41.17 -5.18 -1.12
C GLU C 56 -40.57 -4.19 -2.13
N LYS C 57 -40.31 -4.62 -3.33
CA LYS C 57 -39.62 -3.83 -4.33
C LYS C 57 -40.33 -2.61 -4.91
N ASN C 58 -41.43 -2.83 -5.64
CA ASN C 58 -42.19 -1.77 -6.28
C ASN C 58 -42.73 -0.66 -5.41
N GLY C 59 -42.97 -0.81 -4.12
CA GLY C 59 -43.44 0.26 -3.26
C GLY C 59 -43.95 -0.22 -1.90
N ASP C 60 -44.39 0.66 -1.01
CA ASP C 60 -44.88 0.31 0.28
C ASP C 60 -46.07 -0.66 0.24
N GLN C 61 -45.94 -1.76 0.97
CA GLN C 61 -46.91 -2.87 1.04
C GLN C 61 -47.16 -3.57 -0.29
N GLN C 62 -46.25 -3.36 -1.25
CA GLN C 62 -46.44 -4.14 -2.52
C GLN C 62 -45.60 -5.41 -2.41
N PHE C 63 -46.10 -6.55 -1.96
CA PHE C 63 -45.21 -7.66 -1.62
C PHE C 63 -45.08 -8.72 -2.67
N ASP C 64 -43.95 -9.40 -2.71
CA ASP C 64 -43.79 -10.54 -3.61
C ASP C 64 -43.02 -11.61 -2.82
N PHE C 65 -43.78 -12.56 -2.30
CA PHE C 65 -43.23 -13.65 -1.53
C PHE C 65 -43.22 -14.92 -2.35
N SER C 66 -43.39 -14.86 -3.67
CA SER C 66 -43.41 -16.12 -4.43
C SER C 66 -42.15 -16.93 -4.49
N TYR C 67 -40.99 -16.31 -4.52
CA TYR C 67 -39.71 -16.98 -4.57
C TYR C 67 -39.55 -17.67 -3.21
N ALA C 68 -39.74 -16.91 -2.12
CA ALA C 68 -39.63 -17.60 -0.85
C ALA C 68 -40.55 -18.81 -0.69
N GLN C 69 -41.77 -18.73 -1.31
CA GLN C 69 -42.73 -19.80 -1.13
C GLN C 69 -42.32 -20.98 -2.01
N ARG C 70 -41.82 -20.69 -3.21
CA ARG C 70 -41.38 -21.75 -4.12
C ARG C 70 -40.14 -22.45 -3.51
N PHE C 71 -39.32 -21.71 -2.78
CA PHE C 71 -38.13 -22.25 -2.14
C PHE C 71 -38.59 -23.24 -1.06
N ALA C 72 -39.38 -22.73 -0.12
CA ALA C 72 -39.86 -23.49 1.01
C ALA C 72 -40.50 -24.79 0.51
N GLN C 73 -41.19 -24.68 -0.61
CA GLN C 73 -41.85 -25.84 -1.20
C GLN C 73 -40.80 -26.90 -1.45
N SER C 74 -39.70 -26.47 -2.10
CA SER C 74 -38.65 -27.41 -2.49
C SER C 74 -38.01 -27.99 -1.24
N VAL C 75 -37.86 -27.22 -0.18
CA VAL C 75 -37.36 -27.77 1.07
C VAL C 75 -38.32 -28.84 1.59
N LYS C 76 -39.62 -28.65 1.43
CA LYS C 76 -40.56 -29.68 1.91
C LYS C 76 -40.47 -30.92 1.02
N ASN C 77 -40.45 -30.81 -0.29
CA ASN C 77 -40.28 -31.91 -1.20
C ASN C 77 -39.06 -32.72 -0.80
N ALA C 78 -37.88 -32.13 -0.69
CA ALA C 78 -36.71 -32.87 -0.26
C ALA C 78 -36.80 -33.41 1.16
N GLY C 79 -37.74 -33.04 1.99
CA GLY C 79 -37.82 -33.49 3.37
C GLY C 79 -36.80 -32.89 4.34
N MET C 80 -36.43 -31.65 4.03
CA MET C 80 -35.50 -30.85 4.81
C MET C 80 -36.16 -29.76 5.65
N LYS C 81 -35.40 -28.94 6.35
CA LYS C 81 -35.82 -27.82 7.17
C LYS C 81 -35.08 -26.56 6.68
N MET C 82 -35.57 -25.35 6.99
CA MET C 82 -34.99 -24.17 6.39
C MET C 82 -35.01 -23.09 7.46
N ILE C 83 -34.02 -22.23 7.45
CA ILE C 83 -33.94 -21.16 8.44
C ILE C 83 -33.89 -19.88 7.59
N PRO C 84 -35.03 -19.25 7.43
CA PRO C 84 -35.10 -18.02 6.64
C PRO C 84 -34.39 -16.90 7.33
N ILE C 85 -33.59 -16.08 6.60
CA ILE C 85 -33.02 -14.87 7.30
C ILE C 85 -33.83 -13.69 6.77
N ILE C 86 -34.40 -12.80 7.58
CA ILE C 86 -35.14 -11.69 6.94
C ILE C 86 -34.20 -10.53 6.64
N SER C 87 -33.69 -10.49 5.40
CA SER C 87 -32.53 -9.63 5.14
C SER C 87 -32.84 -8.21 4.71
N THR C 88 -33.01 -7.33 5.72
CA THR C 88 -33.30 -5.96 5.36
C THR C 88 -32.05 -5.08 5.18
N HIS C 89 -30.97 -5.65 4.69
CA HIS C 89 -29.71 -4.92 4.40
C HIS C 89 -29.42 -5.21 2.94
N GLN C 90 -28.57 -4.48 2.25
CA GLN C 90 -28.27 -4.75 0.85
C GLN C 90 -27.44 -6.01 0.68
N CYS C 91 -27.58 -6.76 -0.38
CA CYS C 91 -26.77 -7.88 -0.76
C CYS C 91 -25.74 -7.31 -1.77
N GLY C 92 -24.47 -7.45 -1.49
CA GLY C 92 -23.43 -6.97 -2.36
C GLY C 92 -23.52 -5.52 -2.79
N GLY C 93 -23.58 -5.26 -4.07
CA GLY C 93 -23.59 -3.91 -4.61
C GLY C 93 -22.18 -3.46 -5.03
N ASN C 94 -21.14 -4.20 -4.66
CA ASN C 94 -19.77 -3.86 -5.09
C ASN C 94 -19.25 -4.90 -6.09
N VAL C 95 -18.63 -4.40 -7.14
CA VAL C 95 -18.03 -5.11 -8.25
C VAL C 95 -17.38 -6.43 -7.86
N GLY C 96 -17.76 -7.46 -8.62
CA GLY C 96 -17.21 -8.80 -8.28
C GLY C 96 -18.04 -9.46 -7.19
N ASP C 97 -18.91 -8.71 -6.50
CA ASP C 97 -19.84 -9.29 -5.53
C ASP C 97 -20.76 -10.25 -6.27
N ASP C 98 -21.30 -11.28 -5.66
CA ASP C 98 -22.24 -12.19 -6.31
C ASP C 98 -23.65 -11.69 -6.53
N CYS C 99 -23.99 -10.60 -5.84
CA CYS C 99 -25.34 -10.10 -5.90
C CYS C 99 -25.34 -8.56 -5.77
N ASN C 100 -26.54 -8.07 -6.03
CA ASN C 100 -26.81 -6.65 -6.04
C ASN C 100 -28.32 -6.45 -5.86
N VAL C 101 -28.70 -6.38 -4.62
CA VAL C 101 -30.04 -6.20 -4.17
C VAL C 101 -29.99 -5.14 -3.06
N PRO C 102 -30.07 -3.88 -3.43
CA PRO C 102 -30.25 -2.84 -2.45
C PRO C 102 -31.64 -3.02 -1.84
N ILE C 103 -31.86 -2.36 -0.69
CA ILE C 103 -33.19 -2.32 -0.09
C ILE C 103 -34.02 -1.42 -1.00
N PRO C 104 -35.34 -1.51 -0.89
CA PRO C 104 -36.28 -0.79 -1.74
C PRO C 104 -35.98 0.70 -1.79
N SER C 105 -35.87 1.26 -2.99
CA SER C 105 -35.51 2.67 -3.17
C SER C 105 -36.61 3.63 -2.76
N TRP C 106 -37.87 3.19 -2.78
CA TRP C 106 -38.97 4.01 -2.31
C TRP C 106 -38.78 4.30 -0.84
N VAL C 107 -38.09 3.44 -0.08
CA VAL C 107 -37.96 3.67 1.35
C VAL C 107 -37.42 5.01 1.69
N TRP C 108 -36.34 5.46 1.00
CA TRP C 108 -35.64 6.69 1.35
C TRP C 108 -36.52 7.93 1.26
N ASN C 109 -37.56 7.83 0.48
CA ASN C 109 -38.50 8.92 0.26
C ASN C 109 -39.43 9.13 1.42
N GLN C 110 -39.39 8.35 2.50
CA GLN C 110 -40.24 8.56 3.66
C GLN C 110 -39.75 9.63 4.60
N LYS C 111 -38.53 10.13 4.43
CA LYS C 111 -38.03 11.17 5.34
C LYS C 111 -37.43 12.31 4.52
N SER C 112 -37.43 13.54 5.07
CA SER C 112 -36.76 14.62 4.34
C SER C 112 -35.50 15.05 5.06
N ASP C 113 -35.13 14.47 6.19
CA ASP C 113 -33.87 14.70 6.87
C ASP C 113 -32.81 13.65 6.51
N ASP C 114 -31.72 13.50 7.30
CA ASP C 114 -30.72 12.48 7.00
C ASP C 114 -30.76 11.38 8.08
N SER C 115 -32.01 11.25 8.59
CA SER C 115 -32.19 10.32 9.71
C SER C 115 -32.09 8.86 9.31
N LEU C 116 -32.24 8.44 8.09
CA LEU C 116 -32.29 7.06 7.68
C LEU C 116 -30.99 6.38 7.25
N TYR C 117 -29.96 7.21 7.02
CA TYR C 117 -28.71 6.62 6.57
C TYR C 117 -27.55 7.02 7.48
N PHE C 118 -26.39 6.56 7.01
CA PHE C 118 -25.21 6.80 7.86
C PHE C 118 -24.20 7.78 7.21
N LYS C 119 -23.49 8.45 8.12
CA LYS C 119 -22.37 9.29 7.64
C LYS C 119 -21.10 9.05 8.43
N SER C 120 -19.97 8.79 7.79
CA SER C 120 -18.69 8.69 8.54
C SER C 120 -18.08 9.99 9.00
N GLU C 121 -16.97 9.80 9.76
CA GLU C 121 -16.12 10.88 10.28
C GLU C 121 -15.58 11.73 9.12
N THR C 122 -15.36 11.21 7.95
CA THR C 122 -14.88 12.02 6.83
C THR C 122 -16.00 12.32 5.86
N GLY C 123 -17.24 12.12 6.30
CA GLY C 123 -18.35 12.43 5.38
C GLY C 123 -18.71 11.29 4.47
N THR C 124 -18.24 10.06 4.55
CA THR C 124 -18.72 8.99 3.63
C THR C 124 -20.12 8.56 4.06
N VAL C 125 -21.05 8.43 3.12
CA VAL C 125 -22.43 8.14 3.37
C VAL C 125 -22.70 6.67 3.08
N ASN C 126 -23.37 6.02 4.02
CA ASN C 126 -23.64 4.58 3.81
C ASN C 126 -25.16 4.38 3.86
N LYS C 127 -25.64 3.60 2.94
CA LYS C 127 -27.08 3.35 2.83
C LYS C 127 -27.37 1.84 2.65
N GLU C 128 -26.55 0.98 3.26
CA GLU C 128 -26.78 -0.43 3.08
C GLU C 128 -27.94 -0.96 3.92
N THR C 129 -28.27 -0.27 4.97
CA THR C 129 -29.30 -0.76 5.92
C THR C 129 -29.82 0.56 6.47
N LEU C 130 -31.00 0.51 7.04
CA LEU C 130 -31.49 1.76 7.62
C LEU C 130 -30.75 2.10 8.88
N ASN C 131 -30.54 3.33 9.25
CA ASN C 131 -29.95 3.70 10.52
C ASN C 131 -30.98 3.40 11.64
N PRO C 132 -30.51 2.67 12.62
CA PRO C 132 -31.31 2.30 13.81
C PRO C 132 -31.76 3.46 14.66
N LEU C 133 -31.29 4.68 14.47
CA LEU C 133 -31.74 5.87 15.21
C LEU C 133 -33.19 6.15 14.74
N ALA C 134 -33.49 5.78 13.50
CA ALA C 134 -34.82 6.07 12.97
C ALA C 134 -35.82 4.97 13.34
N SER C 135 -36.07 4.73 14.58
CA SER C 135 -36.88 3.68 15.14
C SER C 135 -38.37 3.83 14.84
N ASP C 136 -38.90 4.94 14.33
CA ASP C 136 -40.28 5.03 13.87
C ASP C 136 -40.41 4.33 12.55
N VAL C 137 -39.49 4.64 11.63
CA VAL C 137 -39.53 3.97 10.33
C VAL C 137 -39.23 2.48 10.49
N ILE C 138 -38.24 2.04 11.26
CA ILE C 138 -37.95 0.61 11.46
C ILE C 138 -39.21 -0.05 12.04
N ARG C 139 -39.91 0.53 13.03
CA ARG C 139 -41.11 -0.18 13.52
C ARG C 139 -42.13 -0.43 12.42
N LYS C 140 -42.41 0.67 11.72
CA LYS C 140 -43.39 0.60 10.65
C LYS C 140 -42.94 -0.46 9.71
N GLU C 141 -41.82 -0.33 9.02
CA GLU C 141 -41.50 -1.21 7.96
C GLU C 141 -41.09 -2.60 8.42
N TYR C 142 -40.46 -2.76 9.57
CA TYR C 142 -40.11 -4.15 9.92
C TYR C 142 -41.38 -4.84 10.43
N GLY C 143 -42.15 -4.15 11.24
CA GLY C 143 -43.43 -4.71 11.68
C GLY C 143 -44.24 -5.15 10.45
N GLU C 144 -44.41 -4.31 9.42
CA GLU C 144 -45.15 -4.71 8.24
C GLU C 144 -44.58 -5.92 7.51
N LEU C 145 -43.27 -5.85 7.23
CA LEU C 145 -42.63 -6.89 6.46
C LEU C 145 -42.67 -8.24 7.21
N TYR C 146 -42.41 -8.27 8.50
CA TYR C 146 -42.33 -9.56 9.23
C TYR C 146 -43.74 -10.19 9.29
N THR C 147 -44.69 -9.29 9.61
CA THR C 147 -46.10 -9.69 9.76
C THR C 147 -46.53 -10.31 8.43
N ALA C 148 -46.22 -9.64 7.35
CA ALA C 148 -46.61 -10.13 6.02
C ALA C 148 -45.82 -11.37 5.63
N PHE C 149 -44.56 -11.51 6.13
CA PHE C 149 -43.76 -12.69 5.72
C PHE C 149 -44.32 -13.84 6.57
N ALA C 150 -44.72 -13.57 7.78
CA ALA C 150 -45.36 -14.60 8.64
C ALA C 150 -46.64 -15.15 8.00
N ALA C 151 -47.48 -14.30 7.39
CA ALA C 151 -48.70 -14.68 6.72
C ALA C 151 -48.42 -15.47 5.42
N ALA C 152 -47.34 -15.16 4.67
CA ALA C 152 -47.05 -15.92 3.49
C ALA C 152 -46.45 -17.30 3.69
N MET C 153 -45.69 -17.52 4.72
CA MET C 153 -44.98 -18.74 5.07
C MET C 153 -45.81 -19.64 5.99
N LYS C 154 -47.00 -19.17 6.34
CA LYS C 154 -47.91 -19.92 7.19
C LYS C 154 -48.14 -21.35 6.71
N PRO C 155 -48.38 -21.57 5.43
CA PRO C 155 -48.56 -22.90 4.92
C PRO C 155 -47.31 -23.75 5.00
N TYR C 156 -46.12 -23.22 5.12
CA TYR C 156 -44.90 -24.04 5.24
C TYR C 156 -44.29 -24.05 6.63
N LYS C 157 -45.04 -23.81 7.71
CA LYS C 157 -44.48 -23.72 9.05
C LYS C 157 -43.75 -24.93 9.61
N ASP C 158 -44.02 -26.12 9.12
CA ASP C 158 -43.40 -27.35 9.57
C ASP C 158 -42.06 -27.58 8.87
N VAL C 159 -41.62 -26.65 8.00
CA VAL C 159 -40.30 -26.86 7.45
C VAL C 159 -39.43 -25.70 7.90
N ILE C 160 -39.97 -24.93 8.82
CA ILE C 160 -39.26 -23.74 9.30
C ILE C 160 -38.71 -24.05 10.66
N ALA C 161 -37.38 -24.15 10.78
CA ALA C 161 -36.81 -24.57 12.06
C ALA C 161 -36.53 -23.40 12.94
N LYS C 162 -36.28 -22.27 12.32
CA LYS C 162 -35.87 -21.05 13.01
C LYS C 162 -35.94 -19.87 12.05
N ILE C 163 -35.93 -18.69 12.63
CA ILE C 163 -35.97 -17.46 11.86
C ILE C 163 -34.85 -16.52 12.25
N TYR C 164 -34.14 -15.94 11.28
CA TYR C 164 -33.09 -14.99 11.68
C TYR C 164 -33.40 -13.56 11.24
N LEU C 165 -33.12 -12.55 12.06
CA LEU C 165 -33.36 -11.16 11.70
C LEU C 165 -32.02 -10.55 11.31
N SER C 166 -32.03 -9.45 10.56
CA SER C 166 -30.85 -8.67 10.19
C SER C 166 -30.77 -7.46 11.11
N GLY C 167 -29.76 -7.27 11.94
CA GLY C 167 -29.64 -6.14 12.77
C GLY C 167 -28.85 -5.03 12.05
N GLY C 168 -28.38 -5.22 10.83
CA GLY C 168 -27.55 -4.14 10.23
C GLY C 168 -26.92 -4.66 8.95
N PRO C 169 -25.81 -4.00 8.55
CA PRO C 169 -25.17 -4.33 7.31
C PRO C 169 -24.63 -5.75 7.27
N ALA C 170 -24.57 -6.34 6.08
CA ALA C 170 -24.22 -7.72 5.89
C ALA C 170 -25.02 -8.59 6.86
N GLY C 171 -26.06 -8.10 7.54
CA GLY C 171 -26.88 -9.00 8.39
C GLY C 171 -26.40 -8.95 9.85
N GLU C 172 -25.51 -8.03 10.22
CA GLU C 172 -24.97 -8.05 11.58
C GLU C 172 -25.40 -6.89 12.42
N LEU C 173 -25.63 -7.02 13.69
CA LEU C 173 -25.97 -5.92 14.55
C LEU C 173 -24.69 -5.07 14.79
N ARG C 174 -24.53 -4.03 13.97
CA ARG C 174 -23.42 -3.11 14.06
C ARG C 174 -23.59 -1.88 13.15
N TYR C 175 -22.59 -0.99 13.12
CA TYR C 175 -22.48 0.15 12.26
C TYR C 175 -21.58 -0.26 11.08
N PRO C 176 -21.79 0.42 9.95
CA PRO C 176 -21.02 0.07 8.77
C PRO C 176 -19.68 0.81 8.79
N SER C 177 -18.90 0.50 9.83
CA SER C 177 -17.69 1.17 10.14
C SER C 177 -16.45 0.72 9.40
N TYR C 178 -16.53 -0.29 8.56
CA TYR C 178 -15.45 -0.81 7.78
C TYR C 178 -15.86 -1.10 6.33
N THR C 179 -15.50 -0.21 5.43
CA THR C 179 -15.84 -0.31 4.03
C THR C 179 -14.72 0.24 3.17
N THR C 180 -14.75 -0.14 1.89
CA THR C 180 -13.69 0.38 1.03
C THR C 180 -13.91 1.86 0.81
N SER C 181 -15.16 2.23 0.57
CA SER C 181 -15.43 3.66 0.36
C SER C 181 -14.98 4.60 1.45
N ASP C 182 -15.00 4.15 2.70
CA ASP C 182 -14.61 5.04 3.79
C ASP C 182 -13.13 4.88 4.14
N GLY C 183 -12.43 4.02 3.39
CA GLY C 183 -11.04 3.71 3.55
C GLY C 183 -10.81 2.97 4.88
N THR C 184 -11.77 2.08 5.23
CA THR C 184 -11.65 1.44 6.53
C THR C 184 -11.79 -0.05 6.37
N GLY C 185 -11.52 -0.58 5.20
CA GLY C 185 -11.51 -2.04 5.06
C GLY C 185 -10.47 -2.67 5.98
N TYR C 186 -10.58 -3.97 6.18
CA TYR C 186 -9.63 -4.77 6.91
C TYR C 186 -8.25 -4.53 6.26
N PRO C 187 -7.24 -4.27 7.06
CA PRO C 187 -7.30 -4.24 8.48
C PRO C 187 -7.13 -2.92 9.20
N SER C 188 -7.66 -1.82 8.68
CA SER C 188 -7.49 -0.57 9.43
C SER C 188 -8.52 -0.42 10.54
N ARG C 189 -8.30 0.64 11.32
CA ARG C 189 -9.23 1.06 12.32
C ARG C 189 -10.53 1.51 11.61
N GLY C 190 -11.68 1.47 12.28
CA GLY C 190 -12.88 1.87 11.52
C GLY C 190 -13.11 3.34 11.86
N LYS C 191 -14.09 3.96 11.27
CA LYS C 191 -14.42 5.35 11.57
C LYS C 191 -15.80 5.35 12.21
N PHE C 192 -16.03 6.18 13.23
CA PHE C 192 -17.34 6.25 13.84
C PHE C 192 -18.36 6.62 12.76
N GLN C 193 -19.64 6.31 12.97
CA GLN C 193 -20.61 6.57 11.94
C GLN C 193 -21.78 7.38 12.44
N ALA C 194 -21.59 8.37 13.27
CA ALA C 194 -22.67 9.13 13.86
C ALA C 194 -22.49 10.58 13.46
N TYR C 195 -22.37 10.89 12.20
CA TYR C 195 -22.12 12.20 11.67
C TYR C 195 -23.24 12.77 10.82
N THR C 196 -24.42 12.22 10.72
CA THR C 196 -25.49 12.89 9.95
C THR C 196 -25.92 13.94 10.96
N GLU C 197 -26.64 14.98 10.53
CA GLU C 197 -27.16 15.93 11.53
C GLU C 197 -28.14 15.26 12.47
N PHE C 198 -28.96 14.33 11.95
CA PHE C 198 -29.89 13.62 12.89
C PHE C 198 -29.05 12.99 14.01
N ALA C 199 -27.99 12.30 13.60
CA ALA C 199 -27.15 11.57 14.60
C ALA C 199 -26.64 12.50 15.68
N LYS C 200 -26.15 13.70 15.25
CA LYS C 200 -25.65 14.70 16.17
C LYS C 200 -26.74 15.22 17.08
N SER C 201 -27.91 15.51 16.51
CA SER C 201 -28.99 15.95 17.37
C SER C 201 -29.27 14.90 18.50
N LYS C 202 -29.45 13.67 18.06
CA LYS C 202 -29.80 12.62 19.00
C LYS C 202 -28.74 12.49 20.07
N PHE C 203 -27.41 12.63 19.78
CA PHE C 203 -26.44 12.54 20.88
C PHE C 203 -26.58 13.74 21.78
N ARG C 204 -26.72 14.94 21.19
CA ARG C 204 -26.86 16.16 22.00
C ARG C 204 -28.10 16.08 22.86
N LEU C 205 -29.25 15.55 22.40
CA LEU C 205 -30.39 15.47 23.31
C LEU C 205 -30.18 14.47 24.46
N TRP C 206 -29.55 13.32 24.07
CA TRP C 206 -29.26 12.34 25.13
C TRP C 206 -28.42 12.97 26.23
N VAL C 207 -27.37 13.74 25.88
CA VAL C 207 -26.53 14.37 26.87
C VAL C 207 -27.31 15.39 27.70
N LEU C 208 -28.09 16.26 27.03
CA LEU C 208 -28.86 17.27 27.79
C LEU C 208 -29.92 16.61 28.69
N ASN C 209 -30.39 15.45 28.31
CA ASN C 209 -31.32 14.71 29.21
C ASN C 209 -30.54 14.17 30.38
N LYS C 210 -29.27 13.75 30.17
CA LYS C 210 -28.57 13.22 31.33
C LYS C 210 -28.21 14.26 32.37
N TYR C 211 -27.67 15.42 31.90
CA TYR C 211 -27.03 16.45 32.66
C TYR C 211 -27.95 17.61 32.94
N GLY C 212 -28.94 17.75 32.07
CA GLY C 212 -29.97 18.74 32.28
C GLY C 212 -29.49 20.14 31.89
N SER C 213 -28.19 20.44 31.93
CA SER C 213 -27.79 21.76 31.49
C SER C 213 -26.34 21.77 30.97
N LEU C 214 -26.08 22.70 30.06
CA LEU C 214 -24.77 22.91 29.50
C LEU C 214 -23.66 22.96 30.54
N ASN C 215 -23.94 23.63 31.62
CA ASN C 215 -22.99 23.83 32.72
C ASN C 215 -22.74 22.53 33.48
N GLU C 216 -23.82 21.72 33.67
CA GLU C 216 -23.61 20.45 34.36
C GLU C 216 -22.78 19.57 33.44
N VAL C 217 -23.03 19.71 32.12
CA VAL C 217 -22.24 18.94 31.19
C VAL C 217 -20.76 19.34 31.37
N ASN C 218 -20.50 20.66 31.29
CA ASN C 218 -19.11 21.08 31.37
C ASN C 218 -18.48 20.62 32.70
N LYS C 219 -19.20 20.75 33.79
CA LYS C 219 -18.69 20.30 35.09
C LYS C 219 -18.33 18.83 35.10
N ALA C 220 -18.98 17.99 34.31
CA ALA C 220 -18.71 16.57 34.30
C ALA C 220 -17.55 16.24 33.37
N TRP C 221 -17.64 16.85 32.17
CA TRP C 221 -16.68 16.50 31.14
C TRP C 221 -15.35 17.24 31.28
N GLY C 222 -15.29 18.20 32.18
CA GLY C 222 -14.13 19.06 32.35
C GLY C 222 -13.90 19.91 31.10
N THR C 223 -14.97 20.27 30.42
CA THR C 223 -14.90 21.12 29.24
C THR C 223 -15.38 22.53 29.60
N LYS C 224 -15.41 23.34 28.55
CA LYS C 224 -15.85 24.71 28.60
C LYS C 224 -16.59 25.01 27.30
N LEU C 225 -17.67 24.28 27.11
CA LEU C 225 -18.47 24.53 25.92
C LEU C 225 -19.29 25.80 26.18
N ILE C 226 -19.32 26.66 25.13
CA ILE C 226 -20.13 27.84 25.32
C ILE C 226 -21.50 27.61 24.71
N SER C 227 -21.71 26.62 23.86
CA SER C 227 -23.09 26.47 23.36
C SER C 227 -23.49 25.00 23.37
N GLU C 228 -24.77 24.62 23.29
CA GLU C 228 -25.11 23.21 23.31
C GLU C 228 -24.84 22.65 21.92
N LEU C 229 -24.66 23.56 20.97
CA LEU C 229 -24.33 23.13 19.61
C LEU C 229 -22.89 22.64 19.61
N ALA C 230 -22.09 22.89 20.65
CA ALA C 230 -20.71 22.38 20.60
C ALA C 230 -20.66 21.01 21.26
N ILE C 231 -21.80 20.42 21.65
CA ILE C 231 -21.75 18.98 21.99
C ILE C 231 -21.79 18.23 20.66
N LEU C 232 -20.78 17.44 20.29
CA LEU C 232 -20.72 16.66 19.05
C LEU C 232 -20.06 15.32 19.20
N PRO C 233 -20.08 14.44 18.24
CA PRO C 233 -19.35 13.17 18.19
C PRO C 233 -17.87 13.50 17.99
N PRO C 234 -16.93 12.58 18.14
CA PRO C 234 -15.50 12.92 18.23
C PRO C 234 -14.98 13.62 16.99
N SER C 235 -14.24 14.69 17.20
CA SER C 235 -13.70 15.41 16.05
C SER C 235 -12.53 14.62 15.44
N ASP C 236 -11.89 13.71 16.12
CA ASP C 236 -10.79 12.98 15.49
C ASP C 236 -10.80 11.56 16.07
N GLY C 237 -11.29 10.64 15.25
CA GLY C 237 -11.45 9.27 15.69
C GLY C 237 -10.22 8.55 16.18
N GLU C 238 -9.05 8.98 15.71
CA GLU C 238 -7.80 8.26 15.98
C GLU C 238 -7.40 8.70 17.34
N GLN C 239 -7.49 10.00 17.55
CA GLN C 239 -7.19 10.49 18.90
C GLN C 239 -8.20 9.87 19.86
N PHE C 240 -9.47 9.82 19.39
CA PHE C 240 -10.50 9.29 20.28
C PHE C 240 -10.19 7.84 20.66
N LEU C 241 -9.76 7.07 19.66
CA LEU C 241 -9.43 5.71 19.95
C LEU C 241 -8.11 5.52 20.71
N MET C 242 -7.25 6.54 20.79
CA MET C 242 -5.97 6.44 21.48
C MET C 242 -6.13 6.83 22.94
N ASN C 243 -6.89 7.90 23.19
CA ASN C 243 -7.12 8.21 24.61
C ASN C 243 -8.35 9.06 24.93
N GLY C 244 -9.10 9.48 23.91
CA GLY C 244 -10.34 10.22 24.20
C GLY C 244 -11.36 9.31 24.91
N TYR C 245 -11.40 8.04 24.57
CA TYR C 245 -12.25 7.03 25.13
C TYR C 245 -12.06 6.95 26.65
N LEU C 246 -11.00 7.47 27.23
CA LEU C 246 -10.78 7.38 28.67
C LEU C 246 -11.34 8.51 29.50
N SER C 247 -11.78 9.61 28.90
CA SER C 247 -12.36 10.70 29.67
C SER C 247 -13.88 10.48 29.84
N MET C 248 -14.51 11.26 30.69
CA MET C 248 -15.94 11.14 30.94
C MET C 248 -16.71 11.29 29.65
N TYR C 249 -16.21 12.23 28.84
CA TYR C 249 -16.85 12.47 27.54
C TYR C 249 -16.87 11.23 26.71
N GLY C 250 -15.72 10.55 26.53
CA GLY C 250 -15.69 9.39 25.68
C GLY C 250 -16.61 8.29 26.22
N LYS C 251 -16.66 8.06 27.50
CA LYS C 251 -17.55 7.08 28.12
C LYS C 251 -19.02 7.39 27.73
N ASP C 252 -19.40 8.62 28.00
CA ASP C 252 -20.75 9.06 27.67
C ASP C 252 -20.98 8.80 26.21
N TYR C 253 -20.00 9.24 25.37
CA TYR C 253 -20.24 9.01 23.93
C TYR C 253 -20.41 7.56 23.54
N LEU C 254 -19.57 6.65 24.01
CA LEU C 254 -19.61 5.25 23.68
C LEU C 254 -20.83 4.61 24.38
N GLU C 255 -21.26 5.14 25.53
CA GLU C 255 -22.51 4.54 26.06
C GLU C 255 -23.70 4.85 25.12
N TRP C 256 -23.87 6.05 24.58
CA TRP C 256 -24.94 6.41 23.67
C TRP C 256 -24.80 5.61 22.40
N TYR C 257 -23.54 5.63 21.93
CA TYR C 257 -23.28 4.97 20.66
C TYR C 257 -23.58 3.46 20.69
N GLN C 258 -23.13 2.73 21.71
CA GLN C 258 -23.47 1.32 21.68
C GLN C 258 -24.98 1.17 22.04
N GLY C 259 -25.51 2.00 22.92
CA GLY C 259 -26.87 2.00 23.38
C GLY C 259 -27.86 2.01 22.21
N ILE C 260 -27.49 2.69 21.11
CA ILE C 260 -28.42 2.65 19.97
C ILE C 260 -28.54 1.22 19.49
N LEU C 261 -27.49 0.39 19.54
CA LEU C 261 -27.56 -0.95 18.97
C LEU C 261 -28.38 -1.86 19.94
N GLU C 262 -28.26 -1.61 21.20
CA GLU C 262 -28.95 -2.30 22.26
C GLU C 262 -30.44 -1.98 22.13
N ASN C 263 -30.82 -0.71 21.91
CA ASN C 263 -32.22 -0.39 21.65
C ASN C 263 -32.72 -1.05 20.37
N HIS C 264 -31.92 -1.07 19.31
CA HIS C 264 -32.42 -1.67 18.08
C HIS C 264 -32.67 -3.17 18.26
N THR C 265 -31.88 -3.78 19.17
CA THR C 265 -31.97 -5.21 19.44
C THR C 265 -33.31 -5.47 20.14
N LYS C 266 -33.73 -4.68 21.09
CA LYS C 266 -35.06 -4.88 21.73
C LYS C 266 -36.20 -4.54 20.79
N LEU C 267 -36.04 -3.56 19.89
CA LEU C 267 -37.08 -3.26 18.93
C LEU C 267 -37.29 -4.41 17.96
N ILE C 268 -36.27 -4.91 17.24
CA ILE C 268 -36.52 -5.97 16.27
C ILE C 268 -36.89 -7.34 16.87
N GLY C 269 -36.44 -7.63 18.10
CA GLY C 269 -36.89 -8.87 18.74
C GLY C 269 -38.40 -8.78 19.12
N GLU C 270 -38.91 -7.64 19.55
CA GLU C 270 -40.33 -7.45 19.87
C GLU C 270 -41.16 -7.64 18.57
N LEU C 271 -40.75 -6.97 17.52
CA LEU C 271 -41.45 -7.08 16.26
C LEU C 271 -41.45 -8.52 15.81
N ALA C 272 -40.30 -9.23 15.94
CA ALA C 272 -40.31 -10.60 15.45
C ALA C 272 -41.19 -11.53 16.29
N HIS C 273 -41.14 -11.58 17.54
CA HIS C 273 -41.85 -12.37 18.53
C HIS C 273 -43.34 -12.03 18.37
N ASN C 274 -43.62 -10.74 18.23
CA ASN C 274 -45.00 -10.38 17.91
C ASN C 274 -45.45 -11.03 16.60
N ALA C 275 -44.68 -10.98 15.54
CA ALA C 275 -45.21 -11.59 14.30
C ALA C 275 -45.16 -13.10 14.17
N PHE C 276 -44.16 -13.73 14.78
CA PHE C 276 -43.96 -15.14 14.59
C PHE C 276 -44.35 -16.06 15.71
N ASP C 277 -44.33 -15.68 16.97
CA ASP C 277 -44.49 -16.65 18.05
C ASP C 277 -45.75 -17.49 17.93
N THR C 278 -46.93 -16.89 17.82
CA THR C 278 -48.13 -17.71 17.81
C THR C 278 -48.24 -18.50 16.51
N THR C 279 -47.73 -18.06 15.36
CA THR C 279 -47.81 -18.93 14.19
C THR C 279 -46.74 -20.03 14.11
N PHE C 280 -45.45 -19.68 14.29
CA PHE C 280 -44.40 -20.67 14.05
C PHE C 280 -43.83 -21.24 15.33
N GLN C 281 -43.81 -20.47 16.41
CA GLN C 281 -43.28 -20.94 17.66
C GLN C 281 -41.84 -21.45 17.53
N VAL C 282 -40.94 -20.71 16.91
CA VAL C 282 -39.55 -21.19 16.83
C VAL C 282 -38.57 -20.18 17.41
N PRO C 283 -37.32 -20.61 17.61
CA PRO C 283 -36.27 -19.73 18.07
C PRO C 283 -36.08 -18.54 17.14
N ILE C 284 -35.86 -17.36 17.69
CA ILE C 284 -35.56 -16.20 16.86
C ILE C 284 -34.12 -15.75 17.16
N GLY C 285 -33.36 -15.45 16.14
CA GLY C 285 -31.95 -15.03 16.37
C GLY C 285 -31.51 -13.83 15.55
N ALA C 286 -30.32 -13.35 15.89
CA ALA C 286 -29.61 -12.30 15.16
C ALA C 286 -28.08 -12.49 15.33
N LYS C 287 -27.32 -11.90 14.40
CA LYS C 287 -25.91 -12.08 14.31
C LYS C 287 -25.01 -10.92 14.74
N ILE C 288 -23.94 -11.33 15.45
CA ILE C 288 -22.95 -10.35 15.85
C ILE C 288 -21.74 -10.56 14.94
N ALA C 289 -21.14 -9.56 14.35
CA ALA C 289 -19.94 -9.70 13.54
C ALA C 289 -18.66 -10.02 14.31
N GLY C 290 -17.69 -10.70 13.63
CA GLY C 290 -16.41 -11.02 14.34
C GLY C 290 -15.41 -9.92 13.94
N VAL C 291 -15.28 -8.86 14.78
CA VAL C 291 -14.37 -7.81 14.27
C VAL C 291 -13.01 -7.96 14.98
N HIS C 292 -12.25 -8.87 14.41
CA HIS C 292 -11.06 -9.39 15.05
C HIS C 292 -9.79 -8.59 14.79
N TRP C 293 -9.78 -7.75 13.74
CA TRP C 293 -8.56 -6.92 13.56
C TRP C 293 -8.46 -5.80 14.54
N GLN C 294 -7.26 -5.26 14.74
CA GLN C 294 -6.91 -4.16 15.64
C GLN C 294 -7.33 -4.41 17.06
N TYR C 295 -7.57 -5.67 17.38
CA TYR C 295 -7.98 -6.05 18.74
C TYR C 295 -6.94 -5.69 19.77
N ASN C 296 -5.66 -6.10 19.53
CA ASN C 296 -4.65 -5.83 20.54
C ASN C 296 -3.59 -4.84 20.11
N ASN C 297 -4.01 -3.92 19.24
CA ASN C 297 -3.09 -2.84 18.87
C ASN C 297 -2.79 -2.14 20.17
N PRO C 298 -1.53 -1.83 20.48
CA PRO C 298 -1.22 -1.24 21.79
C PRO C 298 -1.53 0.22 21.96
N THR C 299 -1.62 1.00 20.90
CA THR C 299 -1.92 2.42 21.08
C THR C 299 -3.41 2.73 20.78
N ILE C 300 -4.08 2.08 19.84
CA ILE C 300 -5.50 2.22 19.51
C ILE C 300 -6.23 0.87 19.71
N PRO C 301 -6.42 0.49 20.96
CA PRO C 301 -6.97 -0.77 21.36
C PRO C 301 -8.41 -0.97 20.88
N HIS C 302 -8.72 -2.13 20.30
CA HIS C 302 -10.01 -2.41 19.74
C HIS C 302 -10.46 -1.37 18.70
N GLY C 303 -9.52 -0.78 17.94
CA GLY C 303 -9.89 0.24 16.97
C GLY C 303 -10.74 -0.15 15.77
N ALA C 304 -11.10 -1.39 15.59
CA ALA C 304 -12.04 -1.77 14.55
C ALA C 304 -13.40 -2.11 15.28
N GLU C 305 -13.33 -2.51 16.55
CA GLU C 305 -14.52 -2.80 17.35
C GLU C 305 -15.25 -1.57 17.91
N LYS C 306 -14.56 -0.57 18.54
CA LYS C 306 -15.35 0.52 19.03
C LYS C 306 -16.22 1.12 17.92
N PRO C 307 -15.73 1.43 16.73
CA PRO C 307 -16.50 2.11 15.70
C PRO C 307 -17.63 1.30 15.13
N ALA C 308 -17.51 -0.03 15.13
CA ALA C 308 -18.49 -0.95 14.68
C ALA C 308 -19.72 -0.96 15.60
N GLY C 309 -19.60 -0.43 16.77
CA GLY C 309 -20.56 -0.45 17.80
C GLY C 309 -20.16 -1.23 19.06
N TYR C 310 -19.04 -1.94 19.09
CA TYR C 310 -18.79 -2.84 20.20
C TYR C 310 -17.85 -2.31 21.25
N ASN C 311 -18.37 -1.72 22.27
CA ASN C 311 -17.52 -1.20 23.35
C ASN C 311 -17.64 -2.13 24.57
N ASP C 312 -18.79 -2.78 24.75
CA ASP C 312 -18.90 -3.66 25.92
C ASP C 312 -19.87 -4.80 25.56
N TYR C 313 -19.25 -5.91 25.15
CA TYR C 313 -19.92 -7.08 24.66
C TYR C 313 -20.88 -7.65 25.70
N SER C 314 -20.50 -7.43 26.97
CA SER C 314 -21.39 -7.99 27.99
C SER C 314 -22.75 -7.27 27.92
N HIS C 315 -22.71 -5.95 27.79
CA HIS C 315 -23.88 -5.12 27.80
C HIS C 315 -24.72 -5.43 26.56
N LEU C 316 -23.93 -5.64 25.51
CA LEU C 316 -24.52 -5.96 24.24
C LEU C 316 -25.30 -7.30 24.34
N LEU C 317 -24.68 -8.29 24.98
CA LEU C 317 -25.33 -9.61 25.03
C LEU C 317 -26.56 -9.56 25.93
N ASP C 318 -26.62 -8.78 26.98
CA ASP C 318 -27.75 -8.60 27.83
C ASP C 318 -28.97 -8.10 27.05
N ALA C 319 -28.74 -7.33 25.96
CA ALA C 319 -29.84 -6.82 25.16
C ALA C 319 -30.47 -8.01 24.47
N PHE C 320 -29.58 -8.90 24.01
CA PHE C 320 -30.10 -10.12 23.36
C PHE C 320 -30.91 -10.97 24.33
N LYS C 321 -30.43 -11.18 25.54
CA LYS C 321 -31.12 -11.99 26.55
C LYS C 321 -32.50 -11.38 26.73
N SER C 322 -32.46 -10.06 26.97
CA SER C 322 -33.67 -9.32 27.33
C SER C 322 -34.71 -9.31 26.22
N ALA C 323 -34.24 -9.36 24.97
CA ALA C 323 -35.13 -9.40 23.80
C ALA C 323 -35.42 -10.86 23.38
N LYS C 324 -34.85 -11.84 24.06
CA LYS C 324 -35.07 -13.22 23.73
C LYS C 324 -34.62 -13.53 22.32
N LEU C 325 -33.41 -13.06 21.99
CA LEU C 325 -32.87 -13.47 20.68
C LEU C 325 -31.68 -14.44 21.01
N ASP C 326 -31.51 -15.42 20.15
CA ASP C 326 -30.35 -16.30 20.17
C ASP C 326 -29.24 -15.57 19.37
N VAL C 327 -27.98 -15.80 19.72
CA VAL C 327 -26.84 -15.23 19.04
C VAL C 327 -26.05 -16.16 18.14
N THR C 328 -25.83 -15.65 16.92
CA THR C 328 -24.94 -16.26 15.98
C THR C 328 -23.61 -15.47 15.97
N PHE C 329 -22.51 -16.22 16.11
CA PHE C 329 -21.18 -15.61 16.13
C PHE C 329 -20.36 -16.22 15.01
N THR C 330 -19.26 -15.59 14.64
CA THR C 330 -18.48 -16.01 13.49
C THR C 330 -16.98 -16.12 13.72
N CYS C 331 -16.25 -16.50 12.65
CA CYS C 331 -14.79 -16.67 12.73
C CYS C 331 -14.35 -17.95 13.43
N LEU C 332 -15.22 -18.97 13.56
CA LEU C 332 -14.85 -20.13 14.34
C LEU C 332 -13.73 -20.95 13.68
N GLU C 333 -13.42 -20.82 12.42
CA GLU C 333 -12.31 -21.53 11.82
C GLU C 333 -10.95 -20.84 11.95
N MET C 334 -10.78 -19.68 12.51
CA MET C 334 -9.53 -18.93 12.50
C MET C 334 -8.63 -19.05 13.73
N THR C 335 -7.39 -18.54 13.70
CA THR C 335 -6.52 -18.60 14.87
C THR C 335 -5.95 -17.25 15.29
N ASP C 336 -5.60 -17.09 16.56
CA ASP C 336 -5.02 -15.85 16.98
C ASP C 336 -3.71 -15.55 16.23
N LYS C 337 -3.50 -14.34 15.75
CA LYS C 337 -2.23 -13.91 15.16
C LYS C 337 -1.67 -12.82 16.11
N GLY C 338 -2.25 -11.68 16.39
CA GLY C 338 -1.78 -10.82 17.47
C GLY C 338 -0.62 -9.90 17.11
N SER C 339 -0.04 -9.97 15.94
CA SER C 339 1.11 -9.17 15.58
C SER C 339 0.81 -8.02 14.63
N TYR C 340 1.71 -7.02 14.64
CA TYR C 340 1.62 -5.85 13.76
C TYR C 340 1.67 -6.34 12.33
N PRO C 341 0.96 -5.76 11.40
CA PRO C 341 0.03 -4.68 11.64
C PRO C 341 -1.44 -5.03 11.83
N GLU C 342 -1.95 -6.19 11.46
CA GLU C 342 -3.36 -6.50 11.60
C GLU C 342 -3.86 -6.62 13.03
N TYR C 343 -3.03 -7.01 13.97
CA TYR C 343 -3.33 -7.23 15.36
C TYR C 343 -4.61 -8.06 15.61
N SER C 344 -4.83 -9.04 14.76
CA SER C 344 -5.97 -9.90 14.67
C SER C 344 -6.02 -10.99 15.70
N MET C 345 -7.05 -11.09 16.51
CA MET C 345 -7.25 -12.11 17.52
C MET C 345 -8.66 -12.70 17.47
N PRO C 346 -9.05 -13.32 16.38
CA PRO C 346 -10.30 -13.98 16.20
C PRO C 346 -10.60 -15.12 17.15
N LYS C 347 -9.63 -15.92 17.59
CA LYS C 347 -9.94 -16.98 18.54
C LYS C 347 -10.12 -16.49 19.96
N THR C 348 -9.33 -15.51 20.39
CA THR C 348 -9.55 -14.95 21.73
C THR C 348 -10.92 -14.26 21.76
N LEU C 349 -11.38 -13.79 20.59
CA LEU C 349 -12.65 -13.07 20.55
C LEU C 349 -13.82 -14.04 20.76
N VAL C 350 -13.83 -15.10 19.97
CA VAL C 350 -14.78 -16.15 19.94
C VAL C 350 -14.94 -16.75 21.33
N GLN C 351 -13.81 -17.03 21.96
CA GLN C 351 -13.76 -17.58 23.28
C GLN C 351 -14.44 -16.59 24.24
N ASN C 352 -14.05 -15.32 24.09
CA ASN C 352 -14.61 -14.29 24.98
C ASN C 352 -16.15 -14.16 24.88
N ILE C 353 -16.67 -14.11 23.65
CA ILE C 353 -18.09 -14.07 23.39
C ILE C 353 -18.78 -15.31 23.95
N ALA C 354 -18.31 -16.50 23.56
CA ALA C 354 -18.91 -17.73 24.08
C ALA C 354 -18.93 -17.74 25.60
N THR C 355 -17.86 -17.37 26.25
CA THR C 355 -17.88 -17.36 27.74
C THR C 355 -18.98 -16.47 28.30
N LEU C 356 -19.08 -15.22 27.84
CA LEU C 356 -20.12 -14.30 28.27
C LEU C 356 -21.55 -14.78 28.02
N ALA C 357 -21.75 -15.42 26.89
CA ALA C 357 -23.04 -15.93 26.46
C ALA C 357 -23.52 -17.12 27.27
N ASN C 358 -22.65 -18.12 27.42
CA ASN C 358 -22.92 -19.25 28.29
C ASN C 358 -23.17 -18.75 29.71
N GLU C 359 -22.46 -17.77 30.17
CA GLU C 359 -22.68 -17.26 31.55
C GLU C 359 -24.06 -16.65 31.67
N LYS C 360 -24.58 -16.13 30.53
CA LYS C 360 -25.85 -15.41 30.61
C LYS C 360 -27.02 -16.33 30.21
N GLY C 361 -26.73 -17.56 29.83
CA GLY C 361 -27.75 -18.49 29.37
C GLY C 361 -28.28 -18.19 28.00
N ILE C 362 -27.53 -17.62 27.06
CA ILE C 362 -28.08 -17.39 25.72
C ILE C 362 -27.80 -18.50 24.77
N VAL C 363 -28.72 -18.99 23.94
CA VAL C 363 -28.35 -20.03 22.95
C VAL C 363 -27.36 -19.47 21.94
N LEU C 364 -26.30 -20.24 21.66
CA LEU C 364 -25.17 -19.84 20.84
C LEU C 364 -25.02 -20.60 19.53
N ASN C 365 -24.85 -19.93 18.40
CA ASN C 365 -24.66 -20.55 17.10
C ASN C 365 -23.42 -19.96 16.41
N GLY C 366 -22.87 -20.66 15.42
CA GLY C 366 -21.61 -20.14 14.85
C GLY C 366 -21.49 -20.45 13.39
N GLU C 367 -20.65 -19.70 12.72
CA GLU C 367 -20.40 -19.85 11.31
C GLU C 367 -18.88 -19.69 11.08
N ASN C 368 -18.41 -20.14 9.93
CA ASN C 368 -17.04 -19.79 9.56
C ASN C 368 -17.10 -18.38 8.97
N ALA C 369 -15.99 -17.66 8.92
CA ALA C 369 -15.96 -16.33 8.33
C ALA C 369 -15.70 -16.51 6.84
N LEU C 370 -14.71 -17.34 6.54
CA LEU C 370 -14.38 -17.47 5.12
C LEU C 370 -14.59 -18.87 4.58
N SER C 371 -14.61 -19.06 3.28
CA SER C 371 -14.72 -20.37 2.70
C SER C 371 -13.60 -21.30 3.21
N ILE C 372 -13.99 -22.52 3.53
CA ILE C 372 -13.09 -23.55 4.01
C ILE C 372 -12.79 -24.54 2.91
N GLY C 373 -11.50 -24.71 2.62
CA GLY C 373 -11.01 -25.55 1.56
C GLY C 373 -10.13 -26.68 2.10
N ASN C 374 -9.93 -26.76 3.41
CA ASN C 374 -9.19 -27.91 3.92
C ASN C 374 -9.77 -28.38 5.24
N GLU C 375 -9.49 -29.62 5.54
CA GLU C 375 -9.96 -30.26 6.76
C GLU C 375 -9.37 -29.67 8.02
N GLU C 376 -8.21 -29.05 7.93
CA GLU C 376 -7.61 -28.42 9.11
C GLU C 376 -8.54 -27.38 9.74
N GLU C 377 -9.22 -26.64 8.85
CA GLU C 377 -10.14 -25.60 9.32
C GLU C 377 -11.44 -26.25 9.79
N TYR C 378 -11.84 -27.42 9.32
CA TYR C 378 -13.01 -28.07 9.93
C TYR C 378 -12.64 -28.45 11.35
N LYS C 379 -11.37 -28.87 11.49
CA LYS C 379 -10.84 -29.31 12.79
C LYS C 379 -10.81 -28.19 13.80
N ARG C 380 -10.47 -26.97 13.43
CA ARG C 380 -10.60 -25.79 14.24
C ARG C 380 -12.06 -25.43 14.49
N VAL C 381 -12.93 -25.64 13.49
CA VAL C 381 -14.38 -25.40 13.79
C VAL C 381 -14.91 -26.47 14.74
N ALA C 382 -14.51 -27.73 14.57
CA ALA C 382 -14.94 -28.67 15.62
C ALA C 382 -14.48 -28.26 17.02
N GLU C 383 -13.28 -27.73 17.24
CA GLU C 383 -12.84 -27.44 18.61
C GLU C 383 -13.64 -26.44 19.39
N MET C 384 -13.92 -25.27 18.81
CA MET C 384 -14.69 -24.22 19.49
C MET C 384 -16.15 -24.71 19.55
N ALA C 385 -16.68 -25.24 18.48
CA ALA C 385 -18.13 -25.63 18.47
C ALA C 385 -18.44 -26.60 19.60
N PHE C 386 -17.62 -27.64 19.73
CA PHE C 386 -17.85 -28.71 20.65
C PHE C 386 -17.28 -28.48 22.03
N ASN C 387 -16.45 -27.48 22.31
CA ASN C 387 -15.96 -27.29 23.67
C ASN C 387 -16.48 -25.99 24.26
N TYR C 388 -17.16 -25.18 23.41
CA TYR C 388 -17.70 -23.93 24.00
C TYR C 388 -19.22 -23.87 23.98
N ASN C 389 -19.89 -25.03 24.04
CA ASN C 389 -21.30 -25.22 24.11
C ASN C 389 -22.15 -24.61 23.01
N PHE C 390 -21.69 -24.61 21.80
CA PHE C 390 -22.42 -24.02 20.68
C PHE C 390 -23.59 -24.95 20.44
N ALA C 391 -24.76 -24.38 20.13
CA ALA C 391 -25.93 -25.24 19.89
C ALA C 391 -26.06 -25.41 18.40
N GLY C 392 -25.28 -24.73 17.58
CA GLY C 392 -25.47 -24.86 16.11
C GLY C 392 -24.24 -24.39 15.39
N PHE C 393 -23.99 -24.96 14.19
CA PHE C 393 -22.92 -24.46 13.36
C PHE C 393 -23.44 -24.34 11.93
N THR C 394 -23.19 -23.21 11.29
CA THR C 394 -23.63 -23.02 9.92
C THR C 394 -22.40 -22.88 9.01
N LEU C 395 -22.37 -23.58 7.90
CA LEU C 395 -21.30 -23.56 6.96
C LEU C 395 -21.53 -22.65 5.76
N LEU C 396 -20.61 -21.72 5.55
CA LEU C 396 -20.65 -20.84 4.37
C LEU C 396 -19.66 -21.46 3.40
N ARG C 397 -20.10 -21.99 2.28
CA ARG C 397 -21.48 -21.90 1.82
C ARG C 397 -21.77 -23.10 0.91
N TYR C 398 -23.01 -23.31 0.52
CA TYR C 398 -23.47 -24.37 -0.35
C TYR C 398 -22.45 -24.94 -1.33
N GLN C 399 -22.04 -24.11 -2.28
CA GLN C 399 -21.19 -24.59 -3.38
C GLN C 399 -19.83 -25.09 -2.88
N ASP C 400 -19.32 -24.71 -1.74
CA ASP C 400 -18.06 -25.25 -1.26
C ASP C 400 -18.14 -26.75 -1.05
N VAL C 401 -19.12 -27.27 -0.28
CA VAL C 401 -19.12 -28.69 -0.02
C VAL C 401 -19.98 -29.46 -1.03
N MET C 402 -20.97 -28.76 -1.56
CA MET C 402 -21.94 -29.42 -2.45
C MET C 402 -21.29 -29.96 -3.69
N TYR C 403 -20.27 -29.28 -4.19
CA TYR C 403 -19.62 -29.76 -5.41
C TYR C 403 -18.28 -30.42 -5.18
N ASN C 404 -17.81 -30.49 -3.94
CA ASN C 404 -16.55 -31.16 -3.67
C ASN C 404 -16.81 -32.33 -2.72
N ASN C 405 -16.94 -33.54 -3.26
CA ASN C 405 -17.24 -34.64 -2.33
C ASN C 405 -16.19 -34.91 -1.28
N SER C 406 -14.93 -34.59 -1.51
CA SER C 406 -13.95 -34.97 -0.49
C SER C 406 -14.09 -34.03 0.70
N LEU C 407 -14.35 -32.74 0.38
CA LEU C 407 -14.65 -31.85 1.52
C LEU C 407 -15.93 -32.30 2.24
N MET C 408 -16.97 -32.65 1.53
CA MET C 408 -18.27 -33.11 2.04
C MET C 408 -18.15 -34.34 2.92
N GLY C 409 -17.31 -35.29 2.51
CA GLY C 409 -17.02 -36.45 3.40
C GLY C 409 -16.39 -35.96 4.69
N LYS C 410 -15.36 -35.15 4.65
CA LYS C 410 -14.68 -34.59 5.80
C LYS C 410 -15.58 -33.75 6.67
N PHE C 411 -16.48 -33.00 6.04
CA PHE C 411 -17.46 -32.25 6.84
C PHE C 411 -18.32 -33.24 7.62
N LYS C 412 -18.80 -34.26 6.90
CA LYS C 412 -19.67 -35.21 7.57
C LYS C 412 -19.07 -35.86 8.78
N ASP C 413 -17.83 -36.29 8.64
CA ASP C 413 -17.12 -36.94 9.74
C ASP C 413 -16.87 -36.03 10.90
N LEU C 414 -16.39 -34.81 10.57
CA LEU C 414 -16.01 -33.89 11.65
C LEU C 414 -17.14 -33.08 12.25
N LEU C 415 -18.16 -32.69 11.46
CA LEU C 415 -19.15 -31.75 11.94
C LEU C 415 -20.64 -32.09 11.78
N GLY C 416 -20.96 -32.99 10.86
CA GLY C 416 -22.33 -33.39 10.64
C GLY C 416 -22.65 -34.43 11.72
N VAL C 417 -22.39 -34.11 13.00
CA VAL C 417 -22.65 -35.17 13.98
C VAL C 417 -23.98 -35.00 14.71
N THR C 418 -24.49 -36.15 15.13
CA THR C 418 -25.71 -36.22 15.93
C THR C 418 -25.29 -36.59 17.34
N PRO C 419 -25.47 -35.71 18.29
CA PRO C 419 -25.13 -35.94 19.67
C PRO C 419 -26.00 -36.91 20.46
N VAL C 420 -25.49 -38.08 20.85
CA VAL C 420 -26.27 -38.95 21.71
C VAL C 420 -25.64 -39.16 23.09
N MET C 421 -26.57 -39.27 24.03
CA MET C 421 -26.24 -39.53 25.42
C MET C 421 -25.72 -40.95 25.59
N GLN C 422 -24.54 -41.06 26.18
CA GLN C 422 -23.95 -42.40 26.40
C GLN C 422 -23.43 -42.36 27.83
N THR C 423 -23.22 -43.49 28.44
CA THR C 423 -22.82 -43.62 29.84
C THR C 423 -21.43 -44.25 29.88
N ILE C 424 -20.50 -43.56 30.52
CA ILE C 424 -19.10 -44.04 30.58
C ILE C 424 -18.83 -44.50 32.01
N VAL C 425 -18.39 -45.76 32.16
CA VAL C 425 -18.19 -46.23 33.53
C VAL C 425 -16.72 -46.59 33.72
N VAL C 426 -16.11 -46.16 34.83
CA VAL C 426 -14.69 -46.54 34.97
C VAL C 426 -14.47 -47.24 36.31
N LYS C 427 -14.06 -48.52 36.22
CA LYS C 427 -13.87 -49.26 37.49
C LYS C 427 -12.41 -49.40 37.88
N ASN C 428 -12.27 -49.62 39.17
CA ASN C 428 -10.99 -49.95 39.81
C ASN C 428 -10.01 -48.79 39.74
N VAL C 429 -10.48 -47.61 40.11
CA VAL C 429 -9.68 -46.40 40.00
C VAL C 429 -9.03 -46.07 41.33
N PRO C 430 -7.73 -45.91 41.36
CA PRO C 430 -6.99 -45.60 42.57
C PRO C 430 -6.93 -44.15 42.98
N THR C 431 -8.03 -43.56 43.42
CA THR C 431 -8.02 -42.17 43.86
C THR C 431 -7.72 -42.03 45.35
N THR C 432 -7.26 -40.86 45.76
CA THR C 432 -7.11 -40.52 47.15
C THR C 432 -7.95 -39.24 47.38
N ILE C 433 -8.09 -38.93 48.66
CA ILE C 433 -8.83 -37.72 49.00
C ILE C 433 -8.45 -36.57 48.11
N GLY C 434 -9.44 -35.82 47.62
CA GLY C 434 -9.15 -34.62 46.85
C GLY C 434 -8.96 -34.84 45.38
N ASP C 435 -8.79 -36.10 44.98
CA ASP C 435 -8.62 -36.43 43.57
C ASP C 435 -9.94 -36.41 42.78
N THR C 436 -9.88 -35.96 41.54
CA THR C 436 -11.07 -36.02 40.66
C THR C 436 -10.76 -36.79 39.38
N VAL C 437 -11.74 -37.47 38.83
CA VAL C 437 -11.50 -38.26 37.61
C VAL C 437 -12.14 -37.57 36.41
N TYR C 438 -11.56 -37.80 35.23
CA TYR C 438 -11.94 -37.22 33.97
C TYR C 438 -11.62 -38.17 32.83
N ILE C 439 -12.11 -37.84 31.65
CA ILE C 439 -11.78 -38.57 30.44
C ILE C 439 -11.45 -37.59 29.29
N THR C 440 -10.56 -37.96 28.40
CA THR C 440 -10.33 -37.12 27.24
C THR C 440 -10.08 -38.04 26.05
N GLY C 441 -10.02 -37.62 24.81
CA GLY C 441 -9.93 -38.57 23.72
C GLY C 441 -9.70 -37.97 22.35
N ASN C 442 -9.60 -38.77 21.27
CA ASN C 442 -9.12 -38.27 19.99
C ASN C 442 -10.02 -37.31 19.23
N ARG C 443 -11.22 -36.98 19.67
CA ARG C 443 -12.04 -36.07 18.85
C ARG C 443 -12.19 -34.74 19.55
N ALA C 444 -12.57 -33.73 18.76
CA ALA C 444 -12.88 -32.44 19.43
C ALA C 444 -14.02 -32.66 20.40
N GLU C 445 -14.96 -33.59 20.07
CA GLU C 445 -16.09 -33.79 21.02
C GLU C 445 -15.58 -34.19 22.39
N LEU C 446 -14.35 -34.74 22.47
CA LEU C 446 -13.87 -35.16 23.79
C LEU C 446 -12.69 -34.38 24.34
N GLY C 447 -12.38 -33.18 23.81
CA GLY C 447 -11.27 -32.41 24.26
C GLY C 447 -9.98 -32.68 23.50
N SER C 448 -10.02 -33.48 22.45
CA SER C 448 -8.83 -33.72 21.66
C SER C 448 -7.61 -34.04 22.52
N TRP C 449 -7.69 -34.87 23.55
CA TRP C 449 -6.57 -35.18 24.42
C TRP C 449 -6.18 -34.06 25.37
N ASP C 450 -6.85 -32.90 25.35
CA ASP C 450 -6.55 -31.87 26.33
C ASP C 450 -6.95 -32.37 27.72
N THR C 451 -6.17 -31.89 28.70
CA THR C 451 -6.39 -32.29 30.09
C THR C 451 -6.42 -31.08 31.03
N LYS C 452 -6.11 -29.91 30.50
CA LYS C 452 -6.02 -28.68 31.27
C LYS C 452 -7.33 -27.92 31.27
N GLN C 453 -8.03 -27.83 30.14
CA GLN C 453 -9.31 -27.09 30.28
C GLN C 453 -10.48 -27.68 29.49
N TYR C 454 -10.35 -28.65 28.64
CA TYR C 454 -11.41 -29.29 27.95
C TYR C 454 -11.84 -30.71 28.32
N PRO C 455 -11.27 -31.34 29.33
CA PRO C 455 -11.65 -32.72 29.66
C PRO C 455 -13.04 -32.80 30.26
N ILE C 456 -13.71 -33.90 30.07
CA ILE C 456 -15.08 -34.16 30.54
C ILE C 456 -15.05 -34.89 31.87
N GLN C 457 -15.60 -34.29 32.91
CA GLN C 457 -15.53 -34.75 34.27
C GLN C 457 -16.38 -35.98 34.56
N LEU C 458 -15.92 -36.90 35.42
CA LEU C 458 -16.73 -38.04 35.79
C LEU C 458 -17.01 -37.84 37.28
N TYR C 459 -18.00 -38.58 37.74
CA TYR C 459 -18.45 -38.53 39.12
C TYR C 459 -18.45 -39.94 39.67
N TYR C 460 -18.16 -40.01 40.95
CA TYR C 460 -18.09 -41.23 41.70
C TYR C 460 -19.48 -41.74 42.10
N ASP C 461 -19.77 -42.99 41.80
CA ASP C 461 -21.02 -43.56 42.30
C ASP C 461 -20.69 -44.56 43.40
N SER C 462 -21.09 -44.21 44.62
CA SER C 462 -20.79 -45.06 45.77
C SER C 462 -21.59 -46.36 45.69
N HIS C 463 -22.87 -46.22 45.36
CA HIS C 463 -23.72 -47.41 45.20
C HIS C 463 -22.95 -48.39 44.32
N SER C 464 -22.03 -47.95 43.46
CA SER C 464 -21.21 -48.88 42.70
C SER C 464 -19.71 -48.70 42.88
N ASN C 465 -19.23 -47.81 43.74
CA ASN C 465 -17.79 -47.62 43.92
C ASN C 465 -17.13 -47.57 42.55
N ASP C 466 -17.64 -46.66 41.70
CA ASP C 466 -17.01 -46.57 40.38
C ASP C 466 -17.20 -45.13 39.92
N TRP C 467 -16.58 -44.88 38.77
CA TRP C 467 -16.64 -43.52 38.24
C TRP C 467 -17.38 -43.56 36.92
N ARG C 468 -18.37 -42.67 36.90
CA ARG C 468 -19.23 -42.58 35.73
C ARG C 468 -19.66 -41.15 35.45
N GLY C 469 -20.19 -41.02 34.25
CA GLY C 469 -20.76 -39.78 33.76
C GLY C 469 -21.66 -40.10 32.56
N ASN C 470 -22.65 -39.22 32.37
CA ASN C 470 -23.51 -39.39 31.17
C ASN C 470 -22.93 -38.42 30.15
N VAL C 471 -22.43 -38.94 29.04
CA VAL C 471 -21.67 -38.08 28.16
C VAL C 471 -22.29 -38.02 26.79
N VAL C 472 -22.38 -36.77 26.29
CA VAL C 472 -22.91 -36.65 24.91
C VAL C 472 -21.76 -36.92 23.96
N LEU C 473 -21.94 -37.72 22.96
CA LEU C 473 -20.97 -38.17 22.00
C LEU C 473 -21.49 -38.24 20.56
N PRO C 474 -20.59 -38.06 19.60
CA PRO C 474 -20.94 -38.08 18.22
C PRO C 474 -21.34 -39.51 17.91
N ALA C 475 -22.63 -39.68 17.64
CA ALA C 475 -23.18 -40.98 17.31
C ALA C 475 -22.42 -41.54 16.14
N GLU C 476 -22.32 -42.85 16.00
CA GLU C 476 -21.78 -43.45 14.81
C GLU C 476 -20.39 -42.90 14.45
N ARG C 477 -19.62 -42.36 15.41
CA ARG C 477 -18.25 -42.06 14.96
C ARG C 477 -17.30 -42.96 15.75
N ASN C 478 -16.10 -43.14 15.24
CA ASN C 478 -15.09 -43.91 15.96
C ASN C 478 -14.31 -43.08 16.97
N ILE C 479 -14.19 -43.49 18.20
CA ILE C 479 -13.48 -42.73 19.22
C ILE C 479 -12.52 -43.54 20.09
N GLU C 480 -11.48 -42.88 20.54
CA GLU C 480 -10.47 -43.44 21.43
C GLU C 480 -10.38 -42.54 22.64
N PHE C 481 -10.31 -43.04 23.87
CA PHE C 481 -10.27 -42.17 25.01
C PHE C 481 -9.57 -42.83 26.19
N LYS C 482 -9.25 -42.09 27.24
CA LYS C 482 -8.71 -42.70 28.44
C LYS C 482 -9.18 -41.89 29.66
N ALA C 483 -9.40 -42.50 30.81
CA ALA C 483 -9.68 -41.73 32.01
C ALA C 483 -8.40 -41.23 32.65
N PHE C 484 -8.36 -40.17 33.42
CA PHE C 484 -7.16 -39.73 34.12
C PHE C 484 -7.63 -39.16 35.44
N ILE C 485 -6.73 -39.00 36.40
CA ILE C 485 -7.03 -38.45 37.71
C ILE C 485 -6.36 -37.11 37.79
N LYS C 486 -6.97 -36.09 38.31
CA LYS C 486 -6.27 -34.83 38.61
C LYS C 486 -6.23 -34.76 40.14
N SER C 487 -5.08 -34.50 40.72
CA SER C 487 -4.96 -34.49 42.19
C SER C 487 -5.48 -33.11 42.61
N LYS C 488 -6.05 -33.00 43.80
CA LYS C 488 -6.57 -31.69 44.20
C LYS C 488 -5.85 -30.56 43.51
N ASP C 489 -4.55 -30.35 43.69
CA ASP C 489 -3.85 -29.23 43.09
C ASP C 489 -4.07 -28.99 41.60
N GLY C 490 -4.86 -29.84 40.95
CA GLY C 490 -5.15 -29.70 39.54
C GLY C 490 -4.18 -30.28 38.53
N THR C 491 -3.15 -31.00 38.98
CA THR C 491 -2.22 -31.56 37.99
C THR C 491 -2.53 -33.01 37.72
N VAL C 492 -2.35 -33.50 36.50
CA VAL C 492 -2.56 -34.91 36.18
C VAL C 492 -1.69 -35.83 37.03
N LYS C 493 -2.29 -36.69 37.82
CA LYS C 493 -1.65 -37.61 38.73
C LYS C 493 -1.25 -38.91 38.03
N SER C 494 -2.15 -39.48 37.27
CA SER C 494 -1.87 -40.75 36.59
C SER C 494 -2.90 -40.93 35.48
N TRP C 495 -2.79 -41.95 34.67
CA TRP C 495 -3.69 -42.21 33.57
C TRP C 495 -4.13 -43.67 33.54
N GLN C 496 -5.29 -43.96 32.99
CA GLN C 496 -5.81 -45.32 32.83
C GLN C 496 -4.75 -46.11 32.05
N THR C 497 -4.66 -47.40 32.32
CA THR C 497 -3.61 -48.22 31.75
C THR C 497 -3.75 -48.53 30.27
N ILE C 498 -4.94 -48.93 29.85
CA ILE C 498 -5.20 -49.26 28.44
C ILE C 498 -6.15 -48.24 27.82
N GLN C 499 -5.78 -47.72 26.65
CA GLN C 499 -6.58 -46.75 25.90
C GLN C 499 -7.91 -47.33 25.40
N GLN C 500 -9.02 -46.76 25.88
CA GLN C 500 -10.32 -47.32 25.52
C GLN C 500 -10.80 -46.88 24.14
N SER C 501 -11.79 -47.59 23.61
CA SER C 501 -12.30 -47.24 22.29
C SER C 501 -13.75 -47.64 22.07
N TRP C 502 -14.40 -46.99 21.09
CA TRP C 502 -15.80 -47.19 20.75
C TRP C 502 -15.94 -47.06 19.24
N ASN C 503 -16.01 -48.21 18.60
CA ASN C 503 -16.03 -48.25 17.14
C ASN C 503 -17.20 -48.90 16.45
N PRO C 504 -18.19 -48.11 16.03
CA PRO C 504 -18.23 -46.69 16.34
C PRO C 504 -19.10 -46.48 17.58
N VAL C 505 -19.36 -45.25 18.01
CA VAL C 505 -20.33 -45.03 19.07
C VAL C 505 -21.72 -45.40 18.53
N PRO C 506 -22.50 -46.03 19.40
CA PRO C 506 -23.80 -46.54 19.02
C PRO C 506 -24.85 -45.45 18.89
N LEU C 507 -25.80 -45.66 17.99
CA LEU C 507 -26.89 -44.72 17.81
C LEU C 507 -27.84 -44.70 19.01
N LYS C 508 -27.83 -45.67 19.92
CA LYS C 508 -28.81 -45.60 21.02
C LYS C 508 -28.18 -45.53 22.41
N THR C 509 -28.69 -44.82 23.38
CA THR C 509 -28.07 -44.79 24.70
C THR C 509 -27.83 -46.20 25.26
N THR C 510 -26.63 -46.39 25.81
CA THR C 510 -26.11 -47.63 26.36
C THR C 510 -24.94 -47.33 27.30
N SER C 511 -23.98 -48.24 27.47
CA SER C 511 -22.87 -47.89 28.39
C SER C 511 -21.58 -48.57 27.95
N HIS C 512 -20.48 -47.92 28.24
CA HIS C 512 -19.12 -48.34 27.92
C HIS C 512 -18.41 -48.46 29.28
N THR C 513 -18.21 -49.75 29.58
CA THR C 513 -17.59 -50.04 30.88
C THR C 513 -16.17 -50.53 30.63
N SER C 514 -15.33 -50.17 31.59
CA SER C 514 -13.93 -50.59 31.48
C SER C 514 -13.32 -50.39 32.85
N SER C 515 -12.14 -50.95 32.99
CA SER C 515 -11.38 -50.82 34.22
C SER C 515 -10.10 -50.04 33.96
N TRP C 516 -9.67 -49.41 35.05
CA TRP C 516 -8.49 -48.59 35.12
C TRP C 516 -7.27 -49.33 34.67
N ALA D 1 -11.83 28.55 -8.68
CA ALA D 1 -12.19 28.32 -10.10
C ALA D 1 -11.35 29.27 -10.96
N VAL D 2 -11.49 29.30 -12.26
CA VAL D 2 -10.67 30.24 -13.04
C VAL D 2 -11.03 31.71 -12.78
N ASN D 3 -10.02 32.57 -12.95
CA ASN D 3 -10.16 34.00 -12.83
C ASN D 3 -10.63 34.37 -11.43
N GLY D 4 -10.27 33.48 -10.49
CA GLY D 4 -10.48 33.79 -9.07
C GLY D 4 -11.92 33.71 -8.62
N LYS D 5 -12.77 33.07 -9.41
CA LYS D 5 -14.16 32.95 -8.94
C LYS D 5 -14.41 31.59 -8.33
N GLY D 6 -15.64 31.27 -7.99
CA GLY D 6 -15.93 29.91 -7.54
C GLY D 6 -16.85 29.22 -8.56
N MET D 7 -17.49 28.14 -8.13
CA MET D 7 -18.45 27.45 -8.94
C MET D 7 -19.69 28.29 -9.29
N ASN D 8 -20.34 27.83 -10.36
CA ASN D 8 -21.51 28.52 -10.90
C ASN D 8 -22.72 28.30 -9.99
N PRO D 9 -23.16 29.37 -9.35
CA PRO D 9 -24.31 29.33 -8.47
C PRO D 9 -25.52 28.70 -9.13
N ASP D 10 -25.66 28.61 -10.45
CA ASP D 10 -26.81 27.92 -10.99
C ASP D 10 -26.59 26.47 -11.40
N TYR D 11 -25.45 25.91 -11.02
CA TYR D 11 -25.07 24.57 -11.50
C TYR D 11 -26.17 23.54 -11.38
N LYS D 12 -26.38 22.60 -12.33
CA LYS D 12 -27.41 21.59 -12.09
C LYS D 12 -26.91 20.32 -12.72
N ALA D 13 -27.30 19.20 -12.17
CA ALA D 13 -26.89 17.94 -12.75
C ALA D 13 -28.16 17.36 -13.37
N TYR D 14 -27.96 16.66 -14.48
CA TYR D 14 -29.11 16.11 -15.15
C TYR D 14 -28.81 14.67 -15.59
N LEU D 15 -29.83 13.85 -15.70
CA LEU D 15 -29.65 12.45 -16.11
C LEU D 15 -30.10 12.24 -17.55
N MET D 16 -29.41 11.62 -18.44
CA MET D 16 -29.78 11.33 -19.79
C MET D 16 -30.66 10.07 -19.79
N ALA D 17 -31.81 10.10 -20.45
CA ALA D 17 -32.67 8.94 -20.44
C ALA D 17 -32.04 7.80 -21.24
N PRO D 18 -32.68 6.64 -21.14
CA PRO D 18 -32.22 5.54 -21.94
C PRO D 18 -32.46 5.99 -23.37
N LEU D 19 -32.10 5.15 -24.31
CA LEU D 19 -32.35 5.42 -25.70
C LEU D 19 -33.61 4.73 -26.11
N LYS D 20 -33.97 3.59 -25.53
CA LYS D 20 -35.18 2.86 -25.84
C LYS D 20 -36.40 3.52 -25.20
N LYS D 21 -37.62 3.47 -25.70
CA LYS D 21 -38.73 4.09 -24.95
C LYS D 21 -38.87 3.42 -23.59
N ILE D 22 -39.31 4.16 -22.57
CA ILE D 22 -39.39 3.75 -21.19
C ILE D 22 -40.15 2.44 -21.02
N PRO D 23 -41.24 2.27 -21.71
CA PRO D 23 -42.02 1.05 -21.64
C PRO D 23 -41.25 -0.10 -22.23
N GLU D 24 -40.12 0.09 -22.88
CA GLU D 24 -39.36 -1.08 -23.35
C GLU D 24 -38.25 -1.45 -22.38
N VAL D 25 -37.84 -0.57 -21.48
CA VAL D 25 -36.79 -0.90 -20.53
C VAL D 25 -37.42 -1.27 -19.19
N THR D 26 -38.50 -0.67 -18.73
CA THR D 26 -39.15 -1.04 -17.47
C THR D 26 -40.63 -0.72 -17.59
N ASN D 27 -41.29 -0.12 -16.63
CA ASN D 27 -42.69 0.26 -16.72
C ASN D 27 -42.83 1.65 -16.11
N TRP D 28 -43.95 2.31 -16.36
CA TRP D 28 -44.09 3.68 -15.87
C TRP D 28 -43.95 3.78 -14.37
N GLU D 29 -44.52 2.80 -13.67
CA GLU D 29 -44.44 2.83 -12.21
C GLU D 29 -43.02 2.61 -11.73
N THR D 30 -42.22 1.79 -12.36
CA THR D 30 -40.80 1.63 -11.93
C THR D 30 -39.97 2.88 -12.22
N PHE D 31 -40.18 3.44 -13.39
CA PHE D 31 -39.62 4.69 -13.89
C PHE D 31 -39.85 5.84 -12.91
N GLU D 32 -41.05 5.94 -12.35
CA GLU D 32 -41.36 7.03 -11.42
C GLU D 32 -40.56 6.84 -10.15
N ASN D 33 -40.44 5.58 -9.70
CA ASN D 33 -39.62 5.35 -8.53
C ASN D 33 -38.14 5.60 -8.95
N ASP D 34 -37.65 5.20 -10.06
CA ASP D 34 -36.26 5.55 -10.47
C ASP D 34 -36.04 7.06 -10.45
N LEU D 35 -37.00 7.85 -10.89
CA LEU D 35 -36.83 9.30 -10.93
C LEU D 35 -36.74 9.85 -9.52
N ARG D 36 -37.58 9.32 -8.62
CA ARG D 36 -37.56 9.82 -7.24
C ARG D 36 -36.18 9.48 -6.62
N TRP D 37 -35.65 8.35 -7.02
CA TRP D 37 -34.34 7.91 -6.52
C TRP D 37 -33.25 8.80 -7.18
N ALA D 38 -33.43 9.19 -8.44
CA ALA D 38 -32.47 10.13 -9.08
C ALA D 38 -32.45 11.47 -8.38
N LYS D 39 -33.61 12.02 -8.01
CA LYS D 39 -33.76 13.29 -7.32
C LYS D 39 -33.07 13.27 -5.96
N GLN D 40 -33.14 12.12 -5.33
CA GLN D 40 -32.45 11.93 -4.04
C GLN D 40 -30.91 11.98 -4.19
N ASN D 41 -30.38 11.74 -5.37
CA ASN D 41 -28.96 11.69 -5.66
C ASN D 41 -28.48 13.00 -6.28
N GLY D 42 -29.38 14.01 -6.21
CA GLY D 42 -29.09 15.31 -6.71
C GLY D 42 -29.48 15.60 -8.13
N PHE D 43 -30.02 14.73 -8.95
CA PHE D 43 -30.39 15.04 -10.31
C PHE D 43 -31.58 16.01 -10.26
N TYR D 44 -31.72 16.84 -11.28
CA TYR D 44 -32.64 17.97 -11.19
C TYR D 44 -33.73 17.73 -12.19
N ALA D 45 -33.28 17.10 -13.26
CA ALA D 45 -34.10 16.85 -14.41
C ALA D 45 -33.50 15.68 -15.19
N ILE D 46 -34.43 15.08 -15.94
CA ILE D 46 -34.09 13.99 -16.85
C ILE D 46 -34.15 14.55 -18.28
N THR D 47 -33.20 14.29 -19.12
CA THR D 47 -33.15 14.82 -20.47
C THR D 47 -33.51 13.66 -21.34
N VAL D 48 -34.24 13.81 -22.44
CA VAL D 48 -34.62 12.67 -23.21
C VAL D 48 -34.86 13.06 -24.62
N ASP D 49 -34.72 12.12 -25.57
CA ASP D 49 -34.93 12.31 -26.96
C ASP D 49 -36.37 11.93 -27.34
N PHE D 50 -37.00 12.78 -28.12
CA PHE D 50 -38.32 12.58 -28.69
C PHE D 50 -37.97 12.56 -30.19
N TRP D 51 -37.92 11.44 -30.84
CA TRP D 51 -37.53 11.23 -32.21
C TRP D 51 -38.54 11.81 -33.18
N TRP D 52 -38.00 12.53 -34.19
CA TRP D 52 -38.81 12.99 -35.30
C TRP D 52 -39.45 11.78 -35.99
N GLY D 53 -38.70 10.72 -36.19
CA GLY D 53 -39.22 9.52 -36.90
C GLY D 53 -40.41 8.95 -36.15
N ASP D 54 -40.64 9.31 -34.90
CA ASP D 54 -41.78 8.77 -34.17
C ASP D 54 -42.93 9.78 -34.26
N MET D 55 -42.66 11.07 -34.19
CA MET D 55 -43.68 12.09 -33.96
C MET D 55 -44.47 12.55 -35.16
N GLU D 56 -43.93 12.33 -36.33
CA GLU D 56 -44.37 12.72 -37.64
C GLU D 56 -44.02 11.58 -38.58
N LYS D 57 -44.28 10.37 -38.11
CA LYS D 57 -44.00 9.16 -38.88
C LYS D 57 -44.67 9.02 -40.22
N ASN D 58 -45.98 8.92 -40.28
CA ASN D 58 -46.71 8.54 -41.45
C ASN D 58 -46.84 9.55 -42.55
N GLY D 59 -46.77 10.83 -42.27
CA GLY D 59 -46.87 11.79 -43.37
C GLY D 59 -46.73 13.19 -42.82
N ASP D 60 -46.71 14.22 -43.60
CA ASP D 60 -46.61 15.59 -43.11
C ASP D 60 -47.78 15.97 -42.21
N GLN D 61 -47.57 16.45 -41.02
CA GLN D 61 -48.55 16.91 -40.07
C GLN D 61 -49.45 15.80 -39.53
N GLN D 62 -49.01 14.56 -39.69
CA GLN D 62 -49.69 13.47 -39.03
C GLN D 62 -48.91 13.20 -37.73
N PHE D 63 -49.05 14.10 -36.76
CA PHE D 63 -48.31 14.03 -35.55
C PHE D 63 -48.80 12.97 -34.57
N ASP D 64 -47.83 12.57 -33.75
CA ASP D 64 -48.09 11.71 -32.60
C ASP D 64 -47.31 12.19 -31.38
N PHE D 65 -47.87 12.87 -30.43
CA PHE D 65 -47.11 13.31 -29.26
C PHE D 65 -47.51 12.54 -28.01
N SER D 66 -48.26 11.48 -28.18
CA SER D 66 -48.79 10.68 -27.11
C SER D 66 -47.72 10.00 -26.25
N TYR D 67 -46.64 9.51 -26.84
CA TYR D 67 -45.50 9.01 -26.01
C TYR D 67 -44.89 10.19 -25.29
N ALA D 68 -44.65 11.36 -25.90
CA ALA D 68 -44.12 12.51 -25.19
C ALA D 68 -44.98 12.96 -24.05
N GLN D 69 -46.29 13.10 -24.28
CA GLN D 69 -47.19 13.54 -23.20
C GLN D 69 -47.22 12.64 -22.00
N ARG D 70 -47.17 11.34 -22.15
CA ARG D 70 -47.25 10.31 -21.15
C ARG D 70 -45.91 10.17 -20.37
N PHE D 71 -44.79 10.50 -21.03
CA PHE D 71 -43.51 10.53 -20.34
C PHE D 71 -43.65 11.69 -19.38
N ALA D 72 -44.14 12.82 -19.94
CA ALA D 72 -44.18 14.02 -19.05
C ALA D 72 -45.08 13.83 -17.85
N GLN D 73 -46.22 13.10 -18.04
CA GLN D 73 -47.09 12.86 -16.86
C GLN D 73 -46.33 12.03 -15.80
N SER D 74 -45.48 11.07 -16.16
CA SER D 74 -44.75 10.35 -15.09
C SER D 74 -43.71 11.19 -14.41
N VAL D 75 -43.14 12.18 -15.10
CA VAL D 75 -42.08 13.03 -14.53
C VAL D 75 -42.73 13.93 -13.51
N LYS D 76 -43.90 14.43 -13.96
CA LYS D 76 -44.70 15.22 -12.99
C LYS D 76 -45.11 14.33 -11.81
N ASN D 77 -45.56 13.11 -12.06
CA ASN D 77 -45.92 12.18 -10.97
C ASN D 77 -44.77 11.99 -9.96
N ALA D 78 -43.52 11.97 -10.51
CA ALA D 78 -42.36 11.80 -9.63
C ALA D 78 -41.95 13.09 -8.97
N GLY D 79 -42.52 14.26 -9.29
CA GLY D 79 -42.02 15.49 -8.65
C GLY D 79 -40.73 15.93 -9.34
N MET D 80 -40.41 15.51 -10.57
CA MET D 80 -39.18 15.88 -11.25
C MET D 80 -39.31 16.90 -12.35
N LYS D 81 -38.20 17.24 -13.04
CA LYS D 81 -38.23 18.16 -14.15
C LYS D 81 -37.62 17.40 -15.35
N MET D 82 -37.96 17.77 -16.57
CA MET D 82 -37.52 17.13 -17.77
C MET D 82 -37.00 18.16 -18.81
N ILE D 83 -36.14 17.64 -19.67
CA ILE D 83 -35.59 18.47 -20.73
C ILE D 83 -35.70 17.65 -22.00
N PRO D 84 -36.72 18.00 -22.78
CA PRO D 84 -36.92 17.37 -24.06
C PRO D 84 -35.82 17.76 -25.05
N ILE D 85 -35.35 16.78 -25.84
CA ILE D 85 -34.52 17.22 -26.96
C ILE D 85 -35.43 16.93 -28.16
N ILE D 86 -35.55 17.80 -29.15
CA ILE D 86 -36.37 17.49 -30.32
C ILE D 86 -35.52 16.90 -31.42
N SER D 87 -35.50 15.57 -31.51
CA SER D 87 -34.54 14.89 -32.25
C SER D 87 -34.87 14.66 -33.69
N THR D 88 -34.46 15.64 -34.47
CA THR D 88 -34.67 15.53 -35.90
C THR D 88 -33.52 14.76 -36.51
N HIS D 89 -32.86 13.91 -35.73
CA HIS D 89 -31.84 13.08 -36.39
C HIS D 89 -32.18 11.61 -36.19
N GLN D 90 -31.51 10.72 -36.89
CA GLN D 90 -31.77 9.28 -36.76
C GLN D 90 -31.09 8.72 -35.53
N CYS D 91 -31.75 7.84 -34.79
CA CYS D 91 -31.30 7.17 -33.61
C CYS D 91 -30.80 5.79 -34.08
N GLY D 92 -29.55 5.48 -33.79
CA GLY D 92 -28.98 4.18 -34.16
C GLY D 92 -29.08 3.81 -35.61
N GLY D 93 -29.53 2.60 -35.93
CA GLY D 93 -29.70 2.16 -37.32
C GLY D 93 -28.68 1.09 -37.69
N ASN D 94 -27.59 1.04 -36.92
CA ASN D 94 -26.49 0.11 -37.13
C ASN D 94 -26.60 -1.23 -36.44
N VAL D 95 -26.24 -2.28 -37.17
CA VAL D 95 -26.20 -3.62 -36.57
C VAL D 95 -25.66 -3.49 -35.14
N GLY D 96 -26.52 -3.87 -34.21
CA GLY D 96 -26.14 -3.74 -32.81
C GLY D 96 -26.29 -2.41 -32.10
N ASP D 97 -27.09 -1.45 -32.53
CA ASP D 97 -27.34 -0.21 -31.84
C ASP D 97 -28.51 -0.41 -30.86
N ASP D 98 -28.67 0.48 -29.89
CA ASP D 98 -29.73 0.32 -28.90
C ASP D 98 -31.10 0.71 -29.44
N CYS D 99 -31.10 1.48 -30.52
CA CYS D 99 -32.40 1.88 -31.06
C CYS D 99 -32.29 1.90 -32.57
N ASN D 100 -33.41 2.08 -33.27
CA ASN D 100 -33.31 2.31 -34.71
C ASN D 100 -34.47 3.16 -35.20
N VAL D 101 -34.33 4.48 -35.21
CA VAL D 101 -35.35 5.41 -35.64
C VAL D 101 -34.88 6.40 -36.69
N PRO D 102 -35.05 6.08 -37.95
CA PRO D 102 -34.70 6.96 -39.04
C PRO D 102 -35.61 8.20 -39.08
N ILE D 103 -35.22 9.17 -39.87
CA ILE D 103 -36.05 10.36 -40.17
C ILE D 103 -37.26 9.78 -40.85
N PRO D 104 -38.43 10.37 -40.75
CA PRO D 104 -39.59 9.91 -41.52
C PRO D 104 -39.21 9.76 -42.99
N SER D 105 -39.53 8.58 -43.54
CA SER D 105 -39.14 8.25 -44.90
C SER D 105 -39.82 9.11 -45.94
N TRP D 106 -41.00 9.69 -45.75
CA TRP D 106 -41.63 10.51 -46.77
C TRP D 106 -40.88 11.82 -46.98
N VAL D 107 -39.99 12.15 -46.04
CA VAL D 107 -39.30 13.44 -46.23
C VAL D 107 -38.34 13.33 -47.41
N TRP D 108 -37.77 12.13 -47.52
CA TRP D 108 -36.73 11.98 -48.58
C TRP D 108 -37.46 12.09 -49.90
N ASN D 109 -38.80 11.93 -49.88
CA ASN D 109 -39.56 12.02 -51.13
C ASN D 109 -39.92 13.43 -51.52
N GLN D 110 -39.43 14.45 -50.82
CA GLN D 110 -39.75 15.83 -51.16
C GLN D 110 -38.94 16.30 -52.36
N LYS D 111 -37.91 15.58 -52.71
CA LYS D 111 -37.00 15.93 -53.79
C LYS D 111 -36.42 14.76 -54.58
N SER D 112 -36.28 14.94 -55.88
CA SER D 112 -35.50 14.08 -56.73
C SER D 112 -34.08 14.65 -56.94
N ASP D 113 -33.75 15.85 -56.48
CA ASP D 113 -32.37 16.33 -56.59
C ASP D 113 -31.60 15.71 -55.41
N ASP D 114 -30.38 16.17 -55.16
CA ASP D 114 -29.62 15.56 -54.06
C ASP D 114 -29.34 16.54 -52.96
N SER D 115 -30.16 17.59 -52.84
CA SER D 115 -30.01 18.57 -51.79
C SER D 115 -30.32 18.12 -50.38
N LEU D 116 -30.95 17.04 -50.05
CA LEU D 116 -31.36 16.75 -48.68
C LEU D 116 -30.38 15.89 -47.89
N TYR D 117 -29.44 15.23 -48.59
CA TYR D 117 -28.49 14.40 -47.87
C TYR D 117 -27.04 14.78 -48.14
N PHE D 118 -26.12 13.89 -47.76
CA PHE D 118 -24.70 14.19 -47.85
C PHE D 118 -23.99 13.18 -48.74
N LYS D 119 -22.88 13.66 -49.30
CA LYS D 119 -21.93 12.84 -50.04
C LYS D 119 -20.49 13.25 -49.69
N SER D 120 -19.69 12.26 -49.28
CA SER D 120 -18.31 12.49 -48.89
C SER D 120 -17.36 12.61 -50.11
N GLU D 121 -16.16 13.10 -49.79
CA GLU D 121 -15.09 13.15 -50.77
C GLU D 121 -15.10 11.86 -51.58
N THR D 122 -15.31 10.70 -50.99
CA THR D 122 -15.30 9.48 -51.78
C THR D 122 -16.66 8.92 -52.10
N GLY D 123 -17.70 9.75 -52.12
CA GLY D 123 -19.02 9.37 -52.52
C GLY D 123 -19.97 8.63 -51.62
N THR D 124 -19.64 8.41 -50.38
CA THR D 124 -20.53 7.72 -49.46
C THR D 124 -21.70 8.65 -49.17
N VAL D 125 -22.89 8.13 -49.30
CA VAL D 125 -24.11 8.92 -49.03
C VAL D 125 -24.47 8.79 -47.56
N ASN D 126 -24.80 9.89 -46.89
CA ASN D 126 -25.25 9.89 -45.51
C ASN D 126 -26.67 10.51 -45.42
N LYS D 127 -27.55 9.79 -44.73
CA LYS D 127 -28.94 10.23 -44.60
C LYS D 127 -29.44 10.22 -43.16
N GLU D 128 -28.55 10.40 -42.19
CA GLU D 128 -29.01 10.33 -40.80
C GLU D 128 -29.58 11.64 -40.28
N THR D 129 -29.81 12.57 -41.21
CA THR D 129 -30.21 13.92 -40.84
C THR D 129 -30.26 14.82 -42.06
N LEU D 130 -31.05 15.92 -42.06
CA LEU D 130 -31.12 16.63 -43.34
C LEU D 130 -29.89 17.53 -43.50
N ASN D 131 -29.49 17.67 -44.78
CA ASN D 131 -28.38 18.61 -45.01
C ASN D 131 -28.83 20.04 -44.77
N PRO D 132 -28.24 20.77 -43.84
CA PRO D 132 -28.59 22.14 -43.58
C PRO D 132 -28.58 22.98 -44.84
N LEU D 133 -28.13 22.43 -45.99
CA LEU D 133 -28.21 23.27 -47.19
C LEU D 133 -29.65 23.42 -47.67
N ALA D 134 -30.50 22.41 -47.43
CA ALA D 134 -31.89 22.38 -47.86
C ALA D 134 -32.77 23.19 -46.92
N SER D 135 -32.53 24.48 -46.88
CA SER D 135 -33.10 25.30 -45.81
C SER D 135 -34.54 25.67 -46.13
N ASP D 136 -34.98 25.32 -47.33
CA ASP D 136 -36.40 25.48 -47.64
C ASP D 136 -37.17 24.38 -46.88
N VAL D 137 -36.82 23.14 -47.05
CA VAL D 137 -37.42 22.01 -46.34
C VAL D 137 -37.23 22.16 -44.83
N ILE D 138 -36.06 22.62 -44.34
CA ILE D 138 -35.84 22.64 -42.89
C ILE D 138 -36.86 23.55 -42.21
N ARG D 139 -36.85 24.78 -42.71
CA ARG D 139 -37.69 25.82 -42.14
C ARG D 139 -39.19 25.39 -42.22
N LYS D 140 -39.65 24.73 -43.24
CA LYS D 140 -41.02 24.24 -43.34
C LYS D 140 -41.22 23.19 -42.22
N GLU D 141 -40.61 22.03 -42.39
CA GLU D 141 -40.66 20.94 -41.42
C GLU D 141 -40.25 21.20 -39.98
N TYR D 142 -39.24 21.95 -39.62
CA TYR D 142 -38.87 22.14 -38.22
C TYR D 142 -39.74 23.19 -37.53
N GLY D 143 -40.14 24.18 -38.35
CA GLY D 143 -41.11 25.14 -37.84
C GLY D 143 -42.48 24.41 -37.58
N GLU D 144 -42.95 23.50 -38.35
CA GLU D 144 -44.25 22.80 -38.09
C GLU D 144 -44.15 21.83 -36.93
N LEU D 145 -43.03 21.10 -36.78
CA LEU D 145 -42.72 20.22 -35.67
C LEU D 145 -42.57 20.90 -34.33
N TYR D 146 -41.78 21.93 -34.32
CA TYR D 146 -41.56 22.75 -33.14
C TYR D 146 -42.93 23.22 -32.62
N THR D 147 -43.61 24.06 -33.39
CA THR D 147 -44.92 24.60 -33.07
C THR D 147 -45.95 23.50 -32.74
N ALA D 148 -46.03 22.36 -33.38
CA ALA D 148 -46.96 21.29 -32.98
C ALA D 148 -46.53 20.65 -31.67
N PHE D 149 -45.19 20.62 -31.38
CA PHE D 149 -44.69 20.04 -30.15
C PHE D 149 -45.00 21.01 -29.01
N ALA D 150 -44.74 22.31 -29.14
CA ALA D 150 -45.13 23.26 -28.14
C ALA D 150 -46.63 23.21 -27.73
N ALA D 151 -47.51 22.95 -28.72
CA ALA D 151 -48.94 22.96 -28.36
C ALA D 151 -49.32 21.66 -27.67
N ALA D 152 -48.63 20.57 -27.97
CA ALA D 152 -48.93 19.28 -27.41
C ALA D 152 -48.42 19.21 -25.98
N MET D 153 -47.33 19.97 -25.76
CA MET D 153 -46.71 19.96 -24.44
C MET D 153 -47.09 21.09 -23.54
N LYS D 154 -47.87 22.08 -23.99
CA LYS D 154 -48.29 23.19 -23.11
C LYS D 154 -48.87 22.81 -21.79
N PRO D 155 -49.65 21.76 -21.65
CA PRO D 155 -50.20 21.35 -20.35
C PRO D 155 -49.13 20.91 -19.35
N TYR D 156 -47.92 20.57 -19.87
CA TYR D 156 -46.85 20.11 -18.97
C TYR D 156 -45.73 21.11 -18.76
N LYS D 157 -46.02 22.31 -19.20
CA LYS D 157 -45.05 23.41 -19.06
C LYS D 157 -44.43 23.49 -17.68
N ASP D 158 -45.13 23.18 -16.61
CA ASP D 158 -44.54 23.30 -15.28
C ASP D 158 -43.43 22.27 -15.03
N VAL D 159 -43.17 21.28 -15.84
CA VAL D 159 -42.14 20.31 -15.56
C VAL D 159 -40.99 20.39 -16.59
N ILE D 160 -41.12 21.37 -17.48
CA ILE D 160 -40.17 21.50 -18.59
C ILE D 160 -39.09 22.50 -18.18
N ALA D 161 -37.84 22.10 -18.03
CA ALA D 161 -36.85 23.06 -17.49
C ALA D 161 -36.04 23.78 -18.58
N LYS D 162 -35.89 23.13 -19.72
CA LYS D 162 -35.14 23.73 -20.82
C LYS D 162 -35.47 22.91 -22.05
N ILE D 163 -35.17 23.38 -23.24
CA ILE D 163 -35.47 22.61 -24.46
C ILE D 163 -34.16 22.58 -25.26
N TYR D 164 -33.86 21.40 -25.76
CA TYR D 164 -32.67 21.34 -26.58
C TYR D 164 -33.14 21.02 -28.02
N LEU D 165 -32.43 21.46 -29.05
CA LEU D 165 -32.63 21.16 -30.43
C LEU D 165 -31.51 20.25 -30.99
N SER D 166 -31.74 19.61 -32.10
CA SER D 166 -30.77 18.71 -32.72
C SER D 166 -30.15 19.48 -33.87
N GLY D 167 -28.87 19.84 -33.84
CA GLY D 167 -28.24 20.54 -34.94
C GLY D 167 -27.72 19.64 -36.05
N GLY D 168 -27.79 18.33 -35.97
CA GLY D 168 -27.23 17.46 -36.99
C GLY D 168 -27.14 16.03 -36.49
N PRO D 169 -26.17 15.26 -36.98
CA PRO D 169 -25.97 13.88 -36.59
C PRO D 169 -25.77 13.70 -35.09
N ALA D 170 -26.38 12.68 -34.52
CA ALA D 170 -26.27 12.39 -33.09
C ALA D 170 -26.68 13.61 -32.29
N GLY D 171 -27.48 14.51 -32.88
CA GLY D 171 -27.88 15.66 -32.05
C GLY D 171 -26.80 16.73 -31.98
N GLU D 172 -25.81 16.65 -32.84
CA GLU D 172 -24.74 17.61 -32.83
C GLU D 172 -24.70 18.52 -34.04
N LEU D 173 -24.36 19.80 -33.87
CA LEU D 173 -24.29 20.70 -35.02
C LEU D 173 -22.93 20.46 -35.69
N ARG D 174 -22.95 19.69 -36.77
CA ARG D 174 -21.72 19.30 -37.44
C ARG D 174 -22.09 18.52 -38.68
N TYR D 175 -21.17 18.13 -39.51
CA TYR D 175 -21.35 17.28 -40.70
C TYR D 175 -21.06 15.85 -40.25
N PRO D 176 -21.69 14.85 -40.84
CA PRO D 176 -21.47 13.50 -40.46
C PRO D 176 -20.06 13.15 -40.97
N SER D 177 -19.01 13.87 -40.53
CA SER D 177 -17.69 13.63 -41.05
C SER D 177 -17.02 12.37 -40.57
N TYR D 178 -17.40 11.82 -39.41
CA TYR D 178 -16.73 10.54 -39.04
C TYR D 178 -17.70 9.37 -39.09
N THR D 179 -17.58 8.41 -39.99
CA THR D 179 -18.45 7.25 -39.95
C THR D 179 -17.68 5.99 -40.35
N THR D 180 -18.21 4.86 -39.93
CA THR D 180 -17.61 3.55 -40.24
C THR D 180 -17.63 3.35 -41.75
N SER D 181 -18.81 3.52 -42.31
CA SER D 181 -19.04 3.32 -43.74
C SER D 181 -18.18 4.22 -44.59
N ASP D 182 -17.81 5.40 -44.13
CA ASP D 182 -17.01 6.31 -44.92
C ASP D 182 -15.52 6.05 -44.64
N GLY D 183 -15.32 5.12 -43.73
CA GLY D 183 -13.97 4.73 -43.30
C GLY D 183 -13.26 5.91 -42.64
N THR D 184 -13.99 6.66 -41.82
CA THR D 184 -13.45 7.84 -41.21
C THR D 184 -13.78 7.93 -39.72
N GLY D 185 -14.01 6.77 -39.15
CA GLY D 185 -14.32 6.75 -37.72
C GLY D 185 -13.01 6.97 -37.00
N TYR D 186 -13.11 7.36 -35.75
CA TYR D 186 -12.00 7.59 -34.86
C TYR D 186 -10.99 6.45 -34.94
N PRO D 187 -9.71 6.75 -34.91
CA PRO D 187 -9.19 8.10 -34.91
C PRO D 187 -8.75 8.68 -36.24
N SER D 188 -9.40 8.36 -37.35
CA SER D 188 -8.97 8.92 -38.62
C SER D 188 -9.21 10.42 -38.78
N ARG D 189 -8.62 10.92 -39.87
CA ARG D 189 -8.99 12.30 -40.25
C ARG D 189 -10.43 12.21 -40.73
N GLY D 190 -11.18 13.28 -40.86
CA GLY D 190 -12.55 13.08 -41.39
C GLY D 190 -12.62 13.44 -42.86
N LYS D 191 -13.60 13.03 -43.64
CA LYS D 191 -13.71 13.47 -45.04
C LYS D 191 -14.76 14.58 -45.19
N PHE D 192 -14.61 15.46 -46.20
CA PHE D 192 -15.47 16.64 -46.31
C PHE D 192 -16.84 16.19 -46.79
N GLN D 193 -17.91 16.86 -46.37
CA GLN D 193 -19.20 16.27 -46.81
C GLN D 193 -20.01 17.19 -47.70
N ALA D 194 -19.40 17.55 -48.85
CA ALA D 194 -20.00 18.53 -49.71
C ALA D 194 -19.77 18.23 -51.18
N TYR D 195 -20.07 17.00 -51.57
CA TYR D 195 -19.92 16.57 -52.94
C TYR D 195 -21.23 16.18 -53.61
N THR D 196 -22.37 16.59 -53.00
CA THR D 196 -23.63 16.34 -53.73
C THR D 196 -23.58 17.38 -54.86
N GLU D 197 -24.40 17.25 -55.88
CA GLU D 197 -24.39 18.34 -56.90
C GLU D 197 -24.99 19.56 -56.29
N PHE D 198 -26.01 19.34 -55.45
CA PHE D 198 -26.58 20.44 -54.68
C PHE D 198 -25.50 21.20 -53.91
N ALA D 199 -24.69 20.47 -53.14
CA ALA D 199 -23.58 21.13 -52.42
C ALA D 199 -22.64 21.94 -53.32
N LYS D 200 -22.06 21.38 -54.37
CA LYS D 200 -21.22 22.11 -55.31
C LYS D 200 -21.76 23.48 -55.72
N SER D 201 -22.98 23.54 -56.25
CA SER D 201 -23.61 24.78 -56.70
C SER D 201 -23.70 25.88 -55.67
N LYS D 202 -23.87 25.38 -54.44
CA LYS D 202 -24.03 26.43 -53.40
C LYS D 202 -22.67 27.05 -53.14
N PHE D 203 -21.60 26.26 -53.18
CA PHE D 203 -20.26 26.85 -52.89
C PHE D 203 -19.91 27.80 -54.05
N ARG D 204 -19.97 27.25 -55.22
CA ARG D 204 -19.79 27.97 -56.48
C ARG D 204 -20.55 29.27 -56.55
N LEU D 205 -21.83 29.21 -56.12
CA LEU D 205 -22.68 30.38 -56.11
C LEU D 205 -22.22 31.37 -55.05
N TRP D 206 -21.85 30.86 -53.87
CA TRP D 206 -21.40 31.76 -52.78
C TRP D 206 -20.09 32.49 -53.19
N VAL D 207 -19.25 31.74 -53.87
CA VAL D 207 -17.98 32.26 -54.39
C VAL D 207 -18.24 33.39 -55.35
N LEU D 208 -19.11 33.21 -56.34
CA LEU D 208 -19.40 34.30 -57.31
C LEU D 208 -20.03 35.49 -56.62
N ASN D 209 -20.99 35.11 -55.79
CA ASN D 209 -21.59 36.16 -54.98
C ASN D 209 -20.50 37.01 -54.30
N LYS D 210 -19.45 36.37 -53.80
CA LYS D 210 -18.41 37.12 -53.07
C LYS D 210 -17.55 38.00 -53.99
N TYR D 211 -16.94 37.31 -54.95
CA TYR D 211 -15.96 37.98 -55.80
C TYR D 211 -16.59 38.85 -56.87
N GLY D 212 -17.76 38.43 -57.34
CA GLY D 212 -18.43 39.21 -58.39
C GLY D 212 -18.15 38.55 -59.74
N SER D 213 -16.91 38.17 -60.07
CA SER D 213 -16.69 37.58 -61.39
C SER D 213 -15.63 36.48 -61.41
N LEU D 214 -15.77 35.50 -62.30
CA LEU D 214 -14.76 34.45 -62.39
C LEU D 214 -13.44 35.20 -62.47
N ASN D 215 -13.46 36.36 -63.17
CA ASN D 215 -12.22 37.13 -63.27
C ASN D 215 -11.70 37.33 -61.84
N GLU D 216 -12.51 38.04 -61.04
CA GLU D 216 -12.12 38.33 -59.66
C GLU D 216 -11.76 37.08 -58.87
N VAL D 217 -12.42 35.96 -59.12
CA VAL D 217 -12.16 34.70 -58.45
C VAL D 217 -10.69 34.33 -58.71
N ASN D 218 -10.36 34.17 -59.97
CA ASN D 218 -9.09 33.67 -60.45
C ASN D 218 -7.97 34.58 -59.93
N LYS D 219 -8.33 35.84 -59.84
CA LYS D 219 -7.48 36.88 -59.29
C LYS D 219 -7.07 36.40 -57.91
N ALA D 220 -7.96 36.65 -56.95
CA ALA D 220 -7.76 36.28 -55.56
C ALA D 220 -7.36 34.84 -55.35
N TRP D 221 -7.82 33.86 -56.14
CA TRP D 221 -7.36 32.50 -55.83
C TRP D 221 -5.99 32.30 -56.49
N GLY D 222 -5.53 33.40 -57.12
CA GLY D 222 -4.29 33.38 -57.87
C GLY D 222 -4.38 32.09 -58.71
N THR D 223 -5.52 31.89 -59.36
CA THR D 223 -5.64 30.68 -60.17
C THR D 223 -6.01 31.02 -61.61
N LYS D 224 -5.92 29.99 -62.45
CA LYS D 224 -6.39 30.16 -63.83
C LYS D 224 -7.59 29.20 -64.03
N LEU D 225 -8.81 29.62 -63.65
CA LEU D 225 -9.92 28.71 -63.94
C LEU D 225 -10.58 29.14 -65.25
N ILE D 226 -10.88 28.18 -66.14
CA ILE D 226 -11.54 28.62 -67.37
C ILE D 226 -13.00 28.95 -67.10
N SER D 227 -13.74 27.94 -66.68
CA SER D 227 -15.17 28.09 -66.42
C SER D 227 -15.53 28.03 -64.94
N GLU D 228 -16.65 28.68 -64.67
CA GLU D 228 -17.30 28.69 -63.37
C GLU D 228 -17.41 27.23 -62.87
N LEU D 229 -17.71 26.35 -63.82
CA LEU D 229 -17.92 24.95 -63.49
C LEU D 229 -16.72 24.27 -62.89
N ALA D 230 -15.61 24.99 -62.70
CA ALA D 230 -14.43 24.42 -62.05
C ALA D 230 -14.29 24.92 -60.61
N ILE D 231 -15.10 25.89 -60.20
CA ILE D 231 -15.06 26.25 -58.77
C ILE D 231 -15.70 25.08 -58.03
N LEU D 232 -14.97 24.18 -57.43
CA LEU D 232 -15.38 23.00 -56.74
C LEU D 232 -14.77 22.89 -55.34
N PRO D 233 -15.28 22.02 -54.47
CA PRO D 233 -14.67 21.78 -53.17
C PRO D 233 -13.37 21.02 -53.43
N PRO D 234 -12.50 20.81 -52.47
CA PRO D 234 -11.22 20.16 -52.68
C PRO D 234 -11.29 18.78 -53.30
N SER D 235 -10.42 18.44 -54.25
CA SER D 235 -10.39 17.12 -54.87
C SER D 235 -9.65 16.11 -54.00
N ASP D 236 -8.86 16.61 -53.06
CA ASP D 236 -8.11 15.77 -52.14
C ASP D 236 -8.12 16.37 -50.72
N GLY D 237 -8.97 15.75 -49.88
CA GLY D 237 -9.07 16.14 -48.48
C GLY D 237 -7.74 16.07 -47.74
N GLU D 238 -6.92 15.06 -48.06
CA GLU D 238 -5.63 14.94 -47.38
C GLU D 238 -4.71 16.14 -47.61
N GLN D 239 -4.39 16.44 -48.86
CA GLN D 239 -3.59 17.57 -49.28
C GLN D 239 -4.16 18.88 -48.74
N PHE D 240 -5.49 18.88 -48.68
CA PHE D 240 -6.19 20.12 -48.35
C PHE D 240 -5.91 20.44 -46.89
N LEU D 241 -5.96 19.40 -46.05
CA LEU D 241 -5.67 19.58 -44.62
C LEU D 241 -4.17 19.75 -44.37
N MET D 242 -3.33 19.18 -45.19
CA MET D 242 -1.87 19.38 -45.18
C MET D 242 -1.47 20.82 -45.47
N ASN D 243 -1.96 21.41 -46.58
CA ASN D 243 -1.61 22.82 -46.79
C ASN D 243 -2.62 23.62 -47.60
N GLY D 244 -3.54 22.97 -48.29
CA GLY D 244 -4.54 23.67 -49.08
C GLY D 244 -5.20 24.82 -48.32
N TYR D 245 -5.48 24.51 -47.08
CA TYR D 245 -6.20 25.34 -46.15
C TYR D 245 -5.57 26.70 -45.93
N LEU D 246 -4.27 26.77 -46.13
CA LEU D 246 -3.52 28.01 -45.99
C LEU D 246 -3.82 29.02 -47.08
N SER D 247 -4.12 28.60 -48.29
CA SER D 247 -4.41 29.49 -49.40
C SER D 247 -5.69 30.29 -49.22
N MET D 248 -5.84 31.34 -50.02
CA MET D 248 -7.07 32.10 -50.13
C MET D 248 -8.22 31.17 -50.56
N TYR D 249 -7.98 30.24 -51.46
CA TYR D 249 -9.01 29.31 -51.86
C TYR D 249 -9.52 28.53 -50.64
N GLY D 250 -8.54 27.87 -50.02
CA GLY D 250 -8.76 27.02 -48.85
C GLY D 250 -9.51 27.79 -47.78
N LYS D 251 -9.17 29.03 -47.52
CA LYS D 251 -9.96 29.76 -46.53
C LYS D 251 -11.39 30.07 -46.99
N ASP D 252 -11.58 30.29 -48.29
CA ASP D 252 -12.92 30.70 -48.74
C ASP D 252 -13.87 29.52 -48.51
N TYR D 253 -13.42 28.34 -48.83
CA TYR D 253 -14.13 27.12 -48.63
C TYR D 253 -14.34 26.81 -47.16
N LEU D 254 -13.40 27.09 -46.27
CA LEU D 254 -13.67 26.83 -44.87
C LEU D 254 -14.67 27.87 -44.37
N GLU D 255 -14.61 29.10 -44.84
CA GLU D 255 -15.60 30.07 -44.41
C GLU D 255 -17.01 29.59 -44.81
N TRP D 256 -17.09 29.04 -46.04
CA TRP D 256 -18.42 28.68 -46.51
C TRP D 256 -18.92 27.49 -45.68
N TYR D 257 -18.10 26.45 -45.73
CA TYR D 257 -18.43 25.21 -45.07
C TYR D 257 -18.85 25.42 -43.63
N GLN D 258 -18.03 26.12 -42.87
CA GLN D 258 -18.42 26.30 -41.46
C GLN D 258 -19.74 27.13 -41.52
N GLY D 259 -19.74 27.95 -42.55
CA GLY D 259 -20.78 28.95 -42.75
C GLY D 259 -22.18 28.36 -42.67
N ILE D 260 -22.31 27.22 -43.33
CA ILE D 260 -23.54 26.48 -43.33
C ILE D 260 -23.98 26.23 -41.87
N LEU D 261 -23.13 25.69 -41.01
CA LEU D 261 -23.58 25.41 -39.65
C LEU D 261 -24.03 26.63 -38.88
N GLU D 262 -23.28 27.72 -39.10
CA GLU D 262 -23.61 28.93 -38.38
C GLU D 262 -25.01 29.45 -38.75
N ASN D 263 -25.33 29.33 -40.03
CA ASN D 263 -26.61 29.83 -40.50
C ASN D 263 -27.71 28.85 -40.04
N HIS D 264 -27.40 27.56 -40.05
CA HIS D 264 -28.41 26.61 -39.56
C HIS D 264 -28.73 26.91 -38.10
N THR D 265 -27.73 27.22 -37.33
CA THR D 265 -27.87 27.57 -35.91
C THR D 265 -28.83 28.75 -35.78
N LYS D 266 -28.67 29.68 -36.73
CA LYS D 266 -29.51 30.88 -36.67
C LYS D 266 -30.97 30.59 -37.05
N LEU D 267 -31.16 29.80 -38.07
CA LEU D 267 -32.46 29.34 -38.50
C LEU D 267 -33.18 28.50 -37.42
N ILE D 268 -32.55 27.40 -36.97
CA ILE D 268 -33.17 26.65 -35.90
C ILE D 268 -33.39 27.50 -34.63
N GLY D 269 -32.50 28.37 -34.21
CA GLY D 269 -32.78 29.15 -32.96
C GLY D 269 -33.96 30.10 -33.09
N GLU D 270 -34.15 30.56 -34.35
CA GLU D 270 -35.19 31.52 -34.68
C GLU D 270 -36.54 30.78 -34.57
N LEU D 271 -36.65 29.60 -35.20
CA LEU D 271 -37.84 28.78 -35.12
C LEU D 271 -38.23 28.33 -33.72
N ALA D 272 -37.22 28.10 -32.85
CA ALA D 272 -37.42 27.56 -31.54
C ALA D 272 -37.95 28.66 -30.64
N HIS D 273 -37.29 29.80 -30.69
CA HIS D 273 -37.71 30.96 -29.94
C HIS D 273 -39.13 31.35 -30.41
N ASN D 274 -39.41 31.37 -31.70
CA ASN D 274 -40.78 31.64 -32.08
C ASN D 274 -41.76 30.61 -31.48
N ALA D 275 -41.58 29.32 -31.68
CA ALA D 275 -42.46 28.31 -31.19
C ALA D 275 -42.56 28.21 -29.71
N PHE D 276 -41.49 28.39 -28.93
CA PHE D 276 -41.47 28.19 -27.50
C PHE D 276 -41.47 29.36 -26.57
N ASP D 277 -41.03 30.53 -26.96
CA ASP D 277 -40.85 31.59 -25.97
C ASP D 277 -42.10 32.00 -25.20
N THR D 278 -43.23 32.20 -25.89
CA THR D 278 -44.38 32.75 -25.16
C THR D 278 -44.96 31.71 -24.22
N THR D 279 -45.01 30.47 -24.68
CA THR D 279 -45.53 29.39 -23.84
C THR D 279 -44.66 28.96 -22.70
N PHE D 280 -43.41 28.55 -22.96
CA PHE D 280 -42.58 27.99 -21.89
C PHE D 280 -41.65 28.95 -21.18
N GLN D 281 -41.08 29.93 -21.90
CA GLN D 281 -40.12 30.81 -21.28
C GLN D 281 -38.95 30.03 -20.67
N VAL D 282 -38.41 29.05 -21.40
CA VAL D 282 -37.20 28.40 -20.81
C VAL D 282 -35.96 28.60 -21.70
N PRO D 283 -34.77 28.32 -21.19
CA PRO D 283 -33.57 28.31 -22.01
C PRO D 283 -33.70 27.32 -23.13
N ILE D 284 -33.17 27.60 -24.30
CA ILE D 284 -33.17 26.67 -25.43
C ILE D 284 -31.70 26.41 -25.76
N GLY D 285 -31.36 25.15 -26.02
CA GLY D 285 -29.89 24.99 -26.20
C GLY D 285 -29.56 24.09 -27.34
N ALA D 286 -28.35 23.92 -27.79
CA ALA D 286 -27.90 22.98 -28.79
C ALA D 286 -26.44 22.53 -28.47
N LYS D 287 -25.89 21.52 -29.11
CA LYS D 287 -24.62 20.94 -28.80
C LYS D 287 -23.57 20.98 -29.93
N ILE D 288 -22.31 21.08 -29.44
CA ILE D 288 -21.14 21.03 -30.31
C ILE D 288 -20.44 19.74 -30.03
N ALA D 289 -20.04 18.93 -30.98
CA ALA D 289 -19.40 17.64 -30.74
C ALA D 289 -17.97 17.85 -30.23
N GLY D 290 -17.46 16.98 -29.40
CA GLY D 290 -16.10 17.04 -28.84
C GLY D 290 -15.15 16.31 -29.79
N VAL D 291 -14.66 16.98 -30.84
CA VAL D 291 -13.91 16.18 -31.82
C VAL D 291 -12.42 16.30 -31.48
N HIS D 292 -12.00 15.54 -30.47
CA HIS D 292 -10.67 15.63 -29.93
C HIS D 292 -9.53 14.97 -30.69
N TRP D 293 -9.72 14.10 -31.64
CA TRP D 293 -8.69 13.39 -32.35
C TRP D 293 -8.16 14.12 -33.58
N GLN D 294 -6.89 13.79 -33.83
CA GLN D 294 -6.14 14.40 -34.94
C GLN D 294 -5.97 15.87 -34.69
N TYR D 295 -6.07 16.21 -33.41
CA TYR D 295 -6.05 17.60 -32.97
C TYR D 295 -4.65 18.13 -33.29
N ASN D 296 -3.62 17.50 -32.71
CA ASN D 296 -2.28 18.08 -32.84
C ASN D 296 -1.40 17.32 -33.79
N ASN D 297 -1.91 16.71 -34.84
CA ASN D 297 -1.09 15.91 -35.74
C ASN D 297 -0.29 16.94 -36.53
N PRO D 298 0.99 16.66 -36.72
CA PRO D 298 1.89 17.61 -37.34
C PRO D 298 1.59 17.94 -38.78
N THR D 299 1.33 16.91 -39.61
CA THR D 299 1.11 17.17 -41.03
C THR D 299 -0.32 17.57 -41.36
N ILE D 300 -1.35 17.15 -40.65
CA ILE D 300 -2.73 17.66 -40.82
C ILE D 300 -3.37 18.16 -39.53
N PRO D 301 -3.07 19.41 -39.18
CA PRO D 301 -3.60 20.02 -37.97
C PRO D 301 -5.13 19.95 -38.00
N HIS D 302 -5.65 19.78 -36.80
CA HIS D 302 -7.08 19.63 -36.57
C HIS D 302 -7.75 18.78 -37.64
N GLY D 303 -7.18 17.66 -38.03
CA GLY D 303 -7.70 16.82 -39.07
C GLY D 303 -9.08 16.18 -38.94
N ALA D 304 -9.72 16.16 -37.77
CA ALA D 304 -11.04 15.51 -37.72
C ALA D 304 -12.08 16.62 -37.59
N GLU D 305 -11.71 17.71 -36.91
CA GLU D 305 -12.47 18.86 -36.61
C GLU D 305 -12.87 19.68 -37.84
N LYS D 306 -11.92 19.97 -38.72
CA LYS D 306 -12.24 20.83 -39.88
C LYS D 306 -13.30 20.23 -40.79
N PRO D 307 -13.17 18.97 -41.13
CA PRO D 307 -14.14 18.30 -41.98
C PRO D 307 -15.47 18.14 -41.23
N ALA D 308 -15.40 18.15 -39.89
CA ALA D 308 -16.63 18.08 -39.11
C ALA D 308 -17.30 19.48 -39.19
N GLY D 309 -16.53 20.49 -39.59
CA GLY D 309 -17.11 21.81 -39.74
C GLY D 309 -16.52 22.75 -38.75
N TYR D 310 -15.56 22.37 -37.87
CA TYR D 310 -15.11 23.34 -36.86
C TYR D 310 -13.73 23.96 -37.18
N ASN D 311 -13.76 25.15 -37.75
CA ASN D 311 -12.58 25.84 -38.21
C ASN D 311 -12.27 26.98 -37.27
N ASP D 312 -13.21 27.75 -36.76
CA ASP D 312 -12.89 28.82 -35.81
C ASP D 312 -13.98 28.83 -34.74
N TYR D 313 -13.72 28.11 -33.66
CA TYR D 313 -14.74 27.98 -32.62
C TYR D 313 -15.24 29.35 -32.27
N SER D 314 -14.40 30.38 -32.40
CA SER D 314 -14.79 31.70 -31.92
C SER D 314 -16.06 32.19 -32.67
N HIS D 315 -16.04 31.83 -33.95
CA HIS D 315 -17.04 32.31 -34.86
C HIS D 315 -18.27 31.42 -34.71
N LEU D 316 -17.98 30.14 -34.48
CA LEU D 316 -19.03 29.17 -34.33
C LEU D 316 -19.87 29.63 -33.14
N LEU D 317 -19.21 29.85 -32.01
CA LEU D 317 -19.93 30.34 -30.88
C LEU D 317 -20.68 31.62 -31.15
N ASP D 318 -20.09 32.65 -31.73
CA ASP D 318 -20.82 33.88 -31.95
C ASP D 318 -22.22 33.60 -32.54
N ALA D 319 -22.40 32.67 -33.44
CA ALA D 319 -23.67 32.32 -34.07
C ALA D 319 -24.65 31.82 -33.02
N PHE D 320 -24.10 31.17 -32.00
CA PHE D 320 -24.85 30.67 -30.86
C PHE D 320 -25.29 31.90 -30.06
N LYS D 321 -24.38 32.82 -29.80
CA LYS D 321 -24.78 34.02 -29.03
C LYS D 321 -25.87 34.84 -29.78
N SER D 322 -25.87 34.83 -31.12
CA SER D 322 -26.88 35.66 -31.79
C SER D 322 -28.23 35.00 -31.90
N ALA D 323 -28.30 33.70 -32.15
CA ALA D 323 -29.48 32.91 -32.12
C ALA D 323 -30.00 32.76 -30.68
N LYS D 324 -29.30 33.15 -29.66
CA LYS D 324 -29.73 32.98 -28.28
C LYS D 324 -29.98 31.52 -27.87
N LEU D 325 -28.94 30.73 -28.07
CA LEU D 325 -28.94 29.30 -27.86
C LEU D 325 -27.84 29.00 -26.83
N ASP D 326 -28.17 28.38 -25.69
CA ASP D 326 -27.16 27.96 -24.73
C ASP D 326 -26.32 26.85 -25.31
N VAL D 327 -25.08 26.63 -24.94
CA VAL D 327 -24.18 25.68 -25.57
C VAL D 327 -23.95 24.49 -24.67
N THR D 328 -23.93 23.30 -25.12
CA THR D 328 -23.53 22.10 -24.44
C THR D 328 -22.24 21.56 -25.08
N PHE D 329 -21.23 21.30 -24.27
CA PHE D 329 -20.05 20.67 -24.85
C PHE D 329 -19.84 19.34 -24.12
N THR D 330 -19.18 18.44 -24.79
CA THR D 330 -18.87 17.17 -24.18
C THR D 330 -17.39 16.86 -23.94
N CYS D 331 -17.08 15.59 -23.70
CA CYS D 331 -15.76 15.12 -23.32
C CYS D 331 -15.25 15.57 -21.97
N LEU D 332 -16.06 16.04 -21.04
CA LEU D 332 -15.44 16.59 -19.82
C LEU D 332 -14.80 15.46 -19.01
N GLU D 333 -14.97 14.18 -19.37
CA GLU D 333 -14.38 13.17 -18.48
C GLU D 333 -12.96 12.79 -18.89
N MET D 334 -12.51 13.35 -19.99
CA MET D 334 -11.28 12.87 -20.62
C MET D 334 -10.08 13.72 -20.27
N THR D 335 -8.92 13.06 -20.42
CA THR D 335 -7.63 13.75 -20.25
C THR D 335 -6.89 13.90 -21.58
N ASP D 336 -5.93 14.81 -21.62
CA ASP D 336 -5.09 15.08 -22.80
C ASP D 336 -4.10 13.93 -23.03
N LYS D 337 -3.95 13.40 -24.24
CA LYS D 337 -2.97 12.38 -24.57
C LYS D 337 -1.99 13.03 -25.55
N GLY D 338 -2.46 13.30 -26.77
CA GLY D 338 -1.82 14.05 -27.78
C GLY D 338 -0.57 13.48 -28.42
N SER D 339 -0.63 12.18 -28.65
CA SER D 339 0.50 11.46 -29.19
C SER D 339 0.05 10.66 -30.39
N TYR D 340 1.00 10.05 -31.09
CA TYR D 340 0.68 9.27 -32.28
C TYR D 340 0.09 7.93 -31.91
N PRO D 341 -0.82 7.47 -32.75
CA PRO D 341 -1.27 8.16 -33.94
C PRO D 341 -2.62 8.88 -33.89
N GLU D 342 -3.22 9.02 -32.70
CA GLU D 342 -4.53 9.60 -32.52
C GLU D 342 -4.44 11.10 -32.21
N TYR D 343 -3.35 11.60 -31.65
CA TYR D 343 -3.23 13.03 -31.41
C TYR D 343 -4.51 13.63 -30.80
N SER D 344 -4.98 12.99 -29.75
CA SER D 344 -6.24 13.35 -29.11
C SER D 344 -6.05 14.31 -27.94
N MET D 345 -6.57 15.51 -27.96
CA MET D 345 -6.46 16.52 -26.92
C MET D 345 -7.84 17.04 -26.43
N PRO D 346 -8.73 16.15 -26.06
CA PRO D 346 -10.05 16.51 -25.51
C PRO D 346 -10.02 17.47 -24.34
N LYS D 347 -9.15 17.37 -23.35
CA LYS D 347 -9.13 18.31 -22.25
C LYS D 347 -8.65 19.70 -22.66
N THR D 348 -7.73 19.71 -23.67
CA THR D 348 -7.34 21.02 -24.17
C THR D 348 -8.52 21.61 -24.94
N LEU D 349 -9.16 20.79 -25.73
CA LEU D 349 -10.34 21.30 -26.49
C LEU D 349 -11.43 21.84 -25.58
N VAL D 350 -11.79 21.21 -24.46
CA VAL D 350 -12.75 21.68 -23.49
C VAL D 350 -12.33 22.99 -22.83
N GLN D 351 -11.13 23.12 -22.31
CA GLN D 351 -10.72 24.40 -21.72
C GLN D 351 -10.80 25.55 -22.72
N ASN D 352 -10.63 25.22 -24.01
CA ASN D 352 -10.66 26.29 -25.02
C ASN D 352 -12.10 26.76 -25.26
N ILE D 353 -13.03 25.83 -25.37
CA ILE D 353 -14.47 26.07 -25.58
C ILE D 353 -14.99 26.90 -24.41
N ALA D 354 -14.81 26.38 -23.22
CA ALA D 354 -15.20 27.02 -21.99
C ALA D 354 -14.68 28.45 -21.85
N THR D 355 -13.43 28.71 -22.16
CA THR D 355 -12.94 30.08 -22.12
C THR D 355 -13.67 31.03 -23.08
N LEU D 356 -13.77 30.61 -24.33
CA LEU D 356 -14.48 31.44 -25.30
C LEU D 356 -15.89 31.66 -24.74
N ALA D 357 -16.55 30.56 -24.28
CA ALA D 357 -17.97 30.67 -23.97
C ALA D 357 -18.15 31.75 -22.91
N ASN D 358 -17.31 31.65 -21.90
CA ASN D 358 -17.41 32.52 -20.75
C ASN D 358 -17.06 33.94 -21.19
N GLU D 359 -16.23 34.00 -22.21
CA GLU D 359 -15.73 35.27 -22.77
C GLU D 359 -16.90 35.94 -23.45
N LYS D 360 -17.68 35.12 -24.17
CA LYS D 360 -18.81 35.69 -24.89
C LYS D 360 -20.10 35.81 -24.12
N GLY D 361 -20.11 35.28 -22.88
CA GLY D 361 -21.30 35.35 -22.03
C GLY D 361 -22.35 34.33 -22.35
N ILE D 362 -21.97 33.23 -22.98
CA ILE D 362 -22.84 32.13 -23.32
C ILE D 362 -22.91 31.10 -22.19
N VAL D 363 -24.09 30.73 -21.75
CA VAL D 363 -24.31 29.69 -20.75
C VAL D 363 -23.80 28.37 -21.30
N LEU D 364 -22.97 27.75 -20.46
CA LEU D 364 -22.29 26.55 -20.95
C LEU D 364 -22.69 25.34 -20.13
N ASN D 365 -23.02 24.22 -20.78
CA ASN D 365 -23.34 22.99 -20.11
C ASN D 365 -22.39 21.90 -20.65
N GLY D 366 -22.24 20.82 -19.85
CA GLY D 366 -21.32 19.77 -20.29
C GLY D 366 -21.84 18.37 -20.10
N GLU D 367 -21.29 17.43 -20.82
CA GLU D 367 -21.62 16.02 -20.76
C GLU D 367 -20.34 15.20 -20.77
N ASN D 368 -20.40 13.93 -20.36
CA ASN D 368 -19.29 12.99 -20.50
C ASN D 368 -19.42 12.43 -21.92
N ALA D 369 -18.38 12.05 -22.69
CA ALA D 369 -18.69 11.45 -23.99
C ALA D 369 -19.02 9.97 -23.97
N LEU D 370 -18.42 9.24 -23.07
CA LEU D 370 -18.64 7.80 -22.96
C LEU D 370 -19.00 7.44 -21.50
N SER D 371 -19.56 6.23 -21.33
CA SER D 371 -19.99 5.81 -20.02
C SER D 371 -18.87 5.79 -19.00
N ILE D 372 -19.21 6.28 -17.82
CA ILE D 372 -18.28 6.33 -16.72
C ILE D 372 -18.50 5.13 -15.81
N GLY D 373 -17.42 4.48 -15.42
CA GLY D 373 -17.37 3.22 -14.76
C GLY D 373 -16.65 3.27 -13.45
N ASN D 374 -16.03 4.38 -13.09
CA ASN D 374 -15.33 4.50 -11.83
C ASN D 374 -15.21 5.95 -11.44
N GLU D 375 -14.96 6.22 -10.16
CA GLU D 375 -14.97 7.57 -9.66
C GLU D 375 -13.81 8.46 -10.08
N GLU D 376 -12.79 7.95 -10.75
CA GLU D 376 -11.74 8.86 -11.18
C GLU D 376 -12.32 9.80 -12.25
N GLU D 377 -13.13 9.24 -13.11
CA GLU D 377 -13.73 10.05 -14.17
C GLU D 377 -14.70 11.09 -13.62
N TYR D 378 -15.39 10.79 -12.49
CA TYR D 378 -16.21 11.81 -11.87
C TYR D 378 -15.35 12.97 -11.36
N LYS D 379 -14.15 12.64 -10.94
CA LYS D 379 -13.29 13.66 -10.36
C LYS D 379 -12.80 14.56 -11.48
N ARG D 380 -12.62 14.03 -12.68
CA ARG D 380 -12.26 14.87 -13.81
C ARG D 380 -13.37 15.84 -14.19
N VAL D 381 -14.60 15.31 -14.31
CA VAL D 381 -15.75 16.11 -14.70
C VAL D 381 -15.82 17.27 -13.76
N ALA D 382 -15.87 16.89 -12.49
CA ALA D 382 -16.00 17.87 -11.40
C ALA D 382 -15.00 18.99 -11.60
N GLU D 383 -13.71 18.61 -11.72
CA GLU D 383 -12.70 19.63 -11.93
C GLU D 383 -13.11 20.47 -13.15
N MET D 384 -13.40 19.89 -14.31
CA MET D 384 -13.84 20.76 -15.41
C MET D 384 -15.17 21.45 -15.10
N ALA D 385 -16.22 20.76 -14.62
CA ALA D 385 -17.47 21.49 -14.41
C ALA D 385 -17.35 22.66 -13.46
N PHE D 386 -16.61 22.45 -12.36
CA PHE D 386 -16.49 23.47 -11.31
C PHE D 386 -15.39 24.50 -11.41
N ASN D 387 -14.39 24.39 -12.24
CA ASN D 387 -13.34 25.42 -12.37
C ASN D 387 -13.49 26.31 -13.58
N TYR D 388 -14.35 25.87 -14.50
CA TYR D 388 -14.59 26.58 -15.74
C TYR D 388 -16.01 27.04 -16.05
N ASN D 389 -16.83 27.17 -15.04
CA ASN D 389 -18.12 27.81 -14.98
C ASN D 389 -19.30 27.14 -15.64
N PHE D 390 -19.27 25.85 -15.82
CA PHE D 390 -20.44 25.14 -16.37
C PHE D 390 -21.68 25.38 -15.51
N ALA D 391 -22.84 25.69 -16.03
CA ALA D 391 -24.10 25.86 -15.33
C ALA D 391 -24.88 24.55 -15.13
N GLY D 392 -24.49 23.55 -15.89
CA GLY D 392 -25.06 22.27 -15.94
C GLY D 392 -24.15 21.15 -16.40
N PHE D 393 -24.44 19.93 -15.90
CA PHE D 393 -23.71 18.74 -16.25
C PHE D 393 -24.70 17.62 -16.46
N THR D 394 -24.73 17.04 -17.63
CA THR D 394 -25.61 15.93 -17.92
C THR D 394 -24.80 14.62 -17.97
N LEU D 395 -25.34 13.60 -17.29
CA LEU D 395 -24.57 12.37 -17.17
C LEU D 395 -25.05 11.35 -18.17
N LEU D 396 -24.34 10.86 -19.15
CA LEU D 396 -24.89 9.78 -20.00
C LEU D 396 -24.41 8.47 -19.38
N ARG D 397 -25.30 7.66 -18.91
CA ARG D 397 -26.71 7.63 -19.18
C ARG D 397 -27.39 6.84 -18.04
N TYR D 398 -28.69 6.93 -17.96
CA TYR D 398 -29.60 6.32 -17.05
C TYR D 398 -29.15 5.02 -16.43
N GLN D 399 -29.12 3.95 -17.20
CA GLN D 399 -28.80 2.60 -16.78
C GLN D 399 -27.45 2.50 -16.05
N ASP D 400 -26.52 3.45 -16.31
CA ASP D 400 -25.21 3.34 -15.68
C ASP D 400 -25.28 3.53 -14.17
N VAL D 401 -26.11 4.45 -13.69
CA VAL D 401 -26.19 4.68 -12.27
C VAL D 401 -27.47 4.09 -11.65
N MET D 402 -28.56 3.98 -12.34
CA MET D 402 -29.82 3.44 -11.79
C MET D 402 -29.61 1.99 -11.30
N TYR D 403 -28.80 1.16 -11.96
CA TYR D 403 -28.57 -0.20 -11.50
C TYR D 403 -27.20 -0.40 -10.86
N ASN D 404 -26.59 0.65 -10.29
CA ASN D 404 -25.32 0.53 -9.58
C ASN D 404 -25.28 1.58 -8.48
N ASN D 405 -25.76 1.16 -7.29
CA ASN D 405 -25.81 2.10 -6.19
C ASN D 405 -24.43 2.58 -5.73
N SER D 406 -23.32 1.87 -5.93
CA SER D 406 -22.06 2.43 -5.43
C SER D 406 -21.63 3.59 -6.32
N LEU D 407 -21.72 3.49 -7.62
CA LEU D 407 -21.49 4.63 -8.48
C LEU D 407 -22.43 5.81 -8.19
N MET D 408 -23.73 5.54 -8.02
CA MET D 408 -24.73 6.55 -7.76
C MET D 408 -24.29 7.34 -6.54
N GLY D 409 -23.86 6.63 -5.49
CA GLY D 409 -23.36 7.39 -4.37
C GLY D 409 -22.08 8.16 -4.67
N LYS D 410 -21.16 7.74 -5.50
CA LYS D 410 -20.00 8.60 -5.79
C LYS D 410 -20.38 9.90 -6.50
N PHE D 411 -21.33 9.70 -7.41
CA PHE D 411 -21.85 10.78 -8.22
C PHE D 411 -22.49 11.79 -7.31
N LYS D 412 -23.37 11.25 -6.45
CA LYS D 412 -24.05 12.23 -5.61
C LYS D 412 -23.05 13.10 -4.85
N ASP D 413 -22.06 12.43 -4.24
CA ASP D 413 -21.04 13.13 -3.48
C ASP D 413 -20.25 14.14 -4.34
N LEU D 414 -19.81 13.67 -5.49
CA LEU D 414 -18.95 14.45 -6.36
C LEU D 414 -19.66 15.48 -7.25
N LEU D 415 -20.75 15.19 -7.90
CA LEU D 415 -21.42 16.06 -8.83
C LEU D 415 -22.87 16.40 -8.50
N GLY D 416 -23.54 15.65 -7.56
CA GLY D 416 -24.96 15.92 -7.35
C GLY D 416 -25.12 16.95 -6.25
N VAL D 417 -24.37 18.03 -6.28
CA VAL D 417 -24.34 19.01 -5.25
C VAL D 417 -25.20 20.23 -5.54
N THR D 418 -25.60 20.87 -4.46
CA THR D 418 -26.35 22.08 -4.47
C THR D 418 -25.41 23.20 -4.00
N PRO D 419 -25.19 24.17 -4.86
CA PRO D 419 -24.36 25.32 -4.56
C PRO D 419 -25.02 26.22 -3.56
N VAL D 420 -24.38 26.64 -2.51
CA VAL D 420 -24.97 27.54 -1.54
C VAL D 420 -23.92 28.66 -1.39
N MET D 421 -24.34 29.88 -1.15
CA MET D 421 -23.38 30.97 -0.93
C MET D 421 -23.09 31.09 0.56
N GLN D 422 -21.79 31.22 0.86
CA GLN D 422 -21.32 31.38 2.23
C GLN D 422 -20.26 32.50 2.22
N THR D 423 -20.07 33.16 3.33
CA THR D 423 -19.10 34.22 3.47
C THR D 423 -17.87 33.68 4.21
N ILE D 424 -16.65 33.71 3.65
CA ILE D 424 -15.46 33.29 4.40
C ILE D 424 -14.79 34.55 4.97
N VAL D 425 -14.46 34.62 6.24
CA VAL D 425 -13.77 35.72 6.86
C VAL D 425 -12.41 35.25 7.40
N VAL D 426 -11.32 35.93 7.04
CA VAL D 426 -10.01 35.54 7.61
C VAL D 426 -9.43 36.72 8.36
N LYS D 427 -9.19 36.52 9.66
CA LYS D 427 -8.66 37.63 10.45
C LYS D 427 -7.14 37.65 10.62
N ASN D 428 -6.65 38.81 11.01
CA ASN D 428 -5.24 39.06 11.29
C ASN D 428 -4.29 38.62 10.19
N VAL D 429 -4.55 38.78 8.91
CA VAL D 429 -3.68 38.34 7.85
C VAL D 429 -2.55 39.35 7.67
N PRO D 430 -1.29 38.96 7.71
CA PRO D 430 -0.17 39.88 7.53
C PRO D 430 0.12 40.30 6.11
N THR D 431 -0.66 41.17 5.49
CA THR D 431 -0.39 41.54 4.12
C THR D 431 0.40 42.87 4.11
N THR D 432 1.00 43.07 2.94
CA THR D 432 1.68 44.33 2.68
C THR D 432 1.19 44.79 1.31
N ILE D 433 1.38 46.08 1.08
CA ILE D 433 0.95 46.70 -0.15
C ILE D 433 1.18 45.74 -1.33
N GLY D 434 0.17 45.60 -2.17
CA GLY D 434 0.37 44.76 -3.35
C GLY D 434 -0.07 43.33 -3.05
N ASP D 435 -0.16 42.98 -1.76
CA ASP D 435 -0.56 41.57 -1.52
C ASP D 435 -2.07 41.37 -1.74
N THR D 436 -2.43 40.24 -2.32
CA THR D 436 -3.77 39.70 -2.37
C THR D 436 -3.87 38.31 -1.70
N VAL D 437 -4.99 38.08 -1.04
CA VAL D 437 -5.40 36.89 -0.31
C VAL D 437 -6.40 36.01 -1.08
N TYR D 438 -6.23 34.69 -1.06
CA TYR D 438 -7.02 33.71 -1.76
C TYR D 438 -7.28 32.48 -0.88
N ILE D 439 -8.21 31.63 -1.24
CA ILE D 439 -8.39 30.39 -0.45
C ILE D 439 -8.39 29.24 -1.46
N THR D 440 -7.98 28.08 -1.03
CA THR D 440 -7.95 26.91 -1.98
C THR D 440 -8.28 25.74 -1.05
N GLY D 441 -8.71 24.60 -1.60
CA GLY D 441 -9.13 23.57 -0.65
C GLY D 441 -9.27 22.23 -1.30
N ASN D 442 -9.82 21.20 -0.60
CA ASN D 442 -9.65 19.84 -1.14
C ASN D 442 -10.57 19.42 -2.27
N ARG D 443 -11.77 19.97 -2.27
CA ARG D 443 -12.72 19.57 -3.32
C ARG D 443 -12.45 20.26 -4.63
N ALA D 444 -13.03 19.72 -5.71
CA ALA D 444 -12.91 20.43 -6.99
C ALA D 444 -13.50 21.85 -6.86
N GLU D 445 -14.62 21.94 -6.15
CA GLU D 445 -15.30 23.22 -6.01
C GLU D 445 -14.38 24.27 -5.43
N LEU D 446 -13.32 23.82 -4.79
CA LEU D 446 -12.40 24.78 -4.17
C LEU D 446 -11.06 24.73 -4.92
N GLY D 447 -11.01 24.12 -6.09
CA GLY D 447 -9.82 24.15 -6.91
C GLY D 447 -8.70 23.19 -6.44
N SER D 448 -9.08 22.09 -5.79
CA SER D 448 -8.15 21.06 -5.37
C SER D 448 -6.76 21.55 -4.96
N TRP D 449 -6.62 22.48 -4.02
CA TRP D 449 -5.29 22.89 -3.57
C TRP D 449 -4.46 23.63 -4.62
N ASP D 450 -4.89 23.74 -5.87
CA ASP D 450 -4.17 24.58 -6.81
C ASP D 450 -4.05 26.01 -6.31
N THR D 451 -2.88 26.65 -6.44
CA THR D 451 -2.72 28.05 -6.07
C THR D 451 -2.45 28.87 -7.33
N LYS D 452 -2.39 28.16 -8.43
CA LYS D 452 -2.04 28.74 -9.73
C LYS D 452 -3.18 29.31 -10.54
N GLN D 453 -4.00 28.46 -11.15
CA GLN D 453 -5.13 28.79 -11.98
C GLN D 453 -6.45 28.81 -11.22
N TYR D 454 -6.72 27.90 -10.29
CA TYR D 454 -8.01 27.83 -9.65
C TYR D 454 -8.38 28.44 -8.31
N PRO D 455 -7.52 29.06 -7.56
CA PRO D 455 -7.83 29.59 -6.25
C PRO D 455 -8.92 30.67 -6.32
N ILE D 456 -9.45 30.98 -5.13
CA ILE D 456 -10.62 31.84 -5.03
C ILE D 456 -10.23 33.10 -4.34
N GLN D 457 -10.54 34.28 -4.89
CA GLN D 457 -10.05 35.50 -4.21
C GLN D 457 -10.82 36.11 -3.08
N LEU D 458 -10.24 36.61 -2.04
CA LEU D 458 -10.97 37.29 -0.97
C LEU D 458 -10.66 38.79 -1.19
N TYR D 459 -11.39 39.65 -0.51
CA TYR D 459 -11.26 41.07 -0.72
C TYR D 459 -11.19 41.69 0.68
N TYR D 460 -10.31 42.68 0.84
CA TYR D 460 -10.14 43.31 2.13
C TYR D 460 -11.36 44.13 2.46
N ASP D 461 -11.70 44.23 3.71
CA ASP D 461 -12.85 44.88 4.29
C ASP D 461 -12.33 45.88 5.31
N SER D 462 -12.30 47.12 4.83
CA SER D 462 -11.78 48.25 5.56
C SER D 462 -12.61 48.61 6.75
N HIS D 463 -13.85 48.17 6.83
CA HIS D 463 -14.68 48.51 7.99
C HIS D 463 -14.45 47.49 9.09
N SER D 464 -14.34 46.23 8.72
CA SER D 464 -14.11 45.10 9.62
C SER D 464 -12.60 44.89 9.82
N ASN D 465 -11.82 45.28 8.85
CA ASN D 465 -10.40 45.07 8.77
C ASN D 465 -10.10 43.58 8.80
N ASP D 466 -10.39 42.89 7.73
CA ASP D 466 -10.19 41.44 7.62
C ASP D 466 -10.35 41.18 6.14
N TRP D 467 -10.15 39.98 5.69
CA TRP D 467 -10.26 39.60 4.29
C TRP D 467 -11.47 38.66 4.21
N ARG D 468 -12.37 38.86 3.26
CA ARG D 468 -13.55 37.98 3.28
C ARG D 468 -14.09 37.94 1.88
N GLY D 469 -14.98 36.99 1.57
CA GLY D 469 -15.49 36.92 0.21
C GLY D 469 -16.74 36.02 0.33
N ASN D 470 -17.60 36.09 -0.67
CA ASN D 470 -18.80 35.31 -0.70
C ASN D 470 -18.55 34.26 -1.79
N VAL D 471 -18.40 33.02 -1.36
CA VAL D 471 -18.02 31.89 -2.18
C VAL D 471 -19.15 30.91 -2.44
N VAL D 472 -19.35 30.38 -3.62
CA VAL D 472 -20.40 29.37 -3.78
C VAL D 472 -19.73 28.06 -3.36
N LEU D 473 -20.32 27.36 -2.40
CA LEU D 473 -19.76 26.08 -1.91
C LEU D 473 -20.78 24.98 -2.11
N PRO D 474 -20.32 23.75 -2.07
CA PRO D 474 -21.23 22.59 -2.24
C PRO D 474 -21.98 22.32 -0.97
N ALA D 475 -23.31 22.47 -0.90
CA ALA D 475 -23.97 22.30 0.41
C ALA D 475 -23.84 20.90 0.95
N GLU D 476 -23.76 20.73 2.26
CA GLU D 476 -23.81 19.40 2.86
C GLU D 476 -22.67 18.47 2.49
N ARG D 477 -21.51 19.06 2.26
CA ARG D 477 -20.32 18.25 1.97
C ARG D 477 -19.21 18.65 2.94
N ASN D 478 -18.29 17.76 3.28
CA ASN D 478 -17.22 18.21 4.19
C ASN D 478 -16.19 18.94 3.35
N ILE D 479 -15.57 20.02 3.76
CA ILE D 479 -14.49 20.64 2.98
C ILE D 479 -13.34 20.97 3.93
N GLU D 480 -12.16 21.10 3.38
CA GLU D 480 -11.01 21.60 4.13
C GLU D 480 -10.39 22.72 3.29
N PHE D 481 -9.88 23.74 3.91
CA PHE D 481 -9.32 24.77 3.01
C PHE D 481 -8.35 25.55 3.82
N LYS D 482 -7.61 26.44 3.17
CA LYS D 482 -6.68 27.34 3.84
C LYS D 482 -6.54 28.65 3.05
N ALA D 483 -6.43 29.77 3.70
CA ALA D 483 -6.16 31.03 2.99
C ALA D 483 -4.63 31.08 2.76
N PHE D 484 -4.21 31.80 1.73
CA PHE D 484 -2.81 32.03 1.45
C PHE D 484 -2.64 33.46 0.88
N ILE D 485 -1.48 34.06 1.18
CA ILE D 485 -1.15 35.39 0.65
C ILE D 485 -0.39 35.27 -0.67
N LYS D 486 -0.82 35.98 -1.69
CA LYS D 486 -0.12 36.01 -2.99
C LYS D 486 0.56 37.36 -3.22
N SER D 487 1.84 37.41 -3.63
CA SER D 487 2.46 38.74 -3.79
C SER D 487 2.14 39.37 -5.14
N LYS D 488 2.54 40.65 -5.30
CA LYS D 488 2.27 41.32 -6.59
C LYS D 488 2.76 40.49 -7.79
N ASP D 489 4.03 40.09 -7.72
CA ASP D 489 4.59 39.32 -8.83
C ASP D 489 3.82 38.01 -9.00
N GLY D 490 2.81 37.82 -8.13
CA GLY D 490 2.05 36.62 -8.22
C GLY D 490 2.60 35.33 -7.67
N THR D 491 3.47 35.28 -6.67
CA THR D 491 3.89 33.97 -6.18
C THR D 491 3.29 33.72 -4.80
N VAL D 492 3.27 32.47 -4.38
CA VAL D 492 2.78 32.25 -2.99
C VAL D 492 3.79 32.78 -1.99
N LYS D 493 3.39 33.63 -1.07
CA LYS D 493 4.31 34.19 -0.08
C LYS D 493 4.20 33.45 1.23
N SER D 494 3.00 33.02 1.57
CA SER D 494 2.74 32.25 2.77
C SER D 494 1.30 31.71 2.80
N TRP D 495 1.14 30.77 3.70
CA TRP D 495 -0.09 30.11 4.02
C TRP D 495 -0.63 30.36 5.41
N GLN D 496 -1.95 30.28 5.50
CA GLN D 496 -2.64 30.27 6.80
C GLN D 496 -2.06 29.11 7.63
N THR D 497 -1.81 29.29 8.89
CA THR D 497 -1.22 28.31 9.75
C THR D 497 -1.99 26.98 9.83
N ILE D 498 -3.23 27.11 10.28
CA ILE D 498 -4.05 25.96 10.56
C ILE D 498 -5.10 25.77 9.48
N GLN D 499 -5.10 24.53 9.01
CA GLN D 499 -6.07 24.05 8.05
C GLN D 499 -7.45 24.20 8.70
N GLN D 500 -8.38 24.70 7.90
CA GLN D 500 -9.75 24.97 8.29
C GLN D 500 -10.66 23.90 7.69
N SER D 501 -11.73 23.57 8.40
CA SER D 501 -12.69 22.64 7.78
C SER D 501 -14.10 23.12 8.10
N TRP D 502 -15.06 22.74 7.31
CA TRP D 502 -16.49 22.96 7.46
C TRP D 502 -17.14 21.58 7.26
N ASN D 503 -17.61 20.97 8.31
CA ASN D 503 -18.15 19.60 8.20
C ASN D 503 -19.54 19.42 8.77
N PRO D 504 -20.54 19.56 7.94
CA PRO D 504 -20.34 19.89 6.54
C PRO D 504 -20.65 21.35 6.25
N VAL D 505 -20.57 21.76 4.99
CA VAL D 505 -21.04 23.13 4.72
C VAL D 505 -22.56 23.12 4.93
N PRO D 506 -23.07 24.06 5.73
CA PRO D 506 -24.47 24.19 5.94
C PRO D 506 -25.27 24.42 4.66
N LEU D 507 -26.53 24.01 4.71
CA LEU D 507 -27.46 24.32 3.64
C LEU D 507 -27.85 25.80 3.69
N LYS D 508 -27.92 26.43 4.83
CA LYS D 508 -28.32 27.82 4.95
C LYS D 508 -27.07 28.71 4.98
N THR D 509 -27.20 29.89 4.38
CA THR D 509 -26.12 30.81 4.16
C THR D 509 -25.72 31.40 5.50
N THR D 510 -24.42 31.37 5.73
CA THR D 510 -23.93 31.94 7.01
C THR D 510 -22.49 32.34 6.75
N SER D 511 -21.61 32.35 7.75
CA SER D 511 -20.20 32.63 7.50
C SER D 511 -19.30 31.79 8.41
N HIS D 512 -18.06 31.61 7.92
CA HIS D 512 -17.01 30.88 8.62
C HIS D 512 -15.83 31.86 8.88
N THR D 513 -15.53 32.04 10.15
CA THR D 513 -14.50 32.89 10.64
C THR D 513 -13.38 32.19 11.38
N SER D 514 -12.22 32.43 10.83
CA SER D 514 -10.94 31.86 11.17
C SER D 514 -9.90 32.96 11.10
N SER D 515 -8.86 32.67 11.88
CA SER D 515 -7.71 33.51 12.06
C SER D 515 -6.54 33.01 11.23
N TRP D 516 -5.64 33.92 10.88
CA TRP D 516 -4.43 33.57 10.16
C TRP D 516 -3.54 32.63 10.98
#